data_6LIJ
# 
_entry.id   6LIJ 
# 
_audit_conform.dict_name       mmcif_pdbx.dic 
_audit_conform.dict_version    5.380 
_audit_conform.dict_location   http://mmcif.pdb.org/dictionaries/ascii/mmcif_pdbx.dic 
# 
loop_
_database_2.database_id 
_database_2.database_code 
_database_2.pdbx_database_accession 
_database_2.pdbx_DOI 
PDB   6LIJ         pdb_00006lij 10.2210/pdb6lij/pdb 
WWPDB D_1300014800 ?            ?                   
# 
_pdbx_database_status.status_code                     REL 
_pdbx_database_status.status_code_sf                  REL 
_pdbx_database_status.status_code_mr                  ? 
_pdbx_database_status.entry_id                        6LIJ 
_pdbx_database_status.recvd_initial_deposition_date   2019-12-11 
_pdbx_database_status.SG_entry                        N 
_pdbx_database_status.deposit_site                    PDBJ 
_pdbx_database_status.process_site                    PDBJ 
_pdbx_database_status.status_code_cs                  ? 
_pdbx_database_status.status_code_nmr_data            ? 
_pdbx_database_status.methods_development_category    ? 
_pdbx_database_status.pdb_format_compatible           Y 
# 
loop_
_audit_author.name 
_audit_author.pdbx_ordinal 
_audit_author.identifier_ORCID 
'Li, H.'   1 ? 
'Zang, J.' 2 ? 
'Tan, X.'  3 ? 
'Wang, Z.' 4 ? 
'Du, M.'   5 ? 
# 
_citation.abstract                  ? 
_citation.abstract_id_CAS           ? 
_citation.book_id_ISBN              ? 
_citation.book_publisher            ? 
_citation.book_publisher_city       ? 
_citation.book_title                ? 
_citation.coordinate_linkage        ? 
_citation.country                   ? 
_citation.database_id_Medline       ? 
_citation.details                   ? 
_citation.id                        primary 
_citation.journal_abbrev            'To Be Published' 
_citation.journal_id_ASTM           ? 
_citation.journal_id_CSD            0353 
_citation.journal_id_ISSN           ? 
_citation.journal_full              ? 
_citation.journal_issue             ? 
_citation.journal_volume            ? 
_citation.language                  ? 
_citation.page_first                ? 
_citation.page_last                 ? 
_citation.title                     'Crassostrea gigas ferritin' 
_citation.year                      ? 
_citation.database_id_CSD           ? 
_citation.pdbx_database_id_DOI      ? 
_citation.pdbx_database_id_PubMed   ? 
_citation.unpublished_flag          ? 
# 
loop_
_citation_author.citation_id 
_citation_author.name 
_citation_author.ordinal 
_citation_author.identifier_ORCID 
primary 'Li, H.'   1 ? 
primary 'Zang, J.' 2 ? 
primary 'Tan, X.'  3 ? 
primary 'Wang, Z.' 4 ? 
primary 'Du, M.'   5 ? 
# 
_cell.angle_alpha                  90.000 
_cell.angle_alpha_esd              ? 
_cell.angle_beta                   90.000 
_cell.angle_beta_esd               ? 
_cell.angle_gamma                  90.000 
_cell.angle_gamma_esd              ? 
_cell.entry_id                     6LIJ 
_cell.details                      ? 
_cell.formula_units_Z              ? 
_cell.length_a                     183.007 
_cell.length_a_esd                 ? 
_cell.length_b                     183.007 
_cell.length_b_esd                 ? 
_cell.length_c                     183.007 
_cell.length_c_esd                 ? 
_cell.volume                       ? 
_cell.volume_esd                   ? 
_cell.Z_PDB                        96 
_cell.reciprocal_angle_alpha       ? 
_cell.reciprocal_angle_beta        ? 
_cell.reciprocal_angle_gamma       ? 
_cell.reciprocal_angle_alpha_esd   ? 
_cell.reciprocal_angle_beta_esd    ? 
_cell.reciprocal_angle_gamma_esd   ? 
_cell.reciprocal_length_a          ? 
_cell.reciprocal_length_b          ? 
_cell.reciprocal_length_c          ? 
_cell.reciprocal_length_a_esd      ? 
_cell.reciprocal_length_b_esd      ? 
_cell.reciprocal_length_c_esd      ? 
_cell.pdbx_unique_axis             ? 
# 
_symmetry.entry_id                         6LIJ 
_symmetry.cell_setting                     ? 
_symmetry.Int_Tables_number                209 
_symmetry.space_group_name_Hall            ? 
_symmetry.space_group_name_H-M             'F 4 3 2' 
_symmetry.pdbx_full_space_group_name_H-M   ? 
# 
loop_
_entity.id 
_entity.type 
_entity.src_method 
_entity.pdbx_description 
_entity.formula_weight 
_entity.pdbx_number_of_molecules 
_entity.pdbx_ec 
_entity.pdbx_mutation 
_entity.pdbx_fragment 
_entity.details 
1 polymer     man Ferritin        19794.918 1  1.16.3.1 ? ? ? 
2 non-polymer syn 'MAGNESIUM ION' 24.305    1  ?        ? ? ? 
3 water       nat water           18.015    67 ?        ? ? ? 
# 
_entity_poly.entity_id                      1 
_entity_poly.type                           'polypeptide(L)' 
_entity_poly.nstd_linkage                   no 
_entity_poly.nstd_monomer                   no 
_entity_poly.pdbx_seq_one_letter_code       
;ESQCRQNYHQESEAGINRQINMELYACYTYQSMAYYFDRDDVALPGFSKFFKNSSDEEREHAEKLMKYQNKRGGRVVLQD
IKKPDRDEWGTGLDAMQVALQLEKTVNQSLLDLHKVADSHQDAQMCDFLETHYLEEQVNAIKEISDHITQLKRVGSGLGE
YEYDRRLDS
;
_entity_poly.pdbx_seq_one_letter_code_can   
;ESQCRQNYHQESEAGINRQINMELYACYTYQSMAYYFDRDDVALPGFSKFFKNSSDEEREHAEKLMKYQNKRGGRVVLQD
IKKPDRDEWGTGLDAMQVALQLEKTVNQSLLDLHKVADSHQDAQMCDFLETHYLEEQVNAIKEISDHITQLKRVGSGLGE
YEYDRRLDS
;
_entity_poly.pdbx_strand_id                 A 
_entity_poly.pdbx_target_identifier         ? 
# 
loop_
_entity_poly_seq.entity_id 
_entity_poly_seq.num 
_entity_poly_seq.mon_id 
_entity_poly_seq.hetero 
1 1   GLU n 
1 2   SER n 
1 3   GLN n 
1 4   CYS n 
1 5   ARG n 
1 6   GLN n 
1 7   ASN n 
1 8   TYR n 
1 9   HIS n 
1 10  GLN n 
1 11  GLU n 
1 12  SER n 
1 13  GLU n 
1 14  ALA n 
1 15  GLY n 
1 16  ILE n 
1 17  ASN n 
1 18  ARG n 
1 19  GLN n 
1 20  ILE n 
1 21  ASN n 
1 22  MET n 
1 23  GLU n 
1 24  LEU n 
1 25  TYR n 
1 26  ALA n 
1 27  CYS n 
1 28  TYR n 
1 29  THR n 
1 30  TYR n 
1 31  GLN n 
1 32  SER n 
1 33  MET n 
1 34  ALA n 
1 35  TYR n 
1 36  TYR n 
1 37  PHE n 
1 38  ASP n 
1 39  ARG n 
1 40  ASP n 
1 41  ASP n 
1 42  VAL n 
1 43  ALA n 
1 44  LEU n 
1 45  PRO n 
1 46  GLY n 
1 47  PHE n 
1 48  SER n 
1 49  LYS n 
1 50  PHE n 
1 51  PHE n 
1 52  LYS n 
1 53  ASN n 
1 54  SER n 
1 55  SER n 
1 56  ASP n 
1 57  GLU n 
1 58  GLU n 
1 59  ARG n 
1 60  GLU n 
1 61  HIS n 
1 62  ALA n 
1 63  GLU n 
1 64  LYS n 
1 65  LEU n 
1 66  MET n 
1 67  LYS n 
1 68  TYR n 
1 69  GLN n 
1 70  ASN n 
1 71  LYS n 
1 72  ARG n 
1 73  GLY n 
1 74  GLY n 
1 75  ARG n 
1 76  VAL n 
1 77  VAL n 
1 78  LEU n 
1 79  GLN n 
1 80  ASP n 
1 81  ILE n 
1 82  LYS n 
1 83  LYS n 
1 84  PRO n 
1 85  ASP n 
1 86  ARG n 
1 87  ASP n 
1 88  GLU n 
1 89  TRP n 
1 90  GLY n 
1 91  THR n 
1 92  GLY n 
1 93  LEU n 
1 94  ASP n 
1 95  ALA n 
1 96  MET n 
1 97  GLN n 
1 98  VAL n 
1 99  ALA n 
1 100 LEU n 
1 101 GLN n 
1 102 LEU n 
1 103 GLU n 
1 104 LYS n 
1 105 THR n 
1 106 VAL n 
1 107 ASN n 
1 108 GLN n 
1 109 SER n 
1 110 LEU n 
1 111 LEU n 
1 112 ASP n 
1 113 LEU n 
1 114 HIS n 
1 115 LYS n 
1 116 VAL n 
1 117 ALA n 
1 118 ASP n 
1 119 SER n 
1 120 HIS n 
1 121 GLN n 
1 122 ASP n 
1 123 ALA n 
1 124 GLN n 
1 125 MET n 
1 126 CYS n 
1 127 ASP n 
1 128 PHE n 
1 129 LEU n 
1 130 GLU n 
1 131 THR n 
1 132 HIS n 
1 133 TYR n 
1 134 LEU n 
1 135 GLU n 
1 136 GLU n 
1 137 GLN n 
1 138 VAL n 
1 139 ASN n 
1 140 ALA n 
1 141 ILE n 
1 142 LYS n 
1 143 GLU n 
1 144 ILE n 
1 145 SER n 
1 146 ASP n 
1 147 HIS n 
1 148 ILE n 
1 149 THR n 
1 150 GLN n 
1 151 LEU n 
1 152 LYS n 
1 153 ARG n 
1 154 VAL n 
1 155 GLY n 
1 156 SER n 
1 157 GLY n 
1 158 LEU n 
1 159 GLY n 
1 160 GLU n 
1 161 TYR n 
1 162 GLU n 
1 163 TYR n 
1 164 ASP n 
1 165 ARG n 
1 166 ARG n 
1 167 LEU n 
1 168 ASP n 
1 169 SER n 
# 
_entity_src_gen.entity_id                          1 
_entity_src_gen.pdbx_src_id                        1 
_entity_src_gen.pdbx_alt_source_flag               sample 
_entity_src_gen.pdbx_seq_type                      'Biological sequence' 
_entity_src_gen.pdbx_beg_seq_num                   1 
_entity_src_gen.pdbx_end_seq_num                   169 
_entity_src_gen.gene_src_common_name               'Pacific oyster' 
_entity_src_gen.gene_src_genus                     ? 
_entity_src_gen.pdbx_gene_src_gene                 'fer, CGI_10027591' 
_entity_src_gen.gene_src_species                   ? 
_entity_src_gen.gene_src_strain                    ? 
_entity_src_gen.gene_src_tissue                    ? 
_entity_src_gen.gene_src_tissue_fraction           ? 
_entity_src_gen.gene_src_details                   ? 
_entity_src_gen.pdbx_gene_src_fragment             ? 
_entity_src_gen.pdbx_gene_src_scientific_name      'Crassostrea gigas' 
_entity_src_gen.pdbx_gene_src_ncbi_taxonomy_id     29159 
_entity_src_gen.pdbx_gene_src_variant              ? 
_entity_src_gen.pdbx_gene_src_cell_line            ? 
_entity_src_gen.pdbx_gene_src_atcc                 ? 
_entity_src_gen.pdbx_gene_src_organ                ? 
_entity_src_gen.pdbx_gene_src_organelle            ? 
_entity_src_gen.pdbx_gene_src_cell                 ? 
_entity_src_gen.pdbx_gene_src_cellular_location    ? 
_entity_src_gen.host_org_common_name               ? 
_entity_src_gen.pdbx_host_org_scientific_name      'Escherichia coli' 
_entity_src_gen.pdbx_host_org_ncbi_taxonomy_id     562 
_entity_src_gen.host_org_genus                     ? 
_entity_src_gen.pdbx_host_org_gene                 ? 
_entity_src_gen.pdbx_host_org_organ                ? 
_entity_src_gen.host_org_species                   ? 
_entity_src_gen.pdbx_host_org_tissue               ? 
_entity_src_gen.pdbx_host_org_tissue_fraction      ? 
_entity_src_gen.pdbx_host_org_strain               ? 
_entity_src_gen.pdbx_host_org_variant              ? 
_entity_src_gen.pdbx_host_org_cell_line            ? 
_entity_src_gen.pdbx_host_org_atcc                 ? 
_entity_src_gen.pdbx_host_org_culture_collection   ? 
_entity_src_gen.pdbx_host_org_cell                 ? 
_entity_src_gen.pdbx_host_org_organelle            ? 
_entity_src_gen.pdbx_host_org_cellular_location    ? 
_entity_src_gen.pdbx_host_org_vector_type          ? 
_entity_src_gen.pdbx_host_org_vector               ? 
_entity_src_gen.host_org_details                   ? 
_entity_src_gen.expression_system_id               ? 
_entity_src_gen.plasmid_name                       ? 
_entity_src_gen.plasmid_details                    ? 
_entity_src_gen.pdbx_description                   ? 
# 
_struct_ref.id                         1 
_struct_ref.db_name                    UNP 
_struct_ref.db_code                    Q70MM3_CRAGI 
_struct_ref.pdbx_db_accession          Q70MM3 
_struct_ref.pdbx_db_isoform            ? 
_struct_ref.entity_id                  1 
_struct_ref.pdbx_seq_one_letter_code   
;ESQCRQNYHQESEAGINRQINMELYACYTYQSMAYYFDRDDVALPGFSKFFKNSSDEEREHAEKLMKYQNKRGGRVVLQD
IKKPDRDEWGTGLDAMQVALQLEKTVNQSLLDLHKVADSHQDAQMCDFLETHYLEEQVNAIKEISDHITQLKRVGSGLGE
YEYDRRLDS
;
_struct_ref.pdbx_align_begin           3 
# 
_struct_ref_seq.align_id                      1 
_struct_ref_seq.ref_id                        1 
_struct_ref_seq.pdbx_PDB_id_code              6LIJ 
_struct_ref_seq.pdbx_strand_id                A 
_struct_ref_seq.seq_align_beg                 1 
_struct_ref_seq.pdbx_seq_align_beg_ins_code   ? 
_struct_ref_seq.seq_align_end                 169 
_struct_ref_seq.pdbx_seq_align_end_ins_code   ? 
_struct_ref_seq.pdbx_db_accession             Q70MM3 
_struct_ref_seq.db_align_beg                  3 
_struct_ref_seq.pdbx_db_align_beg_ins_code    ? 
_struct_ref_seq.db_align_end                  171 
_struct_ref_seq.pdbx_db_align_end_ins_code    ? 
_struct_ref_seq.pdbx_auth_seq_align_beg       2 
_struct_ref_seq.pdbx_auth_seq_align_end       170 
# 
loop_
_chem_comp.id 
_chem_comp.type 
_chem_comp.mon_nstd_flag 
_chem_comp.name 
_chem_comp.pdbx_synonyms 
_chem_comp.formula 
_chem_comp.formula_weight 
ALA 'L-peptide linking' y ALANINE         ? 'C3 H7 N O2'     89.093  
ARG 'L-peptide linking' y ARGININE        ? 'C6 H15 N4 O2 1' 175.209 
ASN 'L-peptide linking' y ASPARAGINE      ? 'C4 H8 N2 O3'    132.118 
ASP 'L-peptide linking' y 'ASPARTIC ACID' ? 'C4 H7 N O4'     133.103 
CYS 'L-peptide linking' y CYSTEINE        ? 'C3 H7 N O2 S'   121.158 
GLN 'L-peptide linking' y GLUTAMINE       ? 'C5 H10 N2 O3'   146.144 
GLU 'L-peptide linking' y 'GLUTAMIC ACID' ? 'C5 H9 N O4'     147.129 
GLY 'peptide linking'   y GLYCINE         ? 'C2 H5 N O2'     75.067  
HIS 'L-peptide linking' y HISTIDINE       ? 'C6 H10 N3 O2 1' 156.162 
HOH non-polymer         . WATER           ? 'H2 O'           18.015  
ILE 'L-peptide linking' y ISOLEUCINE      ? 'C6 H13 N O2'    131.173 
LEU 'L-peptide linking' y LEUCINE         ? 'C6 H13 N O2'    131.173 
LYS 'L-peptide linking' y LYSINE          ? 'C6 H15 N2 O2 1' 147.195 
MET 'L-peptide linking' y METHIONINE      ? 'C5 H11 N O2 S'  149.211 
MG  non-polymer         . 'MAGNESIUM ION' ? 'Mg 2'           24.305  
PHE 'L-peptide linking' y PHENYLALANINE   ? 'C9 H11 N O2'    165.189 
PRO 'L-peptide linking' y PROLINE         ? 'C5 H9 N O2'     115.130 
SER 'L-peptide linking' y SERINE          ? 'C3 H7 N O3'     105.093 
THR 'L-peptide linking' y THREONINE       ? 'C4 H9 N O3'     119.119 
TRP 'L-peptide linking' y TRYPTOPHAN      ? 'C11 H12 N2 O2'  204.225 
TYR 'L-peptide linking' y TYROSINE        ? 'C9 H11 N O3'    181.189 
VAL 'L-peptide linking' y VALINE          ? 'C5 H11 N O2'    117.146 
# 
_exptl.absorpt_coefficient_mu     ? 
_exptl.absorpt_correction_T_max   ? 
_exptl.absorpt_correction_T_min   ? 
_exptl.absorpt_correction_type    ? 
_exptl.absorpt_process_details    ? 
_exptl.entry_id                   6LIJ 
_exptl.crystals_number            1 
_exptl.details                    ? 
_exptl.method                     'X-RAY DIFFRACTION' 
_exptl.method_details             ? 
# 
_exptl_crystal.colour                      ? 
_exptl_crystal.density_diffrn              ? 
_exptl_crystal.density_Matthews            3.23 
_exptl_crystal.density_method              ? 
_exptl_crystal.density_percent_sol         61.86 
_exptl_crystal.description                 ? 
_exptl_crystal.F_000                       ? 
_exptl_crystal.id                          1 
_exptl_crystal.preparation                 ? 
_exptl_crystal.size_max                    ? 
_exptl_crystal.size_mid                    ? 
_exptl_crystal.size_min                    ? 
_exptl_crystal.size_rad                    ? 
_exptl_crystal.colour_lustre               ? 
_exptl_crystal.colour_modifier             ? 
_exptl_crystal.colour_primary              ? 
_exptl_crystal.density_meas                ? 
_exptl_crystal.density_meas_esd            ? 
_exptl_crystal.density_meas_gt             ? 
_exptl_crystal.density_meas_lt             ? 
_exptl_crystal.density_meas_temp           ? 
_exptl_crystal.density_meas_temp_esd       ? 
_exptl_crystal.density_meas_temp_gt        ? 
_exptl_crystal.density_meas_temp_lt        ? 
_exptl_crystal.pdbx_crystal_image_url      ? 
_exptl_crystal.pdbx_crystal_image_format   ? 
_exptl_crystal.pdbx_mosaicity              ? 
_exptl_crystal.pdbx_mosaicity_esd          ? 
# 
_exptl_crystal_grow.apparatus       ? 
_exptl_crystal_grow.atmosphere      ? 
_exptl_crystal_grow.crystal_id      1 
_exptl_crystal_grow.details         ? 
_exptl_crystal_grow.method          'VAPOR DIFFUSION' 
_exptl_crystal_grow.method_ref      ? 
_exptl_crystal_grow.pH              ? 
_exptl_crystal_grow.pressure        ? 
_exptl_crystal_grow.pressure_esd    ? 
_exptl_crystal_grow.seeding         ? 
_exptl_crystal_grow.seeding_ref     ? 
_exptl_crystal_grow.temp            293 
_exptl_crystal_grow.temp_details    ? 
_exptl_crystal_grow.temp_esd        ? 
_exptl_crystal_grow.time            ? 
_exptl_crystal_grow.pdbx_details    
;Magnesium chloride hexahydrate,
Tris(hydroxymethyl)aminomethane,
1,6-Hexanediol
;
_exptl_crystal_grow.pdbx_pH_range   ? 
# 
_diffrn.ambient_environment              ? 
_diffrn.ambient_temp                     93 
_diffrn.ambient_temp_details             ? 
_diffrn.ambient_temp_esd                 ? 
_diffrn.crystal_id                       1 
_diffrn.crystal_support                  ? 
_diffrn.crystal_treatment                ? 
_diffrn.details                          ? 
_diffrn.id                               1 
_diffrn.ambient_pressure                 ? 
_diffrn.ambient_pressure_esd             ? 
_diffrn.ambient_pressure_gt              ? 
_diffrn.ambient_pressure_lt              ? 
_diffrn.ambient_temp_gt                  ? 
_diffrn.ambient_temp_lt                  ? 
_diffrn.pdbx_serial_crystal_experiment   N 
# 
_diffrn_detector.details                      ? 
_diffrn_detector.detector                     PIXEL 
_diffrn_detector.diffrn_id                    1 
_diffrn_detector.type                         'DECTRIS EIGER X 16M' 
_diffrn_detector.area_resol_mean              ? 
_diffrn_detector.dtime                        ? 
_diffrn_detector.pdbx_frames_total            ? 
_diffrn_detector.pdbx_collection_time_total   ? 
_diffrn_detector.pdbx_collection_date         2018-12-21 
_diffrn_detector.pdbx_frequency               ? 
# 
_diffrn_radiation.collimation                      ? 
_diffrn_radiation.diffrn_id                        1 
_diffrn_radiation.filter_edge                      ? 
_diffrn_radiation.inhomogeneity                    ? 
_diffrn_radiation.monochromator                    ? 
_diffrn_radiation.polarisn_norm                    ? 
_diffrn_radiation.polarisn_ratio                   ? 
_diffrn_radiation.probe                            ? 
_diffrn_radiation.type                             ? 
_diffrn_radiation.xray_symbol                      ? 
_diffrn_radiation.wavelength_id                    1 
_diffrn_radiation.pdbx_monochromatic_or_laue_m_l   M 
_diffrn_radiation.pdbx_wavelength_list             ? 
_diffrn_radiation.pdbx_wavelength                  ? 
_diffrn_radiation.pdbx_diffrn_protocol             'SINGLE WAVELENGTH' 
_diffrn_radiation.pdbx_analyzer                    ? 
_diffrn_radiation.pdbx_scattering_type             x-ray 
# 
_diffrn_radiation_wavelength.id           1 
_diffrn_radiation_wavelength.wavelength   0.9785 
_diffrn_radiation_wavelength.wt           1.0 
# 
_diffrn_source.current                     ? 
_diffrn_source.details                     ? 
_diffrn_source.diffrn_id                   1 
_diffrn_source.power                       ? 
_diffrn_source.size                        ? 
_diffrn_source.source                      SYNCHROTRON 
_diffrn_source.target                      ? 
_diffrn_source.type                        'SSRF BEAMLINE BL19U1' 
_diffrn_source.voltage                     ? 
_diffrn_source.take-off_angle              ? 
_diffrn_source.pdbx_wavelength_list        0.9785 
_diffrn_source.pdbx_wavelength             ? 
_diffrn_source.pdbx_synchrotron_beamline   BL19U1 
_diffrn_source.pdbx_synchrotron_site       SSRF 
# 
_reflns.B_iso_Wilson_estimate            ? 
_reflns.entry_id                         6LIJ 
_reflns.data_reduction_details           ? 
_reflns.data_reduction_method            ? 
_reflns.d_resolution_high                2.1 
_reflns.d_resolution_low                 35.22 
_reflns.details                          ? 
_reflns.limit_h_max                      ? 
_reflns.limit_h_min                      ? 
_reflns.limit_k_max                      ? 
_reflns.limit_k_min                      ? 
_reflns.limit_l_max                      ? 
_reflns.limit_l_min                      ? 
_reflns.number_all                       ? 
_reflns.number_obs                       15887 
_reflns.observed_criterion               ? 
_reflns.observed_criterion_F_max         ? 
_reflns.observed_criterion_F_min         ? 
_reflns.observed_criterion_I_max         ? 
_reflns.observed_criterion_I_min         ? 
_reflns.observed_criterion_sigma_F       ? 
_reflns.observed_criterion_sigma_I       ? 
_reflns.percent_possible_obs             100 
_reflns.R_free_details                   ? 
_reflns.Rmerge_F_all                     ? 
_reflns.Rmerge_F_obs                     ? 
_reflns.Friedel_coverage                 ? 
_reflns.number_gt                        ? 
_reflns.threshold_expression             ? 
_reflns.pdbx_redundancy                  3 
_reflns.pdbx_Rmerge_I_obs                ? 
_reflns.pdbx_Rmerge_I_all                ? 
_reflns.pdbx_Rsym_value                  ? 
_reflns.pdbx_netI_over_av_sigmaI         ? 
_reflns.pdbx_netI_over_sigmaI            1.36 
_reflns.pdbx_res_netI_over_av_sigmaI_2   ? 
_reflns.pdbx_res_netI_over_sigmaI_2      ? 
_reflns.pdbx_chi_squared                 ? 
_reflns.pdbx_scaling_rejects             ? 
_reflns.pdbx_d_res_high_opt              ? 
_reflns.pdbx_d_res_low_opt               ? 
_reflns.pdbx_d_res_opt_method            ? 
_reflns.phase_calculation_details        ? 
_reflns.pdbx_Rrim_I_all                  ? 
_reflns.pdbx_Rpim_I_all                  ? 
_reflns.pdbx_d_opt                       ? 
_reflns.pdbx_number_measured_all         ? 
_reflns.pdbx_diffrn_id                   1 
_reflns.pdbx_ordinal                     1 
_reflns.pdbx_CC_half                     0.75 
_reflns.pdbx_CC_star                     ? 
_reflns.pdbx_R_split                     ? 
# 
_reflns_shell.d_res_high                  2.1 
_reflns_shell.d_res_low                   2.175 
_reflns_shell.meanI_over_sigI_all         ? 
_reflns_shell.meanI_over_sigI_obs         ? 
_reflns_shell.number_measured_all         ? 
_reflns_shell.number_measured_obs         ? 
_reflns_shell.number_possible             ? 
_reflns_shell.number_unique_all           ? 
_reflns_shell.number_unique_obs           1533 
_reflns_shell.percent_possible_all        ? 
_reflns_shell.percent_possible_obs        ? 
_reflns_shell.Rmerge_F_all                ? 
_reflns_shell.Rmerge_F_obs                ? 
_reflns_shell.Rmerge_I_all                ? 
_reflns_shell.Rmerge_I_obs                ? 
_reflns_shell.meanI_over_sigI_gt          ? 
_reflns_shell.meanI_over_uI_all           ? 
_reflns_shell.meanI_over_uI_gt            ? 
_reflns_shell.number_measured_gt          ? 
_reflns_shell.number_unique_gt            ? 
_reflns_shell.percent_possible_gt         ? 
_reflns_shell.Rmerge_F_gt                 ? 
_reflns_shell.Rmerge_I_gt                 ? 
_reflns_shell.pdbx_redundancy             ? 
_reflns_shell.pdbx_Rsym_value             ? 
_reflns_shell.pdbx_chi_squared            ? 
_reflns_shell.pdbx_netI_over_sigmaI_all   ? 
_reflns_shell.pdbx_netI_over_sigmaI_obs   ? 
_reflns_shell.pdbx_Rrim_I_all             ? 
_reflns_shell.pdbx_Rpim_I_all             ? 
_reflns_shell.pdbx_rejects                ? 
_reflns_shell.pdbx_ordinal                1 
_reflns_shell.pdbx_diffrn_id              1 
_reflns_shell.pdbx_CC_half                0.75 
_reflns_shell.pdbx_CC_star                ? 
_reflns_shell.pdbx_R_split                ? 
# 
_refine.aniso_B[1][1]                            ? 
_refine.aniso_B[1][2]                            ? 
_refine.aniso_B[1][3]                            ? 
_refine.aniso_B[2][2]                            ? 
_refine.aniso_B[2][3]                            ? 
_refine.aniso_B[3][3]                            ? 
_refine.B_iso_max                                57.510 
_refine.B_iso_mean                               22.9449 
_refine.B_iso_min                                15.430 
_refine.correlation_coeff_Fo_to_Fc               ? 
_refine.correlation_coeff_Fo_to_Fc_free          ? 
_refine.details                                  ? 
_refine.diff_density_max                         ? 
_refine.diff_density_max_esd                     ? 
_refine.diff_density_min                         ? 
_refine.diff_density_min_esd                     ? 
_refine.diff_density_rms                         ? 
_refine.diff_density_rms_esd                     ? 
_refine.entry_id                                 6LIJ 
_refine.pdbx_refine_id                           'X-RAY DIFFRACTION' 
_refine.ls_abs_structure_details                 ? 
_refine.ls_abs_structure_Flack                   ? 
_refine.ls_abs_structure_Flack_esd               ? 
_refine.ls_abs_structure_Rogers                  ? 
_refine.ls_abs_structure_Rogers_esd              ? 
_refine.ls_d_res_high                            2.1000 
_refine.ls_d_res_low                             35.2200 
_refine.ls_extinction_coef                       ? 
_refine.ls_extinction_coef_esd                   ? 
_refine.ls_extinction_expression                 ? 
_refine.ls_extinction_method                     ? 
_refine.ls_goodness_of_fit_all                   ? 
_refine.ls_goodness_of_fit_all_esd               ? 
_refine.ls_goodness_of_fit_obs                   ? 
_refine.ls_goodness_of_fit_obs_esd               ? 
_refine.ls_hydrogen_treatment                    ? 
_refine.ls_matrix_type                           ? 
_refine.ls_number_constraints                    ? 
_refine.ls_number_parameters                     ? 
_refine.ls_number_reflns_all                     ? 
_refine.ls_number_reflns_obs                     15882 
_refine.ls_number_reflns_R_free                  789 
_refine.ls_number_reflns_R_work                  ? 
_refine.ls_number_restraints                     ? 
_refine.ls_percent_reflns_obs                    99.9600 
_refine.ls_percent_reflns_R_free                 4.9700 
_refine.ls_R_factor_all                          ? 
_refine.ls_R_factor_obs                          0.1946 
_refine.ls_R_factor_R_free                       0.2304 
_refine.ls_R_factor_R_free_error                 ? 
_refine.ls_R_factor_R_free_error_details         ? 
_refine.ls_R_factor_R_work                       0.1928 
_refine.ls_R_Fsqd_factor_obs                     ? 
_refine.ls_R_I_factor_obs                        ? 
_refine.ls_redundancy_reflns_all                 ? 
_refine.ls_redundancy_reflns_obs                 ? 
_refine.ls_restrained_S_all                      ? 
_refine.ls_restrained_S_obs                      ? 
_refine.ls_shift_over_esd_max                    ? 
_refine.ls_shift_over_esd_mean                   ? 
_refine.ls_structure_factor_coef                 ? 
_refine.ls_weighting_details                     ? 
_refine.ls_weighting_scheme                      ? 
_refine.ls_wR_factor_all                         ? 
_refine.ls_wR_factor_obs                         ? 
_refine.ls_wR_factor_R_free                      ? 
_refine.ls_wR_factor_R_work                      ? 
_refine.occupancy_max                            ? 
_refine.occupancy_min                            ? 
_refine.solvent_model_details                    ? 
_refine.solvent_model_param_bsol                 ? 
_refine.solvent_model_param_ksol                 ? 
_refine.pdbx_R_complete                          ? 
_refine.ls_R_factor_gt                           ? 
_refine.ls_goodness_of_fit_gt                    ? 
_refine.ls_goodness_of_fit_ref                   ? 
_refine.ls_shift_over_su_max                     ? 
_refine.ls_shift_over_su_max_lt                  ? 
_refine.ls_shift_over_su_mean                    ? 
_refine.ls_shift_over_su_mean_lt                 ? 
_refine.pdbx_ls_sigma_I                          ? 
_refine.pdbx_ls_sigma_F                          1.360 
_refine.pdbx_ls_sigma_Fsqd                       ? 
_refine.pdbx_data_cutoff_high_absF               ? 
_refine.pdbx_data_cutoff_high_rms_absF           ? 
_refine.pdbx_data_cutoff_low_absF                ? 
_refine.pdbx_isotropic_thermal_model             ? 
_refine.pdbx_ls_cross_valid_method               THROUGHOUT 
_refine.pdbx_method_to_determine_struct          'MOLECULAR REPLACEMENT' 
_refine.pdbx_starting_model                      1FHA 
_refine.pdbx_stereochemistry_target_values       ? 
_refine.pdbx_R_Free_selection_details            ? 
_refine.pdbx_stereochem_target_val_spec_case     ? 
_refine.pdbx_overall_ESU_R                       ? 
_refine.pdbx_overall_ESU_R_Free                  ? 
_refine.pdbx_solvent_vdw_probe_radii             1.1100 
_refine.pdbx_solvent_ion_probe_radii             ? 
_refine.pdbx_solvent_shrinkage_radii             0.9000 
_refine.pdbx_real_space_R                        ? 
_refine.pdbx_density_correlation                 ? 
_refine.pdbx_pd_number_of_powder_patterns        ? 
_refine.pdbx_pd_number_of_points                 ? 
_refine.pdbx_pd_meas_number_of_points            ? 
_refine.pdbx_pd_proc_ls_prof_R_factor            ? 
_refine.pdbx_pd_proc_ls_prof_wR_factor           ? 
_refine.pdbx_pd_Marquardt_correlation_coeff      ? 
_refine.pdbx_pd_Fsqrd_R_factor                   ? 
_refine.pdbx_pd_ls_matrix_band_width             ? 
_refine.pdbx_overall_phase_error                 20.4000 
_refine.pdbx_overall_SU_R_free_Cruickshank_DPI   ? 
_refine.pdbx_overall_SU_R_free_Blow_DPI          ? 
_refine.pdbx_overall_SU_R_Blow_DPI               ? 
_refine.pdbx_TLS_residual_ADP_flag               ? 
_refine.pdbx_diffrn_id                           1 
_refine.overall_SU_B                             ? 
_refine.overall_SU_ML                            0.1800 
_refine.overall_SU_R_Cruickshank_DPI             ? 
_refine.overall_SU_R_free                        ? 
_refine.overall_FOM_free_R_set                   ? 
_refine.overall_FOM_work_R_set                   ? 
_refine.pdbx_average_fsc_overall                 ? 
_refine.pdbx_average_fsc_work                    ? 
_refine.pdbx_average_fsc_free                    ? 
# 
_refine_hist.pdbx_refine_id                   'X-RAY DIFFRACTION' 
_refine_hist.cycle_id                         final 
_refine_hist.details                          ? 
_refine_hist.d_res_high                       2.1000 
_refine_hist.d_res_low                        35.2200 
_refine_hist.number_atoms_solvent             67 
_refine_hist.number_atoms_total               1455 
_refine_hist.number_reflns_all                ? 
_refine_hist.number_reflns_obs                ? 
_refine_hist.number_reflns_R_free             ? 
_refine_hist.number_reflns_R_work             ? 
_refine_hist.R_factor_all                     ? 
_refine_hist.R_factor_obs                     ? 
_refine_hist.R_factor_R_free                  ? 
_refine_hist.R_factor_R_work                  ? 
_refine_hist.pdbx_number_residues_total       169 
_refine_hist.pdbx_B_iso_mean_ligand           17.53 
_refine_hist.pdbx_B_iso_mean_solvent          24.14 
_refine_hist.pdbx_number_atoms_protein        1387 
_refine_hist.pdbx_number_atoms_nucleic_acid   0 
_refine_hist.pdbx_number_atoms_ligand         1 
_refine_hist.pdbx_number_atoms_lipid          ? 
_refine_hist.pdbx_number_atoms_carb           ? 
_refine_hist.pdbx_pseudo_atom_details         ? 
# 
loop_
_refine_ls_restr.pdbx_refine_id 
_refine_ls_restr.criterion 
_refine_ls_restr.dev_ideal 
_refine_ls_restr.dev_ideal_target 
_refine_ls_restr.number 
_refine_ls_restr.rejects 
_refine_ls_restr.type 
_refine_ls_restr.weight 
_refine_ls_restr.pdbx_restraint_function 
'X-RAY DIFFRACTION' ? 0.007  ? 1411 ? f_bond_d           ? ? 
'X-RAY DIFFRACTION' ? 0.724  ? 1895 ? f_angle_d          ? ? 
'X-RAY DIFFRACTION' ? 0.045  ? 194  ? f_chiral_restr     ? ? 
'X-RAY DIFFRACTION' ? 0.004  ? 254  ? f_plane_restr      ? ? 
'X-RAY DIFFRACTION' ? 16.791 ? 860  ? f_dihedral_angle_d ? ? 
# 
loop_
_refine_ls_shell.pdbx_refine_id 
_refine_ls_shell.d_res_high 
_refine_ls_shell.d_res_low 
_refine_ls_shell.number_reflns_all 
_refine_ls_shell.number_reflns_obs 
_refine_ls_shell.number_reflns_R_free 
_refine_ls_shell.number_reflns_R_work 
_refine_ls_shell.percent_reflns_obs 
_refine_ls_shell.percent_reflns_R_free 
_refine_ls_shell.R_factor_all 
_refine_ls_shell.R_factor_obs 
_refine_ls_shell.R_factor_R_free 
_refine_ls_shell.R_factor_R_free_error 
_refine_ls_shell.R_factor_R_work 
_refine_ls_shell.redundancy_reflns_all 
_refine_ls_shell.redundancy_reflns_obs 
_refine_ls_shell.wR_factor_all 
_refine_ls_shell.wR_factor_obs 
_refine_ls_shell.wR_factor_R_free 
_refine_ls_shell.wR_factor_R_work 
_refine_ls_shell.pdbx_R_complete 
_refine_ls_shell.pdbx_total_number_of_bins_used 
_refine_ls_shell.pdbx_phase_error 
_refine_ls_shell.pdbx_fsc_work 
_refine_ls_shell.pdbx_fsc_free 
'X-RAY DIFFRACTION' 2.1003 2.2319 . . 128 2449 100.0000 . . . 0.2610 0.0000 0.1859 . . . . . . . . . . . 
'X-RAY DIFFRACTION' 2.2319 2.4042 . . 140 2444 100.0000 . . . 0.2092 0.0000 0.1969 . . . . . . . . . . . 
'X-RAY DIFFRACTION' 2.4042 2.6461 . . 134 2451 100.0000 . . . 0.2373 0.0000 0.1938 . . . . . . . . . . . 
'X-RAY DIFFRACTION' 2.6461 3.0288 . . 130 2507 100.0000 . . . 0.2262 0.0000 0.2079 . . . . . . . . . . . 
'X-RAY DIFFRACTION' 3.0288 3.8152 . . 121 2531 100.0000 . . . 0.2666 0.0000 0.2070 . . . . . . . . . . . 
'X-RAY DIFFRACTION' 3.8152 35.22  . . 136 2711 100.0000 . . . 0.2066 0.0000 0.1756 . . . . . . . . . . . 
# 
_struct.entry_id                     6LIJ 
_struct.title                        'Crassostrea gigas ferritin' 
_struct.pdbx_model_details           ? 
_struct.pdbx_formula_weight          ? 
_struct.pdbx_formula_weight_method   ? 
_struct.pdbx_model_type_details      ? 
_struct.pdbx_CASP_flag               N 
# 
_struct_keywords.entry_id        6LIJ 
_struct_keywords.text            'Crassostrea gigas, Ferritin, Iron, METAL BINDING PROTEIN' 
_struct_keywords.pdbx_keywords   'METAL BINDING PROTEIN' 
# 
loop_
_struct_asym.id 
_struct_asym.pdbx_blank_PDB_chainid_flag 
_struct_asym.pdbx_modified 
_struct_asym.entity_id 
_struct_asym.details 
A N N 1 ? 
B N N 2 ? 
C N N 3 ? 
# 
loop_
_struct_conf.conf_type_id 
_struct_conf.id 
_struct_conf.pdbx_PDB_helix_id 
_struct_conf.beg_label_comp_id 
_struct_conf.beg_label_asym_id 
_struct_conf.beg_label_seq_id 
_struct_conf.pdbx_beg_PDB_ins_code 
_struct_conf.end_label_comp_id 
_struct_conf.end_label_asym_id 
_struct_conf.end_label_seq_id 
_struct_conf.pdbx_end_PDB_ins_code 
_struct_conf.beg_auth_comp_id 
_struct_conf.beg_auth_asym_id 
_struct_conf.beg_auth_seq_id 
_struct_conf.end_auth_comp_id 
_struct_conf.end_auth_asym_id 
_struct_conf.end_auth_seq_id 
_struct_conf.pdbx_PDB_helix_class 
_struct_conf.details 
_struct_conf.pdbx_PDB_helix_length 
HELX_P HELX_P1 AA1 HIS A 9   ? PHE A 37  ? HIS A 10  PHE A 38  1 ? 29 
HELX_P HELX_P2 AA2 LEU A 44  ? ARG A 72  ? LEU A 45  ARG A 73  1 ? 29 
HELX_P HELX_P3 AA3 THR A 91  ? HIS A 120 ? THR A 92  HIS A 121 1 ? 30 
HELX_P HELX_P4 AA4 ASP A 122 ? TYR A 133 ? ASP A 123 TYR A 134 1 ? 12 
HELX_P HELX_P5 AA5 TYR A 133 ? GLY A 155 ? TYR A 134 GLY A 156 1 ? 23 
HELX_P HELX_P6 AA6 GLY A 157 ? SER A 169 ? GLY A 158 SER A 170 1 ? 13 
# 
_struct_conf_type.id          HELX_P 
_struct_conf_type.criteria    ? 
_struct_conf_type.reference   ? 
# 
loop_
_struct_conn.id 
_struct_conn.conn_type_id 
_struct_conn.pdbx_leaving_atom_flag 
_struct_conn.pdbx_PDB_id 
_struct_conn.ptnr1_label_asym_id 
_struct_conn.ptnr1_label_comp_id 
_struct_conn.ptnr1_label_seq_id 
_struct_conn.ptnr1_label_atom_id 
_struct_conn.pdbx_ptnr1_label_alt_id 
_struct_conn.pdbx_ptnr1_PDB_ins_code 
_struct_conn.pdbx_ptnr1_standard_comp_id 
_struct_conn.ptnr1_symmetry 
_struct_conn.ptnr2_label_asym_id 
_struct_conn.ptnr2_label_comp_id 
_struct_conn.ptnr2_label_seq_id 
_struct_conn.ptnr2_label_atom_id 
_struct_conn.pdbx_ptnr2_label_alt_id 
_struct_conn.pdbx_ptnr2_PDB_ins_code 
_struct_conn.ptnr1_auth_asym_id 
_struct_conn.ptnr1_auth_comp_id 
_struct_conn.ptnr1_auth_seq_id 
_struct_conn.ptnr2_auth_asym_id 
_struct_conn.ptnr2_auth_comp_id 
_struct_conn.ptnr2_auth_seq_id 
_struct_conn.ptnr2_symmetry 
_struct_conn.pdbx_ptnr3_label_atom_id 
_struct_conn.pdbx_ptnr3_label_seq_id 
_struct_conn.pdbx_ptnr3_label_comp_id 
_struct_conn.pdbx_ptnr3_label_asym_id 
_struct_conn.pdbx_ptnr3_label_alt_id 
_struct_conn.pdbx_ptnr3_PDB_ins_code 
_struct_conn.details 
_struct_conn.pdbx_dist_value 
_struct_conn.pdbx_value_order 
_struct_conn.pdbx_role 
metalc1 metalc ? ? A GLU 23 OE1 ? ? ? 1_555 B MG . MG ? ? A GLU 24 A MG 201 1_555 ? ? ? ? ? ? ? 1.957 ? ? 
metalc2 metalc ? ? A GLU 58 OE1 ? ? ? 1_555 B MG . MG ? ? A GLU 59 A MG 201 1_555 ? ? ? ? ? ? ? 2.023 ? ? 
# 
_struct_conn_type.id          metalc 
_struct_conn_type.criteria    ? 
_struct_conn_type.reference   ? 
# 
_struct_site.id                   AC1 
_struct_site.pdbx_evidence_code   Software 
_struct_site.pdbx_auth_asym_id    A 
_struct_site.pdbx_auth_comp_id    MG 
_struct_site.pdbx_auth_seq_id     201 
_struct_site.pdbx_auth_ins_code   ? 
_struct_site.pdbx_num_residues    3 
_struct_site.details              'binding site for residue MG A 201' 
# 
loop_
_struct_site_gen.id 
_struct_site_gen.site_id 
_struct_site_gen.pdbx_num_res 
_struct_site_gen.label_comp_id 
_struct_site_gen.label_asym_id 
_struct_site_gen.label_seq_id 
_struct_site_gen.pdbx_auth_ins_code 
_struct_site_gen.auth_comp_id 
_struct_site_gen.auth_asym_id 
_struct_site_gen.auth_seq_id 
_struct_site_gen.label_atom_id 
_struct_site_gen.label_alt_id 
_struct_site_gen.symmetry 
_struct_site_gen.details 
1 AC1 3 GLU A 23 ? GLU A 24 . ? 1_555 ? 
2 AC1 3 GLU A 58 ? GLU A 59 . ? 1_555 ? 
3 AC1 3 HIS A 61 ? HIS A 62 . ? 1_555 ? 
# 
_atom_sites.entry_id                    6LIJ 
_atom_sites.Cartn_transf_matrix[1][1]   ? 
_atom_sites.Cartn_transf_matrix[1][2]   ? 
_atom_sites.Cartn_transf_matrix[1][3]   ? 
_atom_sites.Cartn_transf_matrix[2][1]   ? 
_atom_sites.Cartn_transf_matrix[2][2]   ? 
_atom_sites.Cartn_transf_matrix[2][3]   ? 
_atom_sites.Cartn_transf_matrix[3][1]   ? 
_atom_sites.Cartn_transf_matrix[3][2]   ? 
_atom_sites.Cartn_transf_matrix[3][3]   ? 
_atom_sites.Cartn_transf_vector[1]      ? 
_atom_sites.Cartn_transf_vector[2]      ? 
_atom_sites.Cartn_transf_vector[3]      ? 
_atom_sites.fract_transf_matrix[1][1]   0.00018750 
_atom_sites.fract_transf_matrix[1][2]   0.00301385 
_atom_sites.fract_transf_matrix[1][3]   0.00455377 
_atom_sites.fract_transf_matrix[2][1]   -0.00531707 
_atom_sites.fract_transf_matrix[2][2]   -0.00093770 
_atom_sites.fract_transf_matrix[2][3]   0.00083953 
_atom_sites.fract_transf_matrix[3][1]   0.00124456 
_atom_sites.fract_transf_matrix[3][2]   -0.00446013 
_atom_sites.fract_transf_matrix[3][3]   0.00290063 
_atom_sites.fract_transf_vector[1]      -0.158143 
_atom_sites.fract_transf_vector[2]      -0.054886 
_atom_sites.fract_transf_vector[3]      -0.286383 
_atom_sites.solution_primary            ? 
_atom_sites.solution_secondary          ? 
_atom_sites.solution_hydrogens          ? 
_atom_sites.special_details             ? 
# 
loop_
_atom_type.symbol 
C  
MG 
N  
O  
S  
# 
loop_
_atom_site.group_PDB 
_atom_site.id 
_atom_site.type_symbol 
_atom_site.label_atom_id 
_atom_site.label_alt_id 
_atom_site.label_comp_id 
_atom_site.label_asym_id 
_atom_site.label_entity_id 
_atom_site.label_seq_id 
_atom_site.pdbx_PDB_ins_code 
_atom_site.Cartn_x 
_atom_site.Cartn_y 
_atom_site.Cartn_z 
_atom_site.occupancy 
_atom_site.B_iso_or_equiv 
_atom_site.pdbx_formal_charge 
_atom_site.auth_seq_id 
_atom_site.auth_comp_id 
_atom_site.auth_asym_id 
_atom_site.auth_atom_id 
_atom_site.pdbx_PDB_model_num 
ATOM   1    N  N   . GLU A 1 1   ? 3.663   -0.716  -31.832 1.00 35.87 ? 2   GLU A N   1 
ATOM   2    C  CA  . GLU A 1 1   ? 4.334   0.042   -30.776 1.00 35.71 ? 2   GLU A CA  1 
ATOM   3    C  C   . GLU A 1 1   ? 3.771   1.457   -30.643 1.00 31.17 ? 2   GLU A C   1 
ATOM   4    O  O   . GLU A 1 1   ? 3.588   2.145   -31.632 1.00 32.47 ? 2   GLU A O   1 
ATOM   5    C  CB  . GLU A 1 1   ? 5.831   0.116   -31.041 1.00 39.08 ? 2   GLU A CB  1 
ATOM   6    C  CG  . GLU A 1 1   ? 6.629   0.750   -29.914 1.00 36.69 ? 2   GLU A CG  1 
ATOM   7    C  CD  . GLU A 1 1   ? 8.124   0.746   -30.184 1.00 48.30 ? 2   GLU A CD  1 
ATOM   8    O  OE1 . GLU A 1 1   ? 8.664   -0.355  -30.436 1.00 57.51 ? 2   GLU A OE1 1 
ATOM   9    O  OE2 . GLU A 1 1   ? 8.755   1.835   -30.142 1.00 45.76 ? 2   GLU A OE2 1 
ATOM   10   N  N   . SER A 1 2   ? 3.523   1.882   -29.404 1.00 29.23 ? 3   SER A N   1 
ATOM   11   C  CA  . SER A 1 2   ? 2.966   3.203   -29.145 1.00 26.64 ? 3   SER A CA  1 
ATOM   12   C  C   . SER A 1 2   ? 3.828   4.320   -29.733 1.00 23.48 ? 3   SER A C   1 
ATOM   13   O  O   . SER A 1 2   ? 5.054   4.316   -29.600 1.00 25.50 ? 3   SER A O   1 
ATOM   14   C  CB  . SER A 1 2   ? 2.822   3.406   -27.636 1.00 23.26 ? 3   SER A CB  1 
ATOM   15   O  OG  . SER A 1 2   ? 2.605   4.771   -27.350 1.00 27.52 ? 3   SER A OG  1 
ATOM   16   N  N   . GLN A 1 3   ? 3.174   5.310   -30.355 1.00 19.75 ? 4   GLN A N   1 
ATOM   17   C  CA  . GLN A 1 3   ? 3.900   6.488   -30.822 1.00 21.60 ? 4   GLN A CA  1 
ATOM   18   C  C   . GLN A 1 3   ? 4.624   7.210   -29.686 1.00 20.90 ? 4   GLN A C   1 
ATOM   19   O  O   . GLN A 1 3   ? 5.574   7.957   -29.949 1.00 22.34 ? 4   GLN A O   1 
ATOM   20   C  CB  . GLN A 1 3   ? 2.937   7.449   -31.535 1.00 22.39 ? 4   GLN A CB  1 
ATOM   21   C  CG  . GLN A 1 3   ? 1.849   8.014   -30.624 1.00 21.06 ? 4   GLN A CG  1 
ATOM   22   C  CD  . GLN A 1 3   ? 0.752   8.775   -31.367 1.00 20.76 ? 4   GLN A CD  1 
ATOM   23   O  OE1 . GLN A 1 3   ? 0.980   9.369   -32.421 1.00 22.79 ? 4   GLN A OE1 1 
ATOM   24   N  NE2 . GLN A 1 3   ? -0.443  8.763   -30.804 1.00 21.48 ? 4   GLN A NE2 1 
ATOM   25   N  N   . CYS A 1 4   ? 4.208   6.985   -28.431 1.00 22.12 ? 5   CYS A N   1 
ATOM   26   C  CA  . CYS A 1 4   ? 4.857   7.584   -27.266 1.00 23.80 ? 5   CYS A CA  1 
ATOM   27   C  C   . CYS A 1 4   ? 6.175   6.925   -26.917 1.00 24.60 ? 5   CYS A C   1 
ATOM   28   O  O   . CYS A 1 4   ? 7.056   7.575   -26.344 1.00 25.15 ? 5   CYS A O   1 
ATOM   29   C  CB  . CYS A 1 4   ? 3.980   7.441   -26.021 1.00 23.21 ? 5   CYS A CB  1 
ATOM   30   S  SG  . CYS A 1 4   ? 2.518   8.337   -26.047 1.00 32.80 ? 5   CYS A SG  1 
ATOM   31   N  N   . ARG A 1 5   ? 6.287   5.630   -27.174 1.00 23.30 ? 6   ARG A N   1 
ATOM   32   C  CA  . ARG A 1 5   ? 7.231   4.803   -26.441 1.00 24.26 ? 6   ARG A CA  1 
ATOM   33   C  C   . ARG A 1 5   ? 8.655   5.209   -26.776 1.00 24.42 ? 6   ARG A C   1 
ATOM   34   O  O   . ARG A 1 5   ? 9.001   5.387   -27.946 1.00 23.81 ? 6   ARG A O   1 
ATOM   35   C  CB  . ARG A 1 5   ? 6.995   3.335   -26.769 1.00 21.87 ? 6   ARG A CB  1 
ATOM   36   C  CG  . ARG A 1 5   ? 7.605   2.401   -25.765 1.00 25.57 ? 6   ARG A CG  1 
ATOM   37   C  CD  . ARG A 1 5   ? 7.493   0.943   -26.185 1.00 23.89 ? 6   ARG A CD  1 
ATOM   38   N  NE  . ARG A 1 5   ? 7.967   0.093   -25.104 1.00 27.16 ? 6   ARG A NE  1 
ATOM   39   C  CZ  . ARG A 1 5   ? 7.206   -0.739  -24.408 1.00 23.82 ? 6   ARG A CZ  1 
ATOM   40   N  NH1 . ARG A 1 5   ? 7.745   -1.451  -23.427 1.00 21.51 ? 6   ARG A NH1 1 
ATOM   41   N  NH2 . ARG A 1 5   ? 5.921   -0.879  -24.705 1.00 22.61 ? 6   ARG A NH2 1 
ATOM   42   N  N   . GLN A 1 6   ? 9.476   5.368   -25.741 1.00 22.40 ? 7   GLN A N   1 
ATOM   43   C  CA  . GLN A 1 6   ? 10.871  5.752   -25.910 1.00 21.41 ? 7   GLN A CA  1 
ATOM   44   C  C   . GLN A 1 6   ? 11.621  5.384   -24.639 1.00 25.34 ? 7   GLN A C   1 
ATOM   45   O  O   . GLN A 1 6   ? 11.204  5.778   -23.543 1.00 23.44 ? 7   GLN A O   1 
ATOM   46   C  CB  . GLN A 1 6   ? 10.998  7.254   -26.207 1.00 23.72 ? 7   GLN A CB  1 
ATOM   47   C  CG  . GLN A 1 6   ? 12.419  7.733   -26.477 1.00 25.47 ? 7   GLN A CG  1 
ATOM   48   C  CD  . GLN A 1 6   ? 12.465  9.163   -27.002 1.00 23.27 ? 7   GLN A CD  1 
ATOM   49   O  OE1 . GLN A 1 6   ? 11.622  9.985   -26.662 1.00 22.47 ? 7   GLN A OE1 1 
ATOM   50   N  NE2 . GLN A 1 6   ? 13.443  9.453   -27.855 1.00 22.93 ? 7   GLN A NE2 1 
ATOM   51   N  N   . ASN A 1 7   ? 12.704  4.610   -24.787 1.00 19.59 ? 8   ASN A N   1 
ATOM   52   C  CA  . ASN A 1 7   ? 13.517  4.144   -23.658 1.00 22.88 ? 8   ASN A CA  1 
ATOM   53   C  C   . ASN A 1 7   ? 12.692  3.387   -22.612 1.00 21.33 ? 8   ASN A C   1 
ATOM   54   O  O   . ASN A 1 7   ? 12.971  3.456   -21.414 1.00 21.57 ? 8   ASN A O   1 
ATOM   55   C  CB  . ASN A 1 7   ? 14.269  5.305   -22.996 1.00 19.21 ? 8   ASN A CB  1 
ATOM   56   C  CG  . ASN A 1 7   ? 15.433  4.824   -22.143 1.00 25.32 ? 8   ASN A CG  1 
ATOM   57   O  OD1 . ASN A 1 7   ? 16.076  3.832   -22.484 1.00 23.69 ? 8   ASN A OD1 1 
ATOM   58   N  ND2 . ASN A 1 7   ? 15.683  5.492   -21.013 1.00 18.56 ? 8   ASN A ND2 1 
ATOM   59   N  N   . TYR A 1 8   ? 11.687  2.629   -23.056 1.00 20.39 ? 9   TYR A N   1 
ATOM   60   C  CA  . TYR A 1 8   ? 10.773  1.932   -22.143 1.00 20.67 ? 9   TYR A CA  1 
ATOM   61   C  C   . TYR A 1 8   ? 10.807  0.438   -22.453 1.00 22.68 ? 9   TYR A C   1 
ATOM   62   O  O   . TYR A 1 8   ? 10.218  -0.013  -23.442 1.00 22.53 ? 9   TYR A O   1 
ATOM   63   C  CB  . TYR A 1 8   ? 9.357   2.481   -22.263 1.00 20.75 ? 9   TYR A CB  1 
ATOM   64   C  CG  . TYR A 1 8   ? 8.418   2.108   -21.126 1.00 20.19 ? 9   TYR A CG  1 
ATOM   65   C  CD1 . TYR A 1 8   ? 8.790   2.281   -19.787 1.00 20.39 ? 9   TYR A CD1 1 
ATOM   66   C  CD2 . TYR A 1 8   ? 7.138   1.629   -21.392 1.00 20.99 ? 9   TYR A CD2 1 
ATOM   67   C  CE1 . TYR A 1 8   ? 7.906   1.957   -18.744 1.00 19.41 ? 9   TYR A CE1 1 
ATOM   68   C  CE2 . TYR A 1 8   ? 6.259   1.304   -20.364 1.00 20.41 ? 9   TYR A CE2 1 
ATOM   69   C  CZ  . TYR A 1 8   ? 6.642   1.475   -19.049 1.00 21.67 ? 9   TYR A CZ  1 
ATOM   70   O  OH  . TYR A 1 8   ? 5.751   1.148   -18.048 1.00 22.29 ? 9   TYR A OH  1 
ATOM   71   N  N   . HIS A 1 9   ? 11.475  -0.323  -21.591 1.00 21.46 ? 10  HIS A N   1 
ATOM   72   C  CA  . HIS A 1 9   ? 11.705  -1.738  -21.835 1.00 23.95 ? 10  HIS A CA  1 
ATOM   73   C  C   . HIS A 1 9   ? 10.457  -2.548  -21.501 1.00 24.04 ? 10  HIS A C   1 
ATOM   74   O  O   . HIS A 1 9   ? 9.693   -2.213  -20.588 1.00 22.11 ? 10  HIS A O   1 
ATOM   75   C  CB  . HIS A 1 9   ? 12.900  -2.223  -21.008 1.00 21.46 ? 10  HIS A CB  1 
ATOM   76   C  CG  . HIS A 1 9   ? 13.438  -3.551  -21.448 1.00 24.48 ? 10  HIS A CG  1 
ATOM   77   N  ND1 . HIS A 1 9   ? 12.829  -4.743  -21.127 1.00 22.10 ? 10  HIS A ND1 1 
ATOM   78   C  CD2 . HIS A 1 9   ? 14.525  -3.871  -22.190 1.00 24.41 ? 10  HIS A CD2 1 
ATOM   79   C  CE1 . HIS A 1 9   ? 13.515  -5.743  -21.652 1.00 26.82 ? 10  HIS A CE1 1 
ATOM   80   N  NE2 . HIS A 1 9   ? 14.548  -5.240  -22.305 1.00 28.23 ? 10  HIS A NE2 1 
ATOM   81   N  N   . GLN A 1 10  ? 10.250  -3.633  -22.257 1.00 23.61 ? 11  GLN A N   1 
ATOM   82   C  CA  . GLN A 1 10  ? 9.094   -4.486  -22.011 1.00 22.23 ? 11  GLN A CA  1 
ATOM   83   C  C   . GLN A 1 10  ? 9.078   -5.029  -20.591 1.00 21.28 ? 11  GLN A C   1 
ATOM   84   O  O   . GLN A 1 10  ? 8.001   -5.276  -20.042 1.00 21.18 ? 11  GLN A O   1 
ATOM   85   C  CB  . GLN A 1 10  ? 9.064   -5.639  -23.013 1.00 27.85 ? 11  GLN A CB  1 
ATOM   86   C  CG  . GLN A 1 10  ? 8.601   -5.217  -24.396 1.00 33.32 ? 11  GLN A CG  1 
ATOM   87   C  CD  . GLN A 1 10  ? 8.603   -6.369  -25.371 1.00 49.02 ? 11  GLN A CD  1 
ATOM   88   O  OE1 . GLN A 1 10  ? 9.466   -7.253  -25.310 1.00 50.52 ? 11  GLN A OE1 1 
ATOM   89   N  NE2 . GLN A 1 10  ? 7.620   -6.385  -26.265 1.00 49.15 ? 11  GLN A NE2 1 
ATOM   90   N  N   . GLU A 1 11  ? 10.251  -5.230  -19.981 1.00 22.81 ? 12  GLU A N   1 
ATOM   91   C  CA  . GLU A 1 11  ? 10.287  -5.720  -18.607 1.00 22.72 ? 12  GLU A CA  1 
ATOM   92   C  C   . GLU A 1 11  ? 9.823   -4.653  -17.626 1.00 20.70 ? 12  GLU A C   1 
ATOM   93   O  O   . GLU A 1 11  ? 9.193   -4.964  -16.609 1.00 18.89 ? 12  GLU A O   1 
ATOM   94   C  CB  . GLU A 1 11  ? 11.692  -6.176  -18.233 1.00 24.14 ? 12  GLU A CB  1 
ATOM   95   C  CG  . GLU A 1 11  ? 12.158  -7.411  -18.948 1.00 34.45 ? 12  GLU A CG  1 
ATOM   96   C  CD  . GLU A 1 11  ? 13.577  -7.764  -18.561 1.00 40.21 ? 12  GLU A CD  1 
ATOM   97   O  OE1 . GLU A 1 11  ? 14.085  -7.149  -17.590 1.00 35.47 ? 12  GLU A OE1 1 
ATOM   98   O  OE2 . GLU A 1 11  ? 14.174  -8.646  -19.220 1.00 41.80 ? 12  GLU A OE2 1 
ATOM   99   N  N   . SER A 1 12  ? 10.161  -3.393  -17.892 1.00 22.05 ? 13  SER A N   1 
ATOM   100  C  CA  . SER A 1 12  ? 9.673   -2.321  -17.037 1.00 22.76 ? 13  SER A CA  1 
ATOM   101  C  C   . SER A 1 12  ? 8.161   -2.196  -17.149 1.00 17.63 ? 13  SER A C   1 
ATOM   102  O  O   . SER A 1 12  ? 7.468   -2.052  -16.134 1.00 24.38 ? 13  SER A O   1 
ATOM   103  C  CB  . SER A 1 12  ? 10.373  -1.010  -17.405 1.00 22.26 ? 13  SER A CB  1 
ATOM   104  O  OG  . SER A 1 12  ? 11.781  -1.206  -17.412 1.00 19.39 ? 13  SER A OG  1 
ATOM   105  N  N   . GLU A 1 13  ? 7.642   -2.266  -18.375 1.00 20.39 ? 14  GLU A N   1 
ATOM   106  C  CA  . GLU A 1 13  ? 6.202   -2.244  -18.609 1.00 21.21 ? 14  GLU A CA  1 
ATOM   107  C  C   . GLU A 1 13  ? 5.489   -3.365  -17.857 1.00 22.61 ? 14  GLU A C   1 
ATOM   108  O  O   . GLU A 1 13  ? 4.432   -3.147  -17.251 1.00 21.75 ? 14  GLU A O   1 
ATOM   109  C  CB  . GLU A 1 13  ? 5.929   -2.350  -20.111 1.00 20.88 ? 14  GLU A CB  1 
ATOM   110  C  CG  . GLU A 1 13  ? 4.448   -2.416  -20.482 1.00 18.26 ? 14  GLU A CG  1 
ATOM   111  C  CD  . GLU A 1 13  ? 4.229   -2.546  -21.975 1.00 21.96 ? 14  GLU A CD  1 
ATOM   112  O  OE1 . GLU A 1 13  ? 5.229   -2.544  -22.735 1.00 22.51 ? 14  GLU A OE1 1 
ATOM   113  O  OE2 . GLU A 1 13  ? 3.057   -2.625  -22.395 1.00 23.04 ? 14  GLU A OE2 1 
ATOM   114  N  N   . ALA A 1 14  ? 6.035   -4.578  -17.903 1.00 19.94 ? 15  ALA A N   1 
ATOM   115  C  CA  . ALA A 1 14  ? 5.396   -5.687  -17.207 1.00 18.96 ? 15  ALA A CA  1 
ATOM   116  C  C   . ALA A 1 14  ? 5.506   -5.514  -15.700 1.00 19.61 ? 15  ALA A C   1 
ATOM   117  O  O   . ALA A 1 14  ? 4.587   -5.882  -14.963 1.00 20.15 ? 15  ALA A O   1 
ATOM   118  C  CB  . ALA A 1 14  ? 6.009   -7.019  -17.644 1.00 23.15 ? 15  ALA A CB  1 
ATOM   119  N  N   . GLY A 1 15  ? 6.624   -4.960  -15.225 1.00 19.32 ? 16  GLY A N   1 
ATOM   120  C  CA  . GLY A 1 15  ? 6.763   -4.707  -13.798 1.00 22.48 ? 16  GLY A CA  1 
ATOM   121  C  C   . GLY A 1 15  ? 5.774   -3.669  -13.282 1.00 22.93 ? 16  GLY A C   1 
ATOM   122  O  O   . GLY A 1 15  ? 5.300   -3.759  -12.146 1.00 22.12 ? 16  GLY A O   1 
ATOM   123  N  N   . ILE A 1 16  ? 5.467   -2.659  -14.101 1.00 21.56 ? 17  ILE A N   1 
ATOM   124  C  CA  . ILE A 1 16  ? 4.422   -1.700  -13.740 1.00 20.65 ? 17  ILE A CA  1 
ATOM   125  C  C   . ILE A 1 16  ? 3.093   -2.420  -13.537 1.00 20.53 ? 17  ILE A C   1 
ATOM   126  O  O   . ILE A 1 16  ? 2.396   -2.202  -12.540 1.00 21.55 ? 17  ILE A O   1 
ATOM   127  C  CB  . ILE A 1 16  ? 4.299   -0.596  -14.808 1.00 20.61 ? 17  ILE A CB  1 
ATOM   128  C  CG1 . ILE A 1 16  ? 5.516   0.339   -14.786 1.00 23.38 ? 17  ILE A CG1 1 
ATOM   129  C  CG2 . ILE A 1 16  ? 3.000   0.189   -14.596 1.00 20.86 ? 17  ILE A CG2 1 
ATOM   130  C  CD1 . ILE A 1 16  ? 5.602   1.226   -13.560 1.00 22.37 ? 17  ILE A CD1 1 
ATOM   131  N  N   . ASN A 1 17  ? 2.727   -3.294  -14.475 1.00 19.00 ? 18  ASN A N   1 
ATOM   132  C  CA  . ASN A 1 17  ? 1.482   -4.044  -14.328 1.00 19.56 ? 18  ASN A CA  1 
ATOM   133  C  C   . ASN A 1 17  ? 1.498   -4.898  -13.073 1.00 21.74 ? 18  ASN A C   1 
ATOM   134  O  O   . ASN A 1 17  ? 0.471   -5.045  -12.402 1.00 20.02 ? 18  ASN A O   1 
ATOM   135  C  CB  . ASN A 1 17  ? 1.234   -4.910  -15.562 1.00 20.66 ? 18  ASN A CB  1 
ATOM   136  C  CG  . ASN A 1 17  ? 0.747   -4.102  -16.733 1.00 22.53 ? 18  ASN A CG  1 
ATOM   137  O  OD1 . ASN A 1 17  ? 0.071   -3.095  -16.547 1.00 21.40 ? 18  ASN A OD1 1 
ATOM   138  N  ND2 . ASN A 1 17  ? 1.075   -4.535  -17.951 1.00 18.80 ? 18  ASN A ND2 1 
ATOM   139  N  N   . ARG A 1 18  ? 2.657   -5.472  -12.736 1.00 20.97 ? 19  ARG A N   1 
ATOM   140  C  CA  . ARG A 1 18  ? 2.759   -6.235  -11.496 1.00 23.16 ? 19  ARG A CA  1 
ATOM   141  C  C   . ARG A 1 18  ? 2.546   -5.337  -10.278 1.00 22.27 ? 19  ARG A C   1 
ATOM   142  O  O   . ARG A 1 18  ? 1.806   -5.691  -9.355  1.00 19.34 ? 19  ARG A O   1 
ATOM   143  C  CB  . ARG A 1 18  ? 4.117   -6.932  -11.433 1.00 25.88 ? 19  ARG A CB  1 
ATOM   144  C  CG  . ARG A 1 18  ? 4.260   -7.922  -10.291 1.00 29.38 ? 19  ARG A CG  1 
ATOM   145  C  CD  . ARG A 1 18  ? 5.670   -8.531  -10.253 1.00 35.57 ? 19  ARG A CD  1 
ATOM   146  N  NE  . ARG A 1 18  ? 6.709   -7.508  -10.096 1.00 37.52 ? 19  ARG A NE  1 
ATOM   147  C  CZ  . ARG A 1 18  ? 6.969   -6.883  -8.948  1.00 37.69 ? 19  ARG A CZ  1 
ATOM   148  N  NH1 . ARG A 1 18  ? 6.264   -7.179  -7.859  1.00 35.58 ? 19  ARG A NH1 1 
ATOM   149  N  NH2 . ARG A 1 18  ? 7.927   -5.960  -8.884  1.00 29.88 ? 19  ARG A NH2 1 
ATOM   150  N  N   . GLN A 1 19  ? 3.167   -4.159  -10.267 1.00 23.41 ? 20  GLN A N   1 
ATOM   151  C  CA  . GLN A 1 19  ? 2.992   -3.248  -9.141  1.00 21.05 ? 20  GLN A CA  1 
ATOM   152  C  C   . GLN A 1 19  ? 1.547   -2.774  -9.026  1.00 19.13 ? 20  GLN A C   1 
ATOM   153  O  O   . GLN A 1 19  ? 1.036   -2.604  -7.915  1.00 20.03 ? 20  GLN A O   1 
ATOM   154  C  CB  . GLN A 1 19  ? 3.934   -2.058  -9.278  1.00 20.47 ? 20  GLN A CB  1 
ATOM   155  C  CG  . GLN A 1 19  ? 4.036   -1.252  -8.002  1.00 20.82 ? 20  GLN A CG  1 
ATOM   156  C  CD  . GLN A 1 19  ? 4.582   -2.080  -6.858  1.00 21.59 ? 20  GLN A CD  1 
ATOM   157  O  OE1 . GLN A 1 19  ? 5.506   -2.861  -7.045  1.00 23.12 ? 20  GLN A OE1 1 
ATOM   158  N  NE2 . GLN A 1 19  ? 3.999   -1.930  -5.674  1.00 17.79 ? 20  GLN A NE2 1 
ATOM   159  N  N   . ILE A 1 20  ? 0.871   -2.559  -10.161 1.00 18.67 ? 21  ILE A N   1 
ATOM   160  C  CA  . ILE A 1 20  ? -0.526  -2.132  -10.132 1.00 19.27 ? 21  ILE A CA  1 
ATOM   161  C  C   . ILE A 1 20  ? -1.368  -3.133  -9.355  1.00 23.64 ? 21  ILE A C   1 
ATOM   162  O  O   . ILE A 1 20  ? -2.147  -2.765  -8.464  1.00 18.23 ? 21  ILE A O   1 
ATOM   163  C  CB  . ILE A 1 20  ? -1.062  -1.948  -11.564 1.00 20.14 ? 21  ILE A CB  1 
ATOM   164  C  CG1 . ILE A 1 20  ? -0.531  -0.653  -12.175 1.00 21.65 ? 21  ILE A CG1 1 
ATOM   165  C  CG2 . ILE A 1 20  ? -2.589  -1.952  -11.569 1.00 19.21 ? 21  ILE A CG2 1 
ATOM   166  C  CD1 . ILE A 1 20  ? -0.765  -0.540  -13.669 1.00 20.59 ? 21  ILE A CD1 1 
ATOM   167  N  N   . ASN A 1 21  ? -1.231  -4.419  -9.684  1.00 21.00 ? 22  ASN A N   1 
ATOM   168  C  CA  . ASN A 1 21  ? -2.006  -5.427  -8.971  1.00 19.71 ? 22  ASN A CA  1 
ATOM   169  C  C   . ASN A 1 21  ? -1.642  -5.452  -7.494  1.00 17.05 ? 22  ASN A C   1 
ATOM   170  O  O   . ASN A 1 21  ? -2.508  -5.643  -6.636  1.00 20.18 ? 22  ASN A O   1 
ATOM   171  C  CB  . ASN A 1 21  ? -1.788  -6.805  -9.598  1.00 19.73 ? 22  ASN A CB  1 
ATOM   172  C  CG  . ASN A 1 21  ? -2.727  -7.854  -9.021  1.00 21.24 ? 22  ASN A CG  1 
ATOM   173  O  OD1 . ASN A 1 21  ? -2.368  -8.563  -8.095  1.00 20.95 ? 22  ASN A OD1 1 
ATOM   174  N  ND2 . ASN A 1 21  ? -3.945  -7.933  -9.558  1.00 21.71 ? 22  ASN A ND2 1 
ATOM   175  N  N   . MET A 1 22  ? -0.362  -5.265  -7.171  1.00 19.04 ? 23  MET A N   1 
ATOM   176  C  CA  . MET A 1 22  ? 0.018   -5.241  -5.767  1.00 21.34 ? 23  MET A CA  1 
ATOM   177  C  C   . MET A 1 22  ? -0.601  -4.055  -5.032  1.00 20.22 ? 23  MET A C   1 
ATOM   178  O  O   . MET A 1 22  ? -1.030  -4.190  -3.876  1.00 22.17 ? 23  MET A O   1 
ATOM   179  C  CB  . MET A 1 22  ? 1.533   -5.223  -5.614  1.00 18.86 ? 23  MET A CB  1 
ATOM   180  C  CG  . MET A 1 22  ? 1.873   -5.168  -4.200  1.00 26.14 ? 23  MET A CG  1 
ATOM   181  S  SD  . MET A 1 22  ? 3.276   -6.040  -3.686  1.00 40.71 ? 23  MET A SD  1 
ATOM   182  C  CE  . MET A 1 22  ? 2.731   -6.310  -2.139  1.00 39.11 ? 23  MET A CE  1 
ATOM   183  N  N   . GLU A 1 23  ? -0.650  -2.880  -5.667  1.00 18.84 ? 24  GLU A N   1 
ATOM   184  C  CA  . GLU A 1 23  ? -1.294  -1.747  -5.003  1.00 20.94 ? 24  GLU A CA  1 
ATOM   185  C  C   . GLU A 1 23  ? -2.770  -2.038  -4.761  1.00 19.24 ? 24  GLU A C   1 
ATOM   186  O  O   . GLU A 1 23  ? -3.310  -1.723  -3.694  1.00 19.37 ? 24  GLU A O   1 
ATOM   187  C  CB  . GLU A 1 23  ? -1.127  -0.464  -5.825  1.00 17.21 ? 24  GLU A CB  1 
ATOM   188  C  CG  . GLU A 1 23  ? 0.317   -0.037  -6.113  1.00 17.79 ? 24  GLU A CG  1 
ATOM   189  C  CD  . GLU A 1 23  ? 1.091   0.398   -4.874  1.00 18.96 ? 24  GLU A CD  1 
ATOM   190  O  OE1 . GLU A 1 23  ? 0.475   0.728   -3.834  1.00 18.63 ? 24  GLU A OE1 1 
ATOM   191  O  OE2 . GLU A 1 23  ? 2.338   0.389   -4.944  1.00 20.29 ? 24  GLU A OE2 1 
ATOM   192  N  N   . LEU A 1 24  ? -3.436  -2.657  -5.741  1.00 21.01 ? 25  LEU A N   1 
ATOM   193  C  CA  . LEU A 1 24  ? -4.847  -3.004  -5.583  1.00 21.35 ? 25  LEU A CA  1 
ATOM   194  C  C   . LEU A 1 24  ? -5.031  -4.065  -4.507  1.00 19.63 ? 25  LEU A C   1 
ATOM   195  O  O   . LEU A 1 24  ? -6.019  -4.040  -3.762  1.00 19.73 ? 25  LEU A O   1 
ATOM   196  C  CB  . LEU A 1 24  ? -5.424  -3.485  -6.920  1.00 19.08 ? 25  LEU A CB  1 
ATOM   197  C  CG  . LEU A 1 24  ? -5.418  -2.454  -8.051  1.00 20.17 ? 25  LEU A CG  1 
ATOM   198  C  CD1 . LEU A 1 24  ? -5.839  -3.103  -9.381  1.00 18.20 ? 25  LEU A CD1 1 
ATOM   199  C  CD2 . LEU A 1 24  ? -6.322  -1.267  -7.705  1.00 24.25 ? 25  LEU A CD2 1 
ATOM   200  N  N   . TYR A 1 25  ? -4.087  -5.000  -4.405  1.00 19.70 ? 26  TYR A N   1 
ATOM   201  C  CA  . TYR A 1 25  ? -4.170  -5.997  -3.345  1.00 20.46 ? 26  TYR A CA  1 
ATOM   202  C  C   . TYR A 1 25  ? -4.119  -5.327  -1.975  1.00 19.53 ? 26  TYR A C   1 
ATOM   203  O  O   . TYR A 1 25  ? -4.926  -5.633  -1.089  1.00 20.87 ? 26  TYR A O   1 
ATOM   204  C  CB  . TYR A 1 25  ? -3.056  -7.030  -3.505  1.00 19.68 ? 26  TYR A CB  1 
ATOM   205  C  CG  . TYR A 1 25  ? -3.035  -8.064  -2.400  1.00 23.62 ? 26  TYR A CG  1 
ATOM   206  C  CD1 . TYR A 1 25  ? -3.805  -9.224  -2.486  1.00 21.17 ? 26  TYR A CD1 1 
ATOM   207  C  CD2 . TYR A 1 25  ? -2.258  -7.873  -1.265  1.00 18.84 ? 26  TYR A CD2 1 
ATOM   208  C  CE1 . TYR A 1 25  ? -3.790  -10.166 -1.460  1.00 23.78 ? 26  TYR A CE1 1 
ATOM   209  C  CE2 . TYR A 1 25  ? -2.239  -8.796  -0.241  1.00 22.18 ? 26  TYR A CE2 1 
ATOM   210  C  CZ  . TYR A 1 25  ? -3.003  -9.944  -0.341  1.00 23.77 ? 26  TYR A CZ  1 
ATOM   211  O  OH  . TYR A 1 25  ? -2.969  -10.864 0.688   1.00 22.38 ? 26  TYR A OH  1 
ATOM   212  N  N   . ALA A 1 26  ? -3.206  -4.373  -1.801  1.00 18.06 ? 27  ALA A N   1 
ATOM   213  C  CA  . ALA A 1 26  ? -3.135  -3.642  -0.539  1.00 17.65 ? 27  ALA A CA  1 
ATOM   214  C  C   . ALA A 1 26  ? -4.405  -2.834  -0.288  1.00 16.69 ? 27  ALA A C   1 
ATOM   215  O  O   . ALA A 1 26  ? -4.915  -2.800  0.836   1.00 20.31 ? 27  ALA A O   1 
ATOM   216  C  CB  . ALA A 1 26  ? -1.910  -2.727  -0.541  1.00 17.36 ? 27  ALA A CB  1 
ATOM   217  N  N   . CYS A 1 27  ? -4.917  -2.152  -1.315  1.00 17.76 ? 28  CYS A N   1 
ATOM   218  C  CA  . CYS A 1 27  ? -6.188  -1.434  -1.186  1.00 20.43 ? 28  CYS A CA  1 
ATOM   219  C  C   . CYS A 1 27  ? -7.283  -2.337  -0.613  1.00 18.79 ? 28  CYS A C   1 
ATOM   220  O  O   . CYS A 1 27  ? -7.967  -1.971  0.349   1.00 18.25 ? 28  CYS A O   1 
ATOM   221  C  CB  . CYS A 1 27  ? -6.599  -0.875  -2.554  1.00 17.12 ? 28  CYS A CB  1 
ATOM   222  S  SG  . CYS A 1 27  ? -8.258  -0.140  -2.682  1.00 20.70 ? 28  CYS A SG  1 
ATOM   223  N  N   . TYR A 1 28  ? -7.440  -3.535  -1.187  1.00 18.11 ? 29  TYR A N   1 
ATOM   224  C  CA  . TYR A 1 28  ? -8.489  -4.467  -0.764  1.00 19.62 ? 29  TYR A CA  1 
ATOM   225  C  C   . TYR A 1 28  ? -8.276  -4.939  0.675   1.00 18.59 ? 29  TYR A C   1 
ATOM   226  O  O   . TYR A 1 28  ? -9.228  -5.026  1.460   1.00 19.41 ? 29  TYR A O   1 
ATOM   227  C  CB  . TYR A 1 28  ? -8.518  -5.659  -1.731  1.00 15.43 ? 29  TYR A CB  1 
ATOM   228  C  CG  . TYR A 1 28  ? -9.825  -6.434  -1.842  1.00 19.24 ? 29  TYR A CG  1 
ATOM   229  C  CD1 . TYR A 1 28  ? -11.016 -5.929  -1.345  1.00 17.65 ? 29  TYR A CD1 1 
ATOM   230  C  CD2 . TYR A 1 28  ? -9.852  -7.686  -2.457  1.00 19.73 ? 29  TYR A CD2 1 
ATOM   231  C  CE1 . TYR A 1 28  ? -12.207 -6.648  -1.459  1.00 19.80 ? 29  TYR A CE1 1 
ATOM   232  C  CE2 . TYR A 1 28  ? -11.023 -8.411  -2.571  1.00 20.08 ? 29  TYR A CE2 1 
ATOM   233  C  CZ  . TYR A 1 28  ? -12.201 -7.890  -2.070  1.00 19.66 ? 29  TYR A CZ  1 
ATOM   234  O  OH  . TYR A 1 28  ? -13.370 -8.609  -2.190  1.00 18.61 ? 29  TYR A OH  1 
ATOM   235  N  N   . THR A 1 29  ? -7.029  -5.244  1.043   1.00 19.33 ? 30  THR A N   1 
ATOM   236  C  CA  . THR A 1 29  ? -6.743  -5.677  2.408   1.00 17.87 ? 30  THR A CA  1 
ATOM   237  C  C   . THR A 1 29  ? -7.077  -4.588  3.428   1.00 19.63 ? 30  THR A C   1 
ATOM   238  O  O   . THR A 1 29  ? -7.675  -4.870  4.473   1.00 19.16 ? 30  THR A O   1 
ATOM   239  C  CB  . THR A 1 29  ? -5.276  -6.100  2.520   1.00 18.76 ? 30  THR A CB  1 
ATOM   240  O  OG1 . THR A 1 29  ? -5.116  -7.394  1.924   1.00 25.76 ? 30  THR A OG1 1 
ATOM   241  C  CG2 . THR A 1 29  ? -4.813  -6.145  3.980   1.00 18.32 ? 30  THR A CG2 1 
ATOM   242  N  N   . TYR A 1 30  ? -6.710  -3.336  3.140   1.00 19.14 ? 31  TYR A N   1 
ATOM   243  C  CA  . TYR A 1 30  ? -7.038  -2.247  4.062   1.00 18.84 ? 31  TYR A CA  1 
ATOM   244  C  C   . TYR A 1 30  ? -8.541  -2.027  4.149   1.00 17.51 ? 31  TYR A C   1 
ATOM   245  O  O   . TYR A 1 30  ? -9.064  -1.696  5.218   1.00 19.66 ? 31  TYR A O   1 
ATOM   246  C  CB  . TYR A 1 30  ? -6.337  -0.961  3.630   1.00 19.06 ? 31  TYR A CB  1 
ATOM   247  C  CG  . TYR A 1 30  ? -4.863  -0.920  3.983   1.00 21.17 ? 31  TYR A CG  1 
ATOM   248  C  CD1 . TYR A 1 30  ? -4.412  -1.379  5.207   1.00 25.18 ? 31  TYR A CD1 1 
ATOM   249  C  CD2 . TYR A 1 30  ? -3.926  -0.427  3.084   1.00 20.46 ? 31  TYR A CD2 1 
ATOM   250  C  CE1 . TYR A 1 30  ? -3.058  -1.336  5.538   1.00 27.69 ? 31  TYR A CE1 1 
ATOM   251  C  CE2 . TYR A 1 30  ? -2.568  -0.380  3.404   1.00 18.42 ? 31  TYR A CE2 1 
ATOM   252  C  CZ  . TYR A 1 30  ? -2.148  -0.834  4.632   1.00 28.23 ? 31  TYR A CZ  1 
ATOM   253  O  OH  . TYR A 1 30  ? -0.814  -0.803  4.970   1.00 35.68 ? 31  TYR A OH  1 
ATOM   254  N  N   . GLN A 1 31  ? -9.249  -2.176  3.031   1.00 17.35 ? 32  GLN A N   1 
ATOM   255  C  CA  . GLN A 1 31  ? -10.703 -2.059  3.061   1.00 19.36 ? 32  GLN A CA  1 
ATOM   256  C  C   . GLN A 1 31  ? -11.311 -3.130  3.959   1.00 21.16 ? 32  GLN A C   1 
ATOM   257  O  O   . GLN A 1 31  ? -12.241 -2.856  4.723   1.00 20.66 ? 32  GLN A O   1 
ATOM   258  C  CB  . GLN A 1 31  ? -11.252 -2.168  1.637   1.00 23.27 ? 32  GLN A CB  1 
ATOM   259  C  CG  . GLN A 1 31  ? -12.681 -1.701  1.423   1.00 24.89 ? 32  GLN A CG  1 
ATOM   260  C  CD  . GLN A 1 31  ? -13.073 -1.817  -0.046  1.00 38.04 ? 32  GLN A CD  1 
ATOM   261  O  OE1 . GLN A 1 31  ? -13.021 -2.906  -0.630  1.00 41.25 ? 32  GLN A OE1 1 
ATOM   262  N  NE2 . GLN A 1 31  ? -13.416 -0.694  -0.663  1.00 34.85 ? 32  GLN A NE2 1 
ATOM   263  N  N   . SER A 1 32  ? -10.796 -4.359  3.872   1.00 21.54 ? 33  SER A N   1 
ATOM   264  C  CA  . SER A 1 32  ? -11.251 -5.416  4.769   1.00 20.44 ? 33  SER A CA  1 
ATOM   265  C  C   . SER A 1 32  ? -11.030 -5.025  6.220   1.00 19.93 ? 33  SER A C   1 
ATOM   266  O  O   . SER A 1 32  ? -11.918 -5.193  7.061   1.00 20.17 ? 33  SER A O   1 
ATOM   267  C  CB  . SER A 1 32  ? -10.523 -6.725  4.460   1.00 20.13 ? 33  SER A CB  1 
ATOM   268  O  OG  . SER A 1 32  ? -10.860 -7.715  5.416   1.00 20.89 ? 33  SER A OG  1 
ATOM   269  N  N   . MET A 1 33  ? -9.833  -4.512  6.536   1.00 20.25 ? 34  MET A N   1 
ATOM   270  C  CA  . MET A 1 33  ? -9.549  -4.088  7.903   1.00 20.50 ? 34  MET A CA  1 
ATOM   271  C  C   . MET A 1 33  ? -10.509 -2.999  8.355   1.00 19.02 ? 34  MET A C   1 
ATOM   272  O  O   . MET A 1 33  ? -11.003 -3.030  9.488   1.00 21.54 ? 34  MET A O   1 
ATOM   273  C  CB  . MET A 1 33  ? -8.106  -3.597  8.021   1.00 22.00 ? 34  MET A CB  1 
ATOM   274  C  CG  . MET A 1 33  ? -7.076  -4.694  7.902   1.00 22.51 ? 34  MET A CG  1 
ATOM   275  S  SD  . MET A 1 33  ? -5.415  -4.035  8.132   1.00 26.10 ? 34  MET A SD  1 
ATOM   276  C  CE  . MET A 1 33  ? -4.484  -5.542  8.089   1.00 26.16 ? 34  MET A CE  1 
ATOM   277  N  N   . ALA A 1 34  ? -10.798 -2.042  7.470   1.00 19.71 ? 35  ALA A N   1 
ATOM   278  C  CA  . ALA A 1 34  ? -11.689 -0.938  7.815   1.00 21.21 ? 35  ALA A CA  1 
ATOM   279  C  C   . ALA A 1 34  ? -13.045 -1.445  8.278   1.00 20.39 ? 35  ALA A C   1 
ATOM   280  O  O   . ALA A 1 34  ? -13.582 -0.982  9.292   1.00 20.36 ? 35  ALA A O   1 
ATOM   281  C  CB  . ALA A 1 34  ? -11.846 0.005   6.616   1.00 18.27 ? 35  ALA A CB  1 
ATOM   282  N  N   . TYR A 1 35  ? -13.622 -2.399  7.550   1.00 20.12 ? 36  TYR A N   1 
ATOM   283  C  CA  . TYR A 1 35  ? -14.951 -2.851  7.923   1.00 21.85 ? 36  TYR A CA  1 
ATOM   284  C  C   . TYR A 1 35  ? -14.917 -3.950  8.973   1.00 20.95 ? 36  TYR A C   1 
ATOM   285  O  O   . TYR A 1 35  ? -15.919 -4.156  9.657   1.00 20.72 ? 36  TYR A O   1 
ATOM   286  C  CB  . TYR A 1 35  ? -15.751 -3.233  6.662   1.00 20.78 ? 36  TYR A CB  1 
ATOM   287  C  CG  . TYR A 1 35  ? -16.150 -1.943  5.972   1.00 23.54 ? 36  TYR A CG  1 
ATOM   288  C  CD1 . TYR A 1 35  ? -17.248 -1.206  6.418   1.00 25.47 ? 36  TYR A CD1 1 
ATOM   289  C  CD2 . TYR A 1 35  ? -15.363 -1.397  4.969   1.00 23.39 ? 36  TYR A CD2 1 
ATOM   290  C  CE1 . TYR A 1 35  ? -17.572 0.017   5.840   1.00 26.23 ? 36  TYR A CE1 1 
ATOM   291  C  CE2 . TYR A 1 35  ? -15.682 -0.169  4.382   1.00 25.46 ? 36  TYR A CE2 1 
ATOM   292  C  CZ  . TYR A 1 35  ? -16.780 0.526   4.823   1.00 28.47 ? 36  TYR A CZ  1 
ATOM   293  O  OH  . TYR A 1 35  ? -17.089 1.730   4.239   1.00 36.51 ? 36  TYR A OH  1 
ATOM   294  N  N   . TYR A 1 36  ? -13.767 -4.601  9.171   1.00 23.28 ? 37  TYR A N   1 
ATOM   295  C  CA  . TYR A 1 36  ? -13.595 -5.429  10.360  1.00 20.81 ? 37  TYR A CA  1 
ATOM   296  C  C   . TYR A 1 36  ? -13.697 -4.584  11.624  1.00 20.72 ? 37  TYR A C   1 
ATOM   297  O  O   . TYR A 1 36  ? -14.382 -4.956  12.583  1.00 17.73 ? 37  TYR A O   1 
ATOM   298  C  CB  . TYR A 1 36  ? -12.255 -6.170  10.311  1.00 20.24 ? 37  TYR A CB  1 
ATOM   299  C  CG  . TYR A 1 36  ? -11.869 -6.791  11.641  1.00 20.06 ? 37  TYR A CG  1 
ATOM   300  C  CD1 . TYR A 1 36  ? -12.454 -7.971  12.072  1.00 20.97 ? 37  TYR A CD1 1 
ATOM   301  C  CD2 . TYR A 1 36  ? -10.930 -6.190  12.463  1.00 19.89 ? 37  TYR A CD2 1 
ATOM   302  C  CE1 . TYR A 1 36  ? -12.118 -8.531  13.283  1.00 20.19 ? 37  TYR A CE1 1 
ATOM   303  C  CE2 . TYR A 1 36  ? -10.583 -6.744  13.676  1.00 18.72 ? 37  TYR A CE2 1 
ATOM   304  C  CZ  . TYR A 1 36  ? -11.184 -7.912  14.085  1.00 22.60 ? 37  TYR A CZ  1 
ATOM   305  O  OH  . TYR A 1 36  ? -10.840 -8.466  15.298  1.00 22.19 ? 37  TYR A OH  1 
ATOM   306  N  N   . PHE A 1 37  ? -13.035 -3.422  11.641  1.00 20.08 ? 38  PHE A N   1 
ATOM   307  C  CA  . PHE A 1 37  ? -13.093 -2.595  12.842  1.00 18.65 ? 38  PHE A CA  1 
ATOM   308  C  C   . PHE A 1 37  ? -14.435 -1.888  13.001  1.00 19.25 ? 38  PHE A C   1 
ATOM   309  O  O   . PHE A 1 37  ? -14.702 -1.330  14.072  1.00 19.67 ? 38  PHE A O   1 
ATOM   310  C  CB  . PHE A 1 37  ? -11.906 -1.621  12.840  1.00 18.08 ? 38  PHE A CB  1 
ATOM   311  C  CG  . PHE A 1 37  ? -10.604 -2.290  13.214  1.00 19.05 ? 38  PHE A CG  1 
ATOM   312  C  CD1 . PHE A 1 37  ? -10.362 -2.666  14.530  1.00 17.74 ? 38  PHE A CD1 1 
ATOM   313  C  CD2 . PHE A 1 37  ? -9.654  -2.585  12.257  1.00 17.62 ? 38  PHE A CD2 1 
ATOM   314  C  CE1 . PHE A 1 37  ? -9.196  -3.307  14.884  1.00 19.22 ? 38  PHE A CE1 1 
ATOM   315  C  CE2 . PHE A 1 37  ? -8.471  -3.224  12.603  1.00 20.21 ? 38  PHE A CE2 1 
ATOM   316  C  CZ  . PHE A 1 37  ? -8.244  -3.590  13.923  1.00 21.60 ? 38  PHE A CZ  1 
ATOM   317  N  N   . ASP A 1 38  ? -15.295 -1.943  11.981  1.00 20.52 ? 39  ASP A N   1 
ATOM   318  C  CA  . ASP A 1 38  ? -16.660 -1.426  12.030  1.00 19.18 ? 39  ASP A CA  1 
ATOM   319  C  C   . ASP A 1 38  ? -17.670 -2.464  12.533  1.00 20.73 ? 39  ASP A C   1 
ATOM   320  O  O   . ASP A 1 38  ? -18.847 -2.127  12.718  1.00 18.80 ? 39  ASP A O   1 
ATOM   321  C  CB  . ASP A 1 38  ? -17.038 -0.911  10.625  1.00 19.04 ? 39  ASP A CB  1 
ATOM   322  C  CG  . ASP A 1 38  ? -18.461 -0.376  10.538  1.00 25.16 ? 39  ASP A CG  1 
ATOM   323  O  OD1 . ASP A 1 38  ? -18.748 0.680   11.151  1.00 20.82 ? 39  ASP A OD1 1 
ATOM   324  O  OD2 . ASP A 1 38  ? -19.286 -1.021  9.845   1.00 24.14 ? 39  ASP A OD2 1 
ATOM   325  N  N   . ARG A 1 39  ? -17.235 -3.709  12.768  1.00 21.01 ? 40  ARG A N   1 
ATOM   326  C  CA  . ARG A 1 39  ? -18.102 -4.726  13.364  1.00 18.83 ? 40  ARG A CA  1 
ATOM   327  C  C   . ARG A 1 39  ? -18.580 -4.282  14.739  1.00 18.91 ? 40  ARG A C   1 
ATOM   328  O  O   . ARG A 1 39  ? -17.840 -3.649  15.495  1.00 19.87 ? 40  ARG A O   1 
ATOM   329  C  CB  . ARG A 1 39  ? -17.353 -6.056  13.496  1.00 18.67 ? 40  ARG A CB  1 
ATOM   330  C  CG  . ARG A 1 39  ? -17.084 -6.760  12.181  1.00 21.46 ? 40  ARG A CG  1 
ATOM   331  C  CD  . ARG A 1 39  ? -16.176 -7.988  12.337  1.00 18.50 ? 40  ARG A CD  1 
ATOM   332  N  NE  . ARG A 1 39  ? -16.561 -8.869  13.440  1.00 21.85 ? 40  ARG A NE  1 
ATOM   333  C  CZ  . ARG A 1 39  ? -16.186 -10.144 13.545  1.00 25.56 ? 40  ARG A CZ  1 
ATOM   334  N  NH1 . ARG A 1 39  ? -15.437 -10.694 12.598  1.00 19.86 ? 40  ARG A NH1 1 
ATOM   335  N  NH2 . ARG A 1 39  ? -16.572 -10.874 14.584  1.00 20.96 ? 40  ARG A NH2 1 
ATOM   336  N  N   . ASP A 1 40  ? -19.821 -4.650  15.071  1.00 19.21 ? 41  ASP A N   1 
ATOM   337  C  CA  . ASP A 1 40  ? -20.382 -4.278  16.368  1.00 21.10 ? 41  ASP A CA  1 
ATOM   338  C  C   . ASP A 1 40  ? -19.623 -4.921  17.525  1.00 21.65 ? 41  ASP A C   1 
ATOM   339  O  O   . ASP A 1 40  ? -19.612 -4.374  18.637  1.00 19.81 ? 41  ASP A O   1 
ATOM   340  C  CB  . ASP A 1 40  ? -21.860 -4.655  16.438  1.00 18.58 ? 41  ASP A CB  1 
ATOM   341  C  CG  . ASP A 1 40  ? -22.077 -6.135  16.728  1.00 20.88 ? 41  ASP A CG  1 
ATOM   342  O  OD1 . ASP A 1 40  ? -22.164 -6.925  15.774  1.00 24.78 ? 41  ASP A OD1 1 
ATOM   343  O  OD2 . ASP A 1 40  ? -22.169 -6.510  17.911  1.00 21.54 ? 41  ASP A OD2 1 
ATOM   344  N  N   . ASP A 1 41  ? -18.984 -6.068  17.293  1.00 20.18 ? 42  ASP A N   1 
ATOM   345  C  CA  . ASP A 1 41  ? -18.212 -6.736  18.332  1.00 21.78 ? 42  ASP A CA  1 
ATOM   346  C  C   . ASP A 1 41  ? -16.741 -6.345  18.298  1.00 24.82 ? 42  ASP A C   1 
ATOM   347  O  O   . ASP A 1 41  ? -15.931 -6.954  18.999  1.00 21.16 ? 42  ASP A O   1 
ATOM   348  C  CB  . ASP A 1 41  ? -18.360 -8.259  18.225  1.00 25.09 ? 42  ASP A CB  1 
ATOM   349  C  CG  . ASP A 1 41  ? -17.983 -8.796  16.858  1.00 25.21 ? 42  ASP A CG  1 
ATOM   350  O  OD1 . ASP A 1 41  ? -17.571 -8.013  15.982  1.00 22.76 ? 42  ASP A OD1 1 
ATOM   351  O  OD2 . ASP A 1 41  ? -18.071 -10.022 16.663  1.00 27.40 ? 42  ASP A OD2 1 
ATOM   352  N  N   . VAL A 1 42  ? -16.378 -5.350  17.488  1.00 23.07 ? 43  VAL A N   1 
ATOM   353  C  CA  . VAL A 1 42  ? -15.020 -4.816  17.475  1.00 20.27 ? 43  VAL A CA  1 
ATOM   354  C  C   . VAL A 1 42  ? -15.104 -3.342  17.857  1.00 19.72 ? 43  VAL A C   1 
ATOM   355  O  O   . VAL A 1 42  ? -14.550 -2.925  18.879  1.00 21.20 ? 43  VAL A O   1 
ATOM   356  C  CB  . VAL A 1 42  ? -14.355 -5.041  16.106  1.00 22.22 ? 43  VAL A CB  1 
ATOM   357  C  CG1 . VAL A 1 42  ? -12.955 -4.457  16.090  1.00 20.59 ? 43  VAL A CG1 1 
ATOM   358  C  CG2 . VAL A 1 42  ? -14.311 -6.538  15.809  1.00 21.23 ? 43  VAL A CG2 1 
ATOM   359  N  N   . ALA A 1 43  ? -15.843 -2.564  17.070  1.00 18.73 ? 44  ALA A N   1 
ATOM   360  C  CA  . ALA A 1 43  ? -16.294 -1.225  17.461  1.00 22.73 ? 44  ALA A CA  1 
ATOM   361  C  C   . ALA A 1 43  ? -15.119 -0.292  17.756  1.00 20.72 ? 44  ALA A C   1 
ATOM   362  O  O   . ALA A 1 43  ? -15.064 0.358   18.803  1.00 20.94 ? 44  ALA A O   1 
ATOM   363  C  CB  . ALA A 1 43  ? -17.245 -1.298  18.661  1.00 18.27 ? 44  ALA A CB  1 
ATOM   364  N  N   . LEU A 1 44  ? -14.167 -0.229  16.818  1.00 19.19 ? 45  LEU A N   1 
ATOM   365  C  CA  . LEU A 1 44  ? -13.001 0.644   16.936  1.00 18.51 ? 45  LEU A CA  1 
ATOM   366  C  C   . LEU A 1 44  ? -13.038 1.612   15.759  1.00 19.26 ? 45  LEU A C   1 
ATOM   367  O  O   . LEU A 1 44  ? -12.395 1.383   14.725  1.00 21.37 ? 45  LEU A O   1 
ATOM   368  C  CB  . LEU A 1 44  ? -11.702 -0.156  16.986  1.00 17.50 ? 45  LEU A CB  1 
ATOM   369  C  CG  . LEU A 1 44  ? -11.476 -0.888  18.312  1.00 20.04 ? 45  LEU A CG  1 
ATOM   370  C  CD1 . LEU A 1 44  ? -10.304 -1.845  18.218  1.00 20.42 ? 45  LEU A CD1 1 
ATOM   371  C  CD2 . LEU A 1 44  ? -11.269 0.100   19.454  1.00 18.64 ? 45  LEU A CD2 1 
ATOM   372  N  N   . PRO A 1 45  ? -13.792 2.705   15.884  1.00 22.66 ? 46  PRO A N   1 
ATOM   373  C  CA  . PRO A 1 45  ? -14.024 3.565   14.711  1.00 20.26 ? 46  PRO A CA  1 
ATOM   374  C  C   . PRO A 1 45  ? -12.799 4.343   14.266  1.00 19.43 ? 46  PRO A C   1 
ATOM   375  O  O   . PRO A 1 45  ? -12.736 4.736   13.094  1.00 18.36 ? 46  PRO A O   1 
ATOM   376  C  CB  . PRO A 1 45  ? -15.152 4.498   15.176  1.00 23.81 ? 46  PRO A CB  1 
ATOM   377  C  CG  . PRO A 1 45  ? -15.028 4.520   16.679  1.00 21.24 ? 46  PRO A CG  1 
ATOM   378  C  CD  . PRO A 1 45  ? -14.517 3.164   17.083  1.00 19.32 ? 46  PRO A CD  1 
ATOM   379  N  N   . GLY A 1 46  ? -11.827 4.580   15.149  1.00 18.88 ? 47  GLY A N   1 
ATOM   380  C  CA  . GLY A 1 46  ? -10.603 5.235   14.720  1.00 20.06 ? 47  GLY A CA  1 
ATOM   381  C  C   . GLY A 1 46  ? -9.724  4.314   13.898  1.00 20.51 ? 47  GLY A C   1 
ATOM   382  O  O   . GLY A 1 46  ? -9.193  4.711   12.858  1.00 19.06 ? 47  GLY A O   1 
ATOM   383  N  N   . PHE A 1 47  ? -9.560  3.068   14.350  1.00 17.71 ? 48  PHE A N   1 
ATOM   384  C  CA  . PHE A 1 47  ? -8.874  2.084   13.519  1.00 20.93 ? 48  PHE A CA  1 
ATOM   385  C  C   . PHE A 1 47  ? -9.581  1.919   12.177  1.00 20.64 ? 48  PHE A C   1 
ATOM   386  O  O   . PHE A 1 47  ? -8.933  1.877   11.124  1.00 20.39 ? 48  PHE A O   1 
ATOM   387  C  CB  . PHE A 1 47  ? -8.769  0.748   14.261  1.00 18.32 ? 48  PHE A CB  1 
ATOM   388  C  CG  . PHE A 1 47  ? -7.650  0.711   15.277  1.00 20.10 ? 48  PHE A CG  1 
ATOM   389  C  CD1 . PHE A 1 47  ? -6.378  0.317   14.906  1.00 19.81 ? 48  PHE A CD1 1 
ATOM   390  C  CD2 . PHE A 1 47  ? -7.875  1.070   16.592  1.00 19.50 ? 48  PHE A CD2 1 
ATOM   391  C  CE1 . PHE A 1 47  ? -5.343  0.297   15.822  1.00 20.04 ? 48  PHE A CE1 1 
ATOM   392  C  CE2 . PHE A 1 47  ? -6.853  1.047   17.517  1.00 18.92 ? 48  PHE A CE2 1 
ATOM   393  C  CZ  . PHE A 1 47  ? -5.586  0.657   17.135  1.00 18.94 ? 48  PHE A CZ  1 
ATOM   394  N  N   . SER A 1 48  ? -10.912 1.847   12.194  1.00 22.45 ? 49  SER A N   1 
ATOM   395  C  CA  . SER A 1 48  ? -11.666 1.777   10.949  1.00 19.70 ? 49  SER A CA  1 
ATOM   396  C  C   . SER A 1 48  ? -11.321 2.939   10.024  1.00 23.02 ? 49  SER A C   1 
ATOM   397  O  O   . SER A 1 48  ? -11.057 2.746   8.830   1.00 19.29 ? 49  SER A O   1 
ATOM   398  C  CB  . SER A 1 48  ? -13.157 1.767   11.248  1.00 18.70 ? 49  SER A CB  1 
ATOM   399  O  OG  . SER A 1 48  ? -13.879 1.502   10.065  1.00 21.10 ? 49  SER A OG  1 
ATOM   400  N  N   . LYS A 1 49  ? -11.329 4.159   10.567  1.00 22.56 ? 50  LYS A N   1 
ATOM   401  C  CA  . LYS A 1 49  ? -11.002 5.344   9.773   1.00 20.89 ? 50  LYS A CA  1 
ATOM   402  C  C   . LYS A 1 49  ? -9.583  5.275   9.223   1.00 18.99 ? 50  LYS A C   1 
ATOM   403  O  O   . LYS A 1 49  ? -9.349  5.599   8.056   1.00 20.59 ? 50  LYS A O   1 
ATOM   404  C  CB  . LYS A 1 49  ? -11.182 6.603   10.628  1.00 20.20 ? 50  LYS A CB  1 
ATOM   405  C  CG  . LYS A 1 49  ? -10.647 7.892   10.010  1.00 24.87 ? 50  LYS A CG  1 
ATOM   406  C  CD  . LYS A 1 49  ? -10.808 9.091   10.972  1.00 25.11 ? 50  LYS A CD  1 
ATOM   407  C  CE  . LYS A 1 49  ? -12.272 9.485   11.151  1.00 29.68 ? 50  LYS A CE  1 
ATOM   408  N  NZ  . LYS A 1 49  ? -12.438 10.593  12.132  1.00 32.89 ? 50  LYS A NZ  1 
ATOM   409  N  N   . PHE A 1 50  ? -8.615  4.870   10.056  1.00 21.24 ? 51  PHE A N   1 
ATOM   410  C  CA  . PHE A 1 50  ? -7.229  4.804   9.599   1.00 20.81 ? 51  PHE A CA  1 
ATOM   411  C  C   . PHE A 1 50  ? -7.082  3.858   8.413   1.00 21.26 ? 51  PHE A C   1 
ATOM   412  O  O   . PHE A 1 50  ? -6.391  4.174   7.440   1.00 18.46 ? 51  PHE A O   1 
ATOM   413  C  CB  . PHE A 1 50  ? -6.301  4.360   10.733  1.00 18.14 ? 51  PHE A CB  1 
ATOM   414  C  CG  . PHE A 1 50  ? -4.869  4.141   10.289  1.00 20.58 ? 51  PHE A CG  1 
ATOM   415  C  CD1 . PHE A 1 50  ? -3.983  5.208   10.200  1.00 21.65 ? 51  PHE A CD1 1 
ATOM   416  C  CD2 . PHE A 1 50  ? -4.411  2.877   9.953   1.00 20.53 ? 51  PHE A CD2 1 
ATOM   417  C  CE1 . PHE A 1 50  ? -2.663  5.016   9.770   1.00 20.37 ? 51  PHE A CE1 1 
ATOM   418  C  CE2 . PHE A 1 50  ? -3.096  2.678   9.533   1.00 21.65 ? 51  PHE A CE2 1 
ATOM   419  C  CZ  . PHE A 1 50  ? -2.221  3.751   9.441   1.00 21.46 ? 51  PHE A CZ  1 
ATOM   420  N  N   . PHE A 1 51  ? -7.723  2.691   8.472   1.00 20.53 ? 52  PHE A N   1 
ATOM   421  C  CA  . PHE A 1 51  ? -7.540  1.735   7.387   1.00 21.31 ? 52  PHE A CA  1 
ATOM   422  C  C   . PHE A 1 51  ? -8.394  2.076   6.175   1.00 20.49 ? 52  PHE A C   1 
ATOM   423  O  O   . PHE A 1 51  ? -7.983  1.806   5.041   1.00 22.81 ? 52  PHE A O   1 
ATOM   424  C  CB  . PHE A 1 51  ? -7.806  0.318   7.891   1.00 19.98 ? 52  PHE A CB  1 
ATOM   425  C  CG  . PHE A 1 51  ? -6.737  -0.176  8.826   1.00 19.51 ? 52  PHE A CG  1 
ATOM   426  C  CD1 . PHE A 1 51  ? -5.418  -0.240  8.407   1.00 22.66 ? 52  PHE A CD1 1 
ATOM   427  C  CD2 . PHE A 1 51  ? -7.037  -0.532  10.128  1.00 18.42 ? 52  PHE A CD2 1 
ATOM   428  C  CE1 . PHE A 1 51  ? -4.412  -0.675  9.266   1.00 23.31 ? 52  PHE A CE1 1 
ATOM   429  C  CE2 . PHE A 1 51  ? -6.036  -0.965  10.997  1.00 19.98 ? 52  PHE A CE2 1 
ATOM   430  C  CZ  . PHE A 1 51  ? -4.729  -1.038  10.565  1.00 22.41 ? 52  PHE A CZ  1 
ATOM   431  N  N   . LYS A 1 52  ? -9.566  2.675   6.380   1.00 21.67 ? 53  LYS A N   1 
ATOM   432  C  CA  . LYS A 1 52  ? -10.306 3.242   5.257   1.00 21.27 ? 53  LYS A CA  1 
ATOM   433  C  C   . LYS A 1 52  ? -9.442  4.241   4.489   1.00 21.92 ? 53  LYS A C   1 
ATOM   434  O  O   . LYS A 1 52  ? -9.333  4.176   3.257   1.00 20.20 ? 53  LYS A O   1 
ATOM   435  C  CB  . LYS A 1 52  ? -11.589 3.901   5.765   1.00 23.56 ? 53  LYS A CB  1 
ATOM   436  C  CG  . LYS A 1 52  ? -12.332 4.760   4.742   1.00 28.43 ? 53  LYS A CG  1 
ATOM   437  C  CD  . LYS A 1 52  ? -12.511 4.088   3.382   1.00 38.05 ? 53  LYS A CD  1 
ATOM   438  C  CE  . LYS A 1 52  ? -13.466 4.897   2.504   1.00 38.46 ? 53  LYS A CE  1 
ATOM   439  N  NZ  . LYS A 1 52  ? -13.546 4.374   1.110   1.00 32.01 ? 53  LYS A NZ  1 
ATOM   440  N  N   . ASN A 1 53  ? -8.809  5.169   5.210   1.00 23.08 ? 54  ASN A N   1 
ATOM   441  C  CA  . ASN A 1 53  ? -7.926  6.139   4.560   1.00 20.34 ? 54  ASN A CA  1 
ATOM   442  C  C   . ASN A 1 53  ? -6.741  5.449   3.884   1.00 20.78 ? 54  ASN A C   1 
ATOM   443  O  O   . ASN A 1 53  ? -6.363  5.813   2.764   1.00 20.64 ? 54  ASN A O   1 
ATOM   444  C  CB  . ASN A 1 53  ? -7.454  7.186   5.583   1.00 22.07 ? 54  ASN A CB  1 
ATOM   445  C  CG  . ASN A 1 53  ? -8.568  8.178   5.968   1.00 35.77 ? 54  ASN A CG  1 
ATOM   446  O  OD1 . ASN A 1 53  ? -9.516  8.384   5.204   1.00 40.64 ? 54  ASN A OD1 1 
ATOM   447  N  ND2 . ASN A 1 53  ? -8.447  8.804   7.143   1.00 35.26 ? 54  ASN A ND2 1 
ATOM   448  N  N   . SER A 1 54  ? -6.143  4.451   4.546   1.00 17.87 ? 55  SER A N   1 
ATOM   449  C  CA  . SER A 1 54  ? -5.068  3.685   3.915   1.00 20.99 ? 55  SER A CA  1 
ATOM   450  C  C   . SER A 1 54  ? -5.537  3.039   2.614   1.00 21.52 ? 55  SER A C   1 
ATOM   451  O  O   . SER A 1 54  ? -4.816  3.052   1.609   1.00 18.57 ? 55  SER A O   1 
ATOM   452  C  CB  . SER A 1 54  ? -4.544  2.612   4.874   1.00 20.62 ? 55  SER A CB  1 
ATOM   453  O  OG  . SER A 1 54  ? -4.033  3.183   6.063   1.00 21.44 ? 55  SER A OG  1 
ATOM   454  N  N   . SER A 1 55  ? -6.753  2.484   2.613   1.00 19.70 ? 56  SER A N   1 
ATOM   455  C  CA  . SER A 1 55  ? -7.291  1.846   1.415   1.00 19.57 ? 56  SER A CA  1 
ATOM   456  C  C   . SER A 1 55  ? -7.481  2.847   0.278   1.00 20.82 ? 56  SER A C   1 
ATOM   457  O  O   . SER A 1 55  ? -7.159  2.552   -0.880  1.00 20.88 ? 56  SER A O   1 
ATOM   458  C  CB  . SER A 1 55  ? -8.613  1.153   1.746   1.00 19.12 ? 56  SER A CB  1 
ATOM   459  O  OG  . SER A 1 55  ? -9.219  0.653   0.577   1.00 20.26 ? 56  SER A OG  1 
ATOM   460  N  N   . ASP A 1 56  ? -8.026  4.029   0.582   1.00 21.07 ? 57  ASP A N   1 
ATOM   461  C  CA  . ASP A 1 56  ? -8.174  5.058   -0.450  1.00 21.70 ? 57  ASP A CA  1 
ATOM   462  C  C   . ASP A 1 56  ? -6.827  5.436   -1.043  1.00 21.46 ? 57  ASP A C   1 
ATOM   463  O  O   . ASP A 1 56  ? -6.704  5.634   -2.256  1.00 20.05 ? 57  ASP A O   1 
ATOM   464  C  CB  . ASP A 1 56  ? -8.846  6.306   0.121   1.00 19.89 ? 57  ASP A CB  1 
ATOM   465  C  CG  . ASP A 1 56  ? -10.273 6.064   0.581   1.00 26.37 ? 57  ASP A CG  1 
ATOM   466  O  OD1 . ASP A 1 56  ? -10.902 5.067   0.167   1.00 26.48 ? 57  ASP A OD1 1 
ATOM   467  O  OD2 . ASP A 1 56  ? -10.769 6.897   1.364   1.00 26.97 ? 57  ASP A OD2 1 
ATOM   468  N  N   . GLU A 1 57  ? -5.800  5.558   -0.199  1.00 21.99 ? 58  GLU A N   1 
ATOM   469  C  CA  . GLU A 1 57  ? -4.491  5.954   -0.708  1.00 23.31 ? 58  GLU A CA  1 
ATOM   470  C  C   . GLU A 1 57  ? -3.894  4.877   -1.610  1.00 22.21 ? 58  GLU A C   1 
ATOM   471  O  O   . GLU A 1 57  ? -3.325  5.190   -2.660  1.00 21.19 ? 58  GLU A O   1 
ATOM   472  C  CB  . GLU A 1 57  ? -3.560  6.291   0.455   1.00 19.84 ? 58  GLU A CB  1 
ATOM   473  C  CG  . GLU A 1 57  ? -3.952  7.602   1.141   1.00 26.22 ? 58  GLU A CG  1 
ATOM   474  C  CD  . GLU A 1 57  ? -2.961  8.051   2.202   1.00 29.30 ? 58  GLU A CD  1 
ATOM   475  O  OE1 . GLU A 1 57  ? -1.950  7.357   2.422   1.00 34.44 ? 58  GLU A OE1 1 
ATOM   476  O  OE2 . GLU A 1 57  ? -3.209  9.100   2.830   1.00 35.30 ? 58  GLU A OE2 1 
ATOM   477  N  N   . GLU A 1 58  ? -4.031  3.603   -1.232  1.00 21.74 ? 59  GLU A N   1 
ATOM   478  C  CA  . GLU A 1 58  ? -3.536  2.531   -2.090  1.00 17.44 ? 59  GLU A CA  1 
ATOM   479  C  C   . GLU A 1 58  ? -4.250  2.536   -3.436  1.00 20.46 ? 59  GLU A C   1 
ATOM   480  O  O   . GLU A 1 58  ? -3.634  2.286   -4.479  1.00 20.94 ? 59  GLU A O   1 
ATOM   481  C  CB  . GLU A 1 58  ? -3.698  1.174   -1.398  1.00 18.26 ? 59  GLU A CB  1 
ATOM   482  C  CG  . GLU A 1 58  ? -2.894  1.000   -0.083  1.00 17.31 ? 59  GLU A CG  1 
ATOM   483  C  CD  . GLU A 1 58  ? -1.380  1.101   -0.269  1.00 20.29 ? 59  GLU A CD  1 
ATOM   484  O  OE1 . GLU A 1 58  ? -0.896  0.903   -1.400  1.00 24.75 ? 59  GLU A OE1 1 
ATOM   485  O  OE2 . GLU A 1 58  ? -0.660  1.384   0.721   1.00 29.33 ? 59  GLU A OE2 1 
ATOM   486  N  N   . ARG A 1 59  ? -5.552  2.821   -3.438  1.00 19.64 ? 60  ARG A N   1 
ATOM   487  C  CA  . ARG A 1 59  ? -6.250  2.955   -4.710  1.00 19.77 ? 60  ARG A CA  1 
ATOM   488  C  C   . ARG A 1 59  ? -5.644  4.073   -5.545  1.00 22.64 ? 60  ARG A C   1 
ATOM   489  O  O   . ARG A 1 59  ? -5.513  3.940   -6.767  1.00 18.69 ? 60  ARG A O   1 
ATOM   490  C  CB  . ARG A 1 59  ? -7.736  3.206   -4.486  1.00 23.00 ? 60  ARG A CB  1 
ATOM   491  C  CG  . ARG A 1 59  ? -8.544  3.275   -5.788  1.00 26.15 ? 60  ARG A CG  1 
ATOM   492  C  CD  . ARG A 1 59  ? -10.018 3.069   -5.504  1.00 31.36 ? 60  ARG A CD  1 
ATOM   493  N  NE  . ARG A 1 59  ? -10.811 2.908   -6.722  1.00 30.84 ? 60  ARG A NE  1 
ATOM   494  C  CZ  . ARG A 1 59  ? -11.591 3.864   -7.205  1.00 29.71 ? 60  ARG A CZ  1 
ATOM   495  N  NH1 . ARG A 1 59  ? -12.293 3.673   -8.315  1.00 30.82 ? 60  ARG A NH1 1 
ATOM   496  N  NH2 . ARG A 1 59  ? -11.658 5.021   -6.566  1.00 33.59 ? 60  ARG A NH2 1 
ATOM   497  N  N   . GLU A 1 60  ? -5.255  5.183   -4.897  1.00 20.31 ? 61  GLU A N   1 
ATOM   498  C  CA  . GLU A 1 60  ? -4.604  6.269   -5.625  1.00 21.03 ? 61  GLU A CA  1 
ATOM   499  C  C   . GLU A 1 60  ? -3.245  5.834   -6.155  1.00 20.54 ? 61  GLU A C   1 
ATOM   500  O  O   . GLU A 1 60  ? -2.891  6.166   -7.290  1.00 21.78 ? 61  GLU A O   1 
ATOM   501  C  CB  . GLU A 1 60  ? -4.463  7.512   -4.732  1.00 21.84 ? 61  GLU A CB  1 
ATOM   502  C  CG  . GLU A 1 60  ? -5.802  8.190   -4.446  1.00 30.48 ? 61  GLU A CG  1 
ATOM   503  C  CD  . GLU A 1 60  ? -5.722  9.313   -3.418  1.00 36.26 ? 61  GLU A CD  1 
ATOM   504  O  OE1 . GLU A 1 60  ? -6.700  10.086  -3.333  1.00 47.66 ? 61  GLU A OE1 1 
ATOM   505  O  OE2 . GLU A 1 60  ? -4.703  9.423   -2.696  1.00 37.27 ? 61  GLU A OE2 1 
ATOM   506  N  N   . HIS A 1 61  ? -2.472  5.091   -5.351  1.00 19.38 ? 62  HIS A N   1 
ATOM   507  C  CA  . HIS A 1 61  ? -1.189  4.582   -5.830  1.00 19.12 ? 62  HIS A CA  1 
ATOM   508  C  C   . HIS A 1 61  ? -1.367  3.748   -7.091  1.00 18.99 ? 62  HIS A C   1 
ATOM   509  O  O   . HIS A 1 61  ? -0.583  3.865   -8.042  1.00 19.36 ? 62  HIS A O   1 
ATOM   510  C  CB  . HIS A 1 61  ? -0.504  3.735   -4.755  1.00 19.33 ? 62  HIS A CB  1 
ATOM   511  C  CG  . HIS A 1 61  ? -0.219  4.469   -3.483  1.00 25.26 ? 62  HIS A CG  1 
ATOM   512  N  ND1 . HIS A 1 61  ? 0.235   3.828   -2.349  1.00 20.87 ? 62  HIS A ND1 1 
ATOM   513  C  CD2 . HIS A 1 61  ? -0.324  5.781   -3.160  1.00 23.78 ? 62  HIS A CD2 1 
ATOM   514  C  CE1 . HIS A 1 61  ? 0.384   4.713   -1.379  1.00 26.62 ? 62  HIS A CE1 1 
ATOM   515  N  NE2 . HIS A 1 61  ? 0.059   5.906   -1.845  1.00 22.80 ? 62  HIS A NE2 1 
ATOM   516  N  N   . ALA A 1 62  ? -2.381  2.883   -7.108  1.00 18.60 ? 63  ALA A N   1 
ATOM   517  C  CA  . ALA A 1 62  ? -2.625  2.044   -8.276  1.00 19.93 ? 63  ALA A CA  1 
ATOM   518  C  C   . ALA A 1 62  ? -2.929  2.885   -9.510  1.00 21.23 ? 63  ALA A C   1 
ATOM   519  O  O   . ALA A 1 62  ? -2.385  2.640   -10.591 1.00 19.62 ? 63  ALA A O   1 
ATOM   520  C  CB  . ALA A 1 62  ? -3.775  1.084   -7.988  1.00 18.08 ? 63  ALA A CB  1 
ATOM   521  N  N   . GLU A 1 63  ? -3.806  3.884   -9.366  1.00 19.08 ? 64  GLU A N   1 
ATOM   522  C  CA  . GLU A 1 63  ? -4.233  4.667   -10.520 1.00 20.57 ? 64  GLU A CA  1 
ATOM   523  C  C   . GLU A 1 63  ? -3.097  5.504   -11.083 1.00 20.29 ? 64  GLU A C   1 
ATOM   524  O  O   . GLU A 1 63  ? -3.000  5.681   -12.304 1.00 19.31 ? 64  GLU A O   1 
ATOM   525  C  CB  . GLU A 1 63  ? -5.404  5.560   -10.140 1.00 20.84 ? 64  GLU A CB  1 
ATOM   526  C  CG  . GLU A 1 63  ? -6.604  4.763   -9.728  1.00 31.85 ? 64  GLU A CG  1 
ATOM   527  C  CD  . GLU A 1 63  ? -7.878  5.546   -9.851  1.00 38.17 ? 64  GLU A CD  1 
ATOM   528  O  OE1 . GLU A 1 63  ? -7.799  6.789   -9.934  1.00 39.50 ? 64  GLU A OE1 1 
ATOM   529  O  OE2 . GLU A 1 63  ? -8.954  4.913   -9.893  1.00 42.47 ? 64  GLU A OE2 1 
ATOM   530  N  N   . LYS A 1 64  ? -2.225  6.021   -10.212 1.00 18.34 ? 65  LYS A N   1 
ATOM   531  C  CA  . LYS A 1 64  ? -1.078  6.786   -10.690 1.00 19.67 ? 65  LYS A CA  1 
ATOM   532  C  C   . LYS A 1 64  ? -0.142  5.913   -11.529 1.00 19.20 ? 65  LYS A C   1 
ATOM   533  O  O   . LYS A 1 64  ? 0.449   6.386   -12.505 1.00 17.84 ? 65  LYS A O   1 
ATOM   534  C  CB  . LYS A 1 64  ? -0.335  7.416   -9.510  1.00 18.37 ? 65  LYS A CB  1 
ATOM   535  C  CG  . LYS A 1 64  ? 0.901   8.204   -9.932  1.00 18.87 ? 65  LYS A CG  1 
ATOM   536  C  CD  . LYS A 1 64  ? 1.621   8.843   -8.750  1.00 21.76 ? 65  LYS A CD  1 
ATOM   537  C  CE  . LYS A 1 64  ? 0.964   10.156  -8.360  1.00 27.62 ? 65  LYS A CE  1 
ATOM   538  N  NZ  . LYS A 1 64  ? 1.571   10.718  -7.113  1.00 30.86 ? 65  LYS A NZ  1 
ATOM   539  N  N   . LEU A 1 65  ? -0.004  4.632   -11.171 1.00 20.64 ? 66  LEU A N   1 
ATOM   540  C  CA  . LEU A 1 65  ? 0.789   3.715   -11.990 1.00 20.03 ? 66  LEU A CA  1 
ATOM   541  C  C   . LEU A 1 65  ? 0.092   3.403   -13.305 1.00 17.94 ? 66  LEU A C   1 
ATOM   542  O  O   . LEU A 1 65  ? 0.749   3.256   -14.337 1.00 18.54 ? 66  LEU A O   1 
ATOM   543  C  CB  . LEU A 1 65  ? 1.055   2.417   -11.233 1.00 19.26 ? 66  LEU A CB  1 
ATOM   544  C  CG  . LEU A 1 65  ? 2.037   2.466   -10.067 1.00 20.81 ? 66  LEU A CG  1 
ATOM   545  C  CD1 . LEU A 1 65  ? 1.893   1.205   -9.241  1.00 19.43 ? 66  LEU A CD1 1 
ATOM   546  C  CD2 . LEU A 1 65  ? 3.460   2.588   -10.601 1.00 18.23 ? 66  LEU A CD2 1 
ATOM   547  N  N   . MET A 1 66  ? -1.236  3.262   -13.272 1.00 16.12 ? 67  MET A N   1 
ATOM   548  C  CA  . MET A 1 66  ? -2.017  3.101   -14.494 1.00 19.38 ? 67  MET A CA  1 
ATOM   549  C  C   . MET A 1 66  ? -1.802  4.288   -15.422 1.00 21.06 ? 67  MET A C   1 
ATOM   550  O  O   . MET A 1 66  ? -1.576  4.126   -16.628 1.00 20.57 ? 67  MET A O   1 
ATOM   551  C  CB  . MET A 1 66  ? -3.494  2.973   -14.123 1.00 19.36 ? 67  MET A CB  1 
ATOM   552  C  CG  . MET A 1 66  ? -3.867  1.630   -13.527 1.00 21.75 ? 67  MET A CG  1 
ATOM   553  S  SD  . MET A 1 66  ? -5.631  1.471   -13.213 1.00 28.24 ? 67  MET A SD  1 
ATOM   554  C  CE  . MET A 1 66  ? -5.660  1.214   -11.457 1.00 31.98 ? 67  MET A CE  1 
ATOM   555  N  N   . LYS A 1 67  ? -1.871  5.495   -14.860 1.00 19.86 ? 68  LYS A N   1 
ATOM   556  C  CA  . LYS A 1 67  ? -1.600  6.714   -15.615 1.00 20.95 ? 68  LYS A CA  1 
ATOM   557  C  C   . LYS A 1 67  ? -0.186  6.702   -16.187 1.00 21.15 ? 68  LYS A C   1 
ATOM   558  O  O   . LYS A 1 67  ? 0.033   7.064   -17.348 1.00 21.23 ? 68  LYS A O   1 
ATOM   559  C  CB  . LYS A 1 67  ? -1.804  7.927   -14.700 1.00 18.09 ? 68  LYS A CB  1 
ATOM   560  C  CG  . LYS A 1 67  ? -1.756  9.290   -15.391 1.00 24.64 ? 68  LYS A CG  1 
ATOM   561  C  CD  . LYS A 1 67  ? -3.050  9.538   -16.167 1.00 26.44 ? 68  LYS A CD  1 
ATOM   562  C  CE  . LYS A 1 67  ? -3.097  10.941  -16.768 1.00 28.77 ? 68  LYS A CE  1 
ATOM   563  N  NZ  . LYS A 1 67  ? -4.369  11.169  -17.504 1.00 25.99 ? 68  LYS A NZ  1 
ATOM   564  N  N   . TYR A 1 68  ? 0.787   6.287   -15.371 1.00 19.27 ? 69  TYR A N   1 
ATOM   565  C  CA  . TYR A 1 68  ? 2.181   6.304   -15.801 1.00 20.45 ? 69  TYR A CA  1 
ATOM   566  C  C   . TYR A 1 68  ? 2.420   5.311   -16.934 1.00 20.62 ? 69  TYR A C   1 
ATOM   567  O  O   . TYR A 1 68  ? 3.163   5.603   -17.881 1.00 18.73 ? 69  TYR A O   1 
ATOM   568  C  CB  . TYR A 1 68  ? 3.105   5.993   -14.617 1.00 19.54 ? 69  TYR A CB  1 
ATOM   569  C  CG  . TYR A 1 68  ? 4.557   6.129   -14.994 1.00 19.76 ? 69  TYR A CG  1 
ATOM   570  C  CD1 . TYR A 1 68  ? 5.114   7.375   -15.177 1.00 19.47 ? 69  TYR A CD1 1 
ATOM   571  C  CD2 . TYR A 1 68  ? 5.356   5.014   -15.207 1.00 18.69 ? 69  TYR A CD2 1 
ATOM   572  C  CE1 . TYR A 1 68  ? 6.427   7.524   -15.546 1.00 20.87 ? 69  TYR A CE1 1 
ATOM   573  C  CE2 . TYR A 1 68  ? 6.691   5.152   -15.578 1.00 20.88 ? 69  TYR A CE2 1 
ATOM   574  C  CZ  . TYR A 1 68  ? 7.218   6.413   -15.747 1.00 21.45 ? 69  TYR A CZ  1 
ATOM   575  O  OH  . TYR A 1 68  ? 8.537   6.593   -16.130 1.00 20.83 ? 69  TYR A OH  1 
ATOM   576  N  N   . GLN A 1 69  ? 1.810   4.125   -16.833 1.00 21.03 ? 70  GLN A N   1 
ATOM   577  C  CA  . GLN A 1 69  ? 1.895   3.130   -17.896 1.00 20.48 ? 70  GLN A CA  1 
ATOM   578  C  C   . GLN A 1 69  ? 1.502   3.732   -19.240 1.00 21.32 ? 70  GLN A C   1 
ATOM   579  O  O   . GLN A 1 69  ? 2.209   3.570   -20.243 1.00 20.72 ? 70  GLN A O   1 
ATOM   580  C  CB  . GLN A 1 69  ? 0.999   1.935   -17.548 1.00 19.83 ? 70  GLN A CB  1 
ATOM   581  C  CG  . GLN A 1 69  ? 1.060   0.762   -18.537 1.00 19.98 ? 70  GLN A CG  1 
ATOM   582  C  CD  . GLN A 1 69  ? 2.340   -0.049  -18.402 1.00 24.52 ? 70  GLN A CD  1 
ATOM   583  O  OE1 . GLN A 1 69  ? 3.424   0.404   -18.792 1.00 21.99 ? 70  GLN A OE1 1 
ATOM   584  N  NE2 . GLN A 1 69  ? 2.224   -1.252  -17.828 1.00 19.67 ? 70  GLN A NE2 1 
ATOM   585  N  N   . ASN A 1 70  ? 0.375   4.448   -19.268 1.00 19.46 ? 71  ASN A N   1 
ATOM   586  C  CA  . ASN A 1 70  ? -0.091  5.084   -20.496 1.00 20.52 ? 71  ASN A CA  1 
ATOM   587  C  C   . ASN A 1 70  ? 0.828   6.225   -20.928 1.00 21.84 ? 71  ASN A C   1 
ATOM   588  O  O   . ASN A 1 70  ? 1.064   6.413   -22.128 1.00 21.89 ? 71  ASN A O   1 
ATOM   589  C  CB  . ASN A 1 70  ? -1.528  5.585   -20.307 1.00 21.93 ? 71  ASN A CB  1 
ATOM   590  C  CG  . ASN A 1 70  ? -2.556  4.464   -20.400 1.00 21.43 ? 71  ASN A CG  1 
ATOM   591  O  OD1 . ASN A 1 70  ? -2.278  3.404   -20.964 1.00 21.98 ? 71  ASN A OD1 1 
ATOM   592  N  ND2 . ASN A 1 70  ? -3.751  4.698   -19.865 1.00 18.87 ? 71  ASN A ND2 1 
ATOM   593  N  N   . LYS A 1 71  ? 1.345   7.008   -19.973 1.00 19.57 ? 72  LYS A N   1 
ATOM   594  C  CA  . LYS A 1 71  ? 2.251   8.096   -20.331 1.00 22.18 ? 72  LYS A CA  1 
ATOM   595  C  C   . LYS A 1 71  ? 3.441   7.576   -21.130 1.00 20.83 ? 72  LYS A C   1 
ATOM   596  O  O   . LYS A 1 71  ? 3.826   8.164   -22.147 1.00 22.04 ? 72  LYS A O   1 
ATOM   597  C  CB  . LYS A 1 71  ? 2.744   8.821   -19.078 1.00 22.37 ? 72  LYS A CB  1 
ATOM   598  C  CG  . LYS A 1 71  ? 1.752   9.781   -18.448 1.00 23.30 ? 72  LYS A CG  1 
ATOM   599  C  CD  . LYS A 1 71  ? 2.493   10.739  -17.527 1.00 23.62 ? 72  LYS A CD  1 
ATOM   600  C  CE  . LYS A 1 71  ? 1.550   11.440  -16.567 1.00 24.53 ? 72  LYS A CE  1 
ATOM   601  N  NZ  . LYS A 1 71  ? 2.316   12.433  -15.748 1.00 25.10 ? 72  LYS A NZ  1 
ATOM   602  N  N   . ARG A 1 72  ? 4.029   6.468   -20.682 1.00 20.87 ? 73  ARG A N   1 
ATOM   603  C  CA  . ARG A 1 72  ? 5.179   5.860   -21.338 1.00 19.02 ? 73  ARG A CA  1 
ATOM   604  C  C   . ARG A 1 72  ? 4.810   5.050   -22.576 1.00 23.30 ? 73  ARG A C   1 
ATOM   605  O  O   . ARG A 1 72  ? 5.713   4.572   -23.278 1.00 22.59 ? 73  ARG A O   1 
ATOM   606  C  CB  . ARG A 1 72  ? 5.928   4.949   -20.354 1.00 21.27 ? 73  ARG A CB  1 
ATOM   607  C  CG  . ARG A 1 72  ? 6.540   5.669   -19.165 1.00 21.23 ? 73  ARG A CG  1 
ATOM   608  C  CD  . ARG A 1 72  ? 7.519   6.754   -19.624 1.00 20.74 ? 73  ARG A CD  1 
ATOM   609  N  NE  . ARG A 1 72  ? 8.641   6.219   -20.386 1.00 20.46 ? 73  ARG A NE  1 
ATOM   610  C  CZ  . ARG A 1 72  ? 9.766   5.743   -19.847 1.00 23.04 ? 73  ARG A CZ  1 
ATOM   611  N  NH1 . ARG A 1 72  ? 9.929   5.712   -18.525 1.00 16.34 ? 73  ARG A NH1 1 
ATOM   612  N  NH2 . ARG A 1 72  ? 10.735  5.284   -20.637 1.00 19.29 ? 73  ARG A NH2 1 
ATOM   613  N  N   . GLY A 1 73  ? 3.524   4.857   -22.850 1.00 20.18 ? 74  GLY A N   1 
ATOM   614  C  CA  . GLY A 1 73  ? 3.125   4.048   -23.979 1.00 19.34 ? 74  GLY A CA  1 
ATOM   615  C  C   . GLY A 1 73  ? 3.057   2.559   -23.720 1.00 23.36 ? 74  GLY A C   1 
ATOM   616  O  O   . GLY A 1 73  ? 2.891   1.789   -24.672 1.00 19.95 ? 74  GLY A O   1 
ATOM   617  N  N   . GLY A 1 74  ? 3.189   2.125   -22.475 1.00 22.07 ? 75  GLY A N   1 
ATOM   618  C  CA  . GLY A 1 74  ? 2.878   0.757   -22.129 1.00 21.77 ? 75  GLY A CA  1 
ATOM   619  C  C   . GLY A 1 74  ? 1.373   0.543   -22.107 1.00 19.81 ? 75  GLY A C   1 
ATOM   620  O  O   . GLY A 1 74  ? 0.573   1.461   -22.276 1.00 22.07 ? 75  GLY A O   1 
ATOM   621  N  N   . ARG A 1 75  ? 0.978   -0.705  -21.886 1.00 20.67 ? 76  ARG A N   1 
ATOM   622  C  CA  . ARG A 1 75  ? -0.428  -1.080  -21.939 1.00 20.54 ? 76  ARG A CA  1 
ATOM   623  C  C   . ARG A 1 75  ? -0.821  -1.730  -20.624 1.00 19.63 ? 76  ARG A C   1 
ATOM   624  O  O   . ARG A 1 75  ? -0.227  -2.734  -20.220 1.00 19.89 ? 76  ARG A O   1 
ATOM   625  C  CB  . ARG A 1 75  ? -0.703  -2.008  -23.122 1.00 21.94 ? 76  ARG A CB  1 
ATOM   626  C  CG  . ARG A 1 75  ? -0.582  -1.287  -24.461 1.00 23.00 ? 76  ARG A CG  1 
ATOM   627  C  CD  . ARG A 1 75  ? -1.674  -0.218  -24.591 1.00 24.78 ? 76  ARG A CD  1 
ATOM   628  N  NE  . ARG A 1 75  ? -1.436  0.707   -25.706 1.00 23.35 ? 76  ARG A NE  1 
ATOM   629  C  CZ  . ARG A 1 75  ? -1.040  1.967   -25.570 1.00 22.66 ? 76  ARG A CZ  1 
ATOM   630  N  NH1 . ARG A 1 75  ? -0.854  2.480   -24.363 1.00 20.93 ? 76  ARG A NH1 1 
ATOM   631  N  NH2 . ARG A 1 75  ? -0.870  2.728   -26.646 1.00 25.32 ? 76  ARG A NH2 1 
ATOM   632  N  N   . VAL A 1 76  ? -1.816  -1.145  -19.960 1.00 20.29 ? 77  VAL A N   1 
ATOM   633  C  CA  . VAL A 1 76  ? -2.318  -1.689  -18.706 1.00 20.49 ? 77  VAL A CA  1 
ATOM   634  C  C   . VAL A 1 76  ? -2.938  -3.059  -18.950 1.00 21.63 ? 77  VAL A C   1 
ATOM   635  O  O   . VAL A 1 76  ? -3.818  -3.216  -19.805 1.00 22.67 ? 77  VAL A O   1 
ATOM   636  C  CB  . VAL A 1 76  ? -3.332  -0.713  -18.091 1.00 21.79 ? 77  VAL A CB  1 
ATOM   637  C  CG1 . VAL A 1 76  ? -4.042  -1.350  -16.909 1.00 20.02 ? 77  VAL A CG1 1 
ATOM   638  C  CG2 . VAL A 1 76  ? -2.629  0.596   -17.687 1.00 21.51 ? 77  VAL A CG2 1 
ATOM   639  N  N   . VAL A 1 77  ? -2.469  -4.061  -18.205 1.00 20.62 ? 78  VAL A N   1 
ATOM   640  C  CA  . VAL A 1 77  ? -3.057  -5.401  -18.201 1.00 22.85 ? 78  VAL A CA  1 
ATOM   641  C  C   . VAL A 1 77  ? -3.391  -5.738  -16.749 1.00 19.81 ? 78  VAL A C   1 
ATOM   642  O  O   . VAL A 1 77  ? -2.489  -5.857  -15.913 1.00 19.71 ? 78  VAL A O   1 
ATOM   643  C  CB  . VAL A 1 77  ? -2.124  -6.460  -18.818 1.00 21.11 ? 78  VAL A CB  1 
ATOM   644  C  CG1 . VAL A 1 77  ? -2.800  -7.828  -18.825 1.00 21.55 ? 78  VAL A CG1 1 
ATOM   645  C  CG2 . VAL A 1 77  ? -1.716  -6.071  -20.246 1.00 20.73 ? 78  VAL A CG2 1 
ATOM   646  N  N   . LEU A 1 78  ? -4.677  -5.866  -16.444 1.00 19.16 ? 79  LEU A N   1 
ATOM   647  C  CA  . LEU A 1 78  ? -5.131  -6.086  -15.075 1.00 20.74 ? 79  LEU A CA  1 
ATOM   648  C  C   . LEU A 1 78  ? -5.299  -7.576  -14.802 1.00 22.94 ? 79  LEU A C   1 
ATOM   649  O  O   . LEU A 1 78  ? -5.628  -8.357  -15.700 1.00 23.05 ? 79  LEU A O   1 
ATOM   650  C  CB  . LEU A 1 78  ? -6.463  -5.370  -14.826 1.00 19.39 ? 79  LEU A CB  1 
ATOM   651  C  CG  . LEU A 1 78  ? -6.453  -3.862  -15.106 1.00 20.56 ? 79  LEU A CG  1 
ATOM   652  C  CD1 . LEU A 1 78  ? -7.864  -3.303  -15.083 1.00 22.33 ? 79  LEU A CD1 1 
ATOM   653  C  CD2 . LEU A 1 78  ? -5.568  -3.147  -14.094 1.00 17.49 ? 79  LEU A CD2 1 
ATOM   654  N  N   . GLN A 1 79  ? -5.087  -7.965  -13.548 1.00 22.03 ? 80  GLN A N   1 
ATOM   655  C  CA  . GLN A 1 79  ? -5.306  -9.341  -13.121 1.00 23.34 ? 80  GLN A CA  1 
ATOM   656  C  C   . GLN A 1 79  ? -6.280  -9.343  -11.951 1.00 23.76 ? 80  GLN A C   1 
ATOM   657  O  O   . GLN A 1 79  ? -6.603  -8.292  -11.396 1.00 22.54 ? 80  GLN A O   1 
ATOM   658  C  CB  . GLN A 1 79  ? -3.982  -10.014 -12.735 1.00 20.70 ? 80  GLN A CB  1 
ATOM   659  C  CG  . GLN A 1 79  ? -2.901  -9.973  -13.823 1.00 24.39 ? 80  GLN A CG  1 
ATOM   660  C  CD  . GLN A 1 79  ? -3.262  -10.798 -15.057 1.00 30.50 ? 80  GLN A CD  1 
ATOM   661  O  OE1 . GLN A 1 79  ? -4.104  -11.694 -14.991 1.00 28.01 ? 80  GLN A OE1 1 
ATOM   662  N  NE2 . GLN A 1 79  ? -2.622  -10.496 -16.188 1.00 21.57 ? 80  GLN A NE2 1 
ATOM   663  N  N   . ASP A 1 80  ? -6.762  -10.539 -11.587 1.00 22.18 ? 81  ASP A N   1 
ATOM   664  C  CA  . ASP A 1 80  ? -7.641  -10.682 -10.431 1.00 21.79 ? 81  ASP A CA  1 
ATOM   665  C  C   . ASP A 1 80  ? -7.043  -9.974  -9.218  1.00 21.67 ? 81  ASP A C   1 
ATOM   666  O  O   . ASP A 1 80  ? -5.831  -10.001 -9.000  1.00 18.85 ? 81  ASP A O   1 
ATOM   667  C  CB  . ASP A 1 80  ? -7.855  -12.164 -10.083 1.00 23.45 ? 81  ASP A CB  1 
ATOM   668  C  CG  . ASP A 1 80  ? -8.692  -12.923 -11.109 1.00 23.80 ? 81  ASP A CG  1 
ATOM   669  O  OD1 . ASP A 1 80  ? -9.230  -12.322 -12.061 1.00 24.43 ? 81  ASP A OD1 1 
ATOM   670  O  OD2 . ASP A 1 80  ? -8.812  -14.155 -10.946 1.00 27.90 ? 81  ASP A OD2 1 
ATOM   671  N  N   . ILE A 1 81  ? -7.893  -9.340  -8.414  1.00 20.60 ? 82  ILE A N   1 
ATOM   672  C  CA  . ILE A 1 81  ? -7.452  -8.810  -7.127  1.00 18.76 ? 82  ILE A CA  1 
ATOM   673  C  C   . ILE A 1 81  ? -7.723  -9.883  -6.077  1.00 20.47 ? 82  ILE A C   1 
ATOM   674  O  O   . ILE A 1 81  ? -8.879  -10.153 -5.742  1.00 20.13 ? 82  ILE A O   1 
ATOM   675  C  CB  . ILE A 1 81  ? -8.144  -7.488  -6.779  1.00 19.98 ? 82  ILE A CB  1 
ATOM   676  C  CG1 . ILE A 1 81  ? -7.973  -6.495  -7.934  1.00 20.68 ? 82  ILE A CG1 1 
ATOM   677  C  CG2 . ILE A 1 81  ? -7.520  -6.899  -5.521  1.00 17.24 ? 82  ILE A CG2 1 
ATOM   678  C  CD1 . ILE A 1 81  ? -8.875  -5.272  -7.855  1.00 20.60 ? 82  ILE A CD1 1 
ATOM   679  N  N   . LYS A 1 82  ? -6.660  -10.514 -5.581  1.00 17.37 ? 83  LYS A N   1 
ATOM   680  C  CA  . LYS A 1 82  ? -6.808  -11.596 -4.618  1.00 20.58 ? 83  LYS A CA  1 
ATOM   681  C  C   . LYS A 1 82  ? -7.432  -11.082 -3.326  1.00 24.03 ? 83  LYS A C   1 
ATOM   682  O  O   . LYS A 1 82  ? -7.023  -10.046 -2.798  1.00 22.65 ? 83  LYS A O   1 
ATOM   683  C  CB  . LYS A 1 82  ? -5.445  -12.226 -4.315  1.00 20.34 ? 83  LYS A CB  1 
ATOM   684  C  CG  . LYS A 1 82  ? -4.689  -12.719 -5.528  1.00 21.86 ? 83  LYS A CG  1 
ATOM   685  C  CD  . LYS A 1 82  ? -5.482  -13.769 -6.296  1.00 26.80 ? 83  LYS A CD  1 
ATOM   686  C  CE  . LYS A 1 82  ? -5.768  -14.978 -5.439  1.00 26.48 ? 83  LYS A CE  1 
ATOM   687  N  NZ  . LYS A 1 82  ? -6.448  -16.041 -6.238  1.00 37.90 ? 83  LYS A NZ  1 
ATOM   688  N  N   . LYS A 1 83  ? -8.410  -11.826 -2.803  1.00 22.88 ? 84  LYS A N   1 
ATOM   689  C  CA  . LYS A 1 83  ? -9.021  -11.464 -1.534  1.00 22.15 ? 84  LYS A CA  1 
ATOM   690  C  C   . LYS A 1 83  ? -7.959  -11.428 -0.429  1.00 24.78 ? 84  LYS A C   1 
ATOM   691  O  O   . LYS A 1 83  ? -6.924  -12.103 -0.521  1.00 20.35 ? 84  LYS A O   1 
ATOM   692  C  CB  . LYS A 1 83  ? -10.132 -12.451 -1.164  1.00 19.54 ? 84  LYS A CB  1 
ATOM   693  C  CG  . LYS A 1 83  ? -9.601  -13.773 -0.626  1.00 25.47 ? 84  LYS A CG  1 
ATOM   694  C  CD  . LYS A 1 83  ? -10.709 -14.713 -0.201  1.00 30.60 ? 84  LYS A CD  1 
ATOM   695  C  CE  . LYS A 1 83  ? -10.124 -15.898 0.538   1.00 31.68 ? 84  LYS A CE  1 
ATOM   696  N  NZ  . LYS A 1 83  ? -11.170 -16.615 1.289   1.00 37.14 ? 84  LYS A NZ  1 
ATOM   697  N  N   . PRO A 1 84  ? -8.178  -10.635 0.621   1.00 21.75 ? 85  PRO A N   1 
ATOM   698  C  CA  . PRO A 1 84  ? -7.157  -10.506 1.671   1.00 20.90 ? 85  PRO A CA  1 
ATOM   699  C  C   . PRO A 1 84  ? -6.867  -11.833 2.362   1.00 27.00 ? 85  PRO A C   1 
ATOM   700  O  O   . PRO A 1 84  ? -7.622  -12.804 2.265   1.00 21.69 ? 85  PRO A O   1 
ATOM   701  C  CB  . PRO A 1 84  ? -7.767  -9.491  2.645   1.00 21.57 ? 85  PRO A CB  1 
ATOM   702  C  CG  . PRO A 1 84  ? -8.733  -8.683  1.775   1.00 24.03 ? 85  PRO A CG  1 
ATOM   703  C  CD  . PRO A 1 84  ? -9.303  -9.700  0.811   1.00 22.71 ? 85  PRO A CD  1 
ATOM   704  N  N   . ASP A 1 85  ? -5.740  -11.851 3.079   1.00 28.02 ? 86  ASP A N   1 
ATOM   705  C  CA  . ASP A 1 85  ? -5.221  -13.090 3.654   1.00 28.99 ? 86  ASP A CA  1 
ATOM   706  C  C   . ASP A 1 85  ? -6.091  -13.607 4.794   1.00 29.32 ? 86  ASP A C   1 
ATOM   707  O  O   . ASP A 1 85  ? -6.133  -14.818 5.034   1.00 26.41 ? 86  ASP A O   1 
ATOM   708  C  CB  . ASP A 1 85  ? -3.782  -12.866 4.127   1.00 27.55 ? 86  ASP A CB  1 
ATOM   709  C  CG  . ASP A 1 85  ? -3.183  -14.093 4.790   1.00 31.76 ? 86  ASP A CG  1 
ATOM   710  O  OD1 . ASP A 1 85  ? -3.089  -15.140 4.126   1.00 29.08 ? 86  ASP A OD1 1 
ATOM   711  O  OD2 . ASP A 1 85  ? -2.789  -14.001 5.971   1.00 35.93 ? 86  ASP A OD2 1 
ATOM   712  N  N   . ARG A 1 86  ? -6.800  -12.722 5.490   1.00 25.67 ? 87  ARG A N   1 
ATOM   713  C  CA  . ARG A 1 86  ? -7.645  -13.095 6.614   1.00 24.66 ? 87  ARG A CA  1 
ATOM   714  C  C   . ARG A 1 86  ? -9.014  -12.453 6.442   1.00 25.97 ? 87  ARG A C   1 
ATOM   715  O  O   . ARG A 1 86  ? -9.176  -11.503 5.675   1.00 23.62 ? 87  ARG A O   1 
ATOM   716  C  CB  . ARG A 1 86  ? -7.015  -12.652 7.947   1.00 24.01 ? 87  ARG A CB  1 
ATOM   717  C  CG  . ARG A 1 86  ? -5.681  -13.336 8.245   1.00 30.59 ? 87  ARG A CG  1 
ATOM   718  C  CD  . ARG A 1 86  ? -4.912  -12.684 9.375   1.00 27.86 ? 87  ARG A CD  1 
ATOM   719  N  NE  . ARG A 1 86  ? -5.656  -12.639 10.629  1.00 32.31 ? 87  ARG A NE  1 
ATOM   720  C  CZ  . ARG A 1 86  ? -5.190  -12.089 11.750  1.00 39.97 ? 87  ARG A CZ  1 
ATOM   721  N  NH1 . ARG A 1 86  ? -3.972  -11.552 11.779  1.00 34.06 ? 87  ARG A NH1 1 
ATOM   722  N  NH2 . ARG A 1 86  ? -5.935  -12.079 12.851  1.00 40.16 ? 87  ARG A NH2 1 
ATOM   723  N  N   . ASP A 1 87  ? -10.009 -13.001 7.147   1.00 22.11 ? 88  ASP A N   1 
ATOM   724  C  CA  . ASP A 1 87  ? -11.328 -12.385 7.235   1.00 25.43 ? 88  ASP A CA  1 
ATOM   725  C  C   . ASP A 1 87  ? -11.484 -11.526 8.485   1.00 23.43 ? 88  ASP A C   1 
ATOM   726  O  O   . ASP A 1 87  ? -12.322 -10.617 8.502   1.00 23.27 ? 88  ASP A O   1 
ATOM   727  C  CB  . ASP A 1 87  ? -12.437 -13.450 7.238   1.00 22.86 ? 88  ASP A CB  1 
ATOM   728  C  CG  . ASP A 1 87  ? -12.607 -14.140 5.892   1.00 30.20 ? 88  ASP A CG  1 
ATOM   729  O  OD1 . ASP A 1 87  ? -12.342 -13.528 4.834   1.00 25.54 ? 88  ASP A OD1 1 
ATOM   730  O  OD2 . ASP A 1 87  ? -13.002 -15.321 5.897   1.00 32.65 ? 88  ASP A OD2 1 
ATOM   731  N  N   . GLU A 1 88  ? -10.702 -11.803 9.520   1.00 22.49 ? 89  GLU A N   1 
ATOM   732  C  CA  . GLU A 1 88  ? -10.717 -11.045 10.759  1.00 25.81 ? 89  GLU A CA  1 
ATOM   733  C  C   . GLU A 1 88  ? -9.278  -10.726 11.124  1.00 26.95 ? 89  GLU A C   1 
ATOM   734  O  O   . GLU A 1 88  ? -8.359  -11.490 10.810  1.00 25.39 ? 89  GLU A O   1 
ATOM   735  C  CB  . GLU A 1 88  ? -11.419 -11.819 11.887  1.00 26.50 ? 89  GLU A CB  1 
ATOM   736  C  CG  . GLU A 1 88  ? -10.689 -13.044 12.408  1.00 28.08 ? 89  GLU A CG  1 
ATOM   737  C  CD  . GLU A 1 88  ? -9.617  -12.710 13.451  1.00 39.37 ? 89  GLU A CD  1 
ATOM   738  O  OE1 . GLU A 1 88  ? -8.563  -13.388 13.451  1.00 45.61 ? 89  GLU A OE1 1 
ATOM   739  O  OE2 . GLU A 1 88  ? -9.819  -11.774 14.266  1.00 35.89 ? 89  GLU A OE2 1 
ATOM   740  N  N   . TRP A 1 89  ? -9.078  -9.591  11.789  1.00 23.59 ? 90  TRP A N   1 
ATOM   741  C  CA  . TRP A 1 89  ? -7.735  -9.051  11.941  1.00 23.42 ? 90  TRP A CA  1 
ATOM   742  C  C   . TRP A 1 89  ? -7.332  -8.838  13.394  1.00 25.27 ? 90  TRP A C   1 
ATOM   743  O  O   . TRP A 1 89  ? -6.328  -8.165  13.648  1.00 21.19 ? 90  TRP A O   1 
ATOM   744  C  CB  . TRP A 1 89  ? -7.612  -7.742  11.147  1.00 19.11 ? 90  TRP A CB  1 
ATOM   745  C  CG  . TRP A 1 89  ? -7.969  -7.908  9.695   1.00 19.48 ? 90  TRP A CG  1 
ATOM   746  C  CD1 . TRP A 1 89  ? -9.163  -7.621  9.104   1.00 21.98 ? 90  TRP A CD1 1 
ATOM   747  C  CD2 . TRP A 1 89  ? -7.120  -8.414  8.657   1.00 22.44 ? 90  TRP A CD2 1 
ATOM   748  N  NE1 . TRP A 1 89  ? -9.111  -7.907  7.756   1.00 19.94 ? 90  TRP A NE1 1 
ATOM   749  C  CE2 . TRP A 1 89  ? -7.867  -8.395  7.459   1.00 22.22 ? 90  TRP A CE2 1 
ATOM   750  C  CE3 . TRP A 1 89  ? -5.801  -8.884  8.625   1.00 22.96 ? 90  TRP A CE3 1 
ATOM   751  C  CZ2 . TRP A 1 89  ? -7.336  -8.827  6.240   1.00 20.53 ? 90  TRP A CZ2 1 
ATOM   752  C  CZ3 . TRP A 1 89  ? -5.275  -9.308  7.413   1.00 19.78 ? 90  TRP A CZ3 1 
ATOM   753  C  CH2 . TRP A 1 89  ? -6.043  -9.279  6.240   1.00 22.38 ? 90  TRP A CH2 1 
ATOM   754  N  N   . GLY A 1 90  ? -8.078  -9.389  14.351  1.00 24.95 ? 91  GLY A N   1 
ATOM   755  C  CA  . GLY A 1 90  ? -7.627  -9.396  15.729  1.00 19.28 ? 91  GLY A CA  1 
ATOM   756  C  C   . GLY A 1 90  ? -7.715  -8.048  16.416  1.00 22.53 ? 91  GLY A C   1 
ATOM   757  O  O   . GLY A 1 90  ? -8.694  -7.323  16.233  1.00 23.03 ? 91  GLY A O   1 
ATOM   758  N  N   . THR A 1 91  ? -6.705  -7.705  17.217  1.00 20.71 ? 92  THR A N   1 
ATOM   759  C  CA  . THR A 1 91  ? -6.685  -6.435  17.926  1.00 22.37 ? 92  THR A CA  1 
ATOM   760  C  C   . THR A 1 91  ? -6.174  -5.323  17.007  1.00 21.55 ? 92  THR A C   1 
ATOM   761  O  O   . THR A 1 91  ? -5.703  -5.562  15.892  1.00 20.59 ? 92  THR A O   1 
ATOM   762  C  CB  . THR A 1 91  ? -5.793  -6.507  19.168  1.00 19.07 ? 92  THR A CB  1 
ATOM   763  O  OG1 . THR A 1 91  ? -4.438  -6.696  18.750  1.00 20.17 ? 92  THR A OG1 1 
ATOM   764  C  CG2 . THR A 1 91  ? -6.194  -7.656  20.105  1.00 20.24 ? 92  THR A CG2 1 
ATOM   765  N  N   . GLY A 1 92  ? -6.267  -4.088  17.493  1.00 20.53 ? 93  GLY A N   1 
ATOM   766  C  CA  . GLY A 1 92  ? -5.665  -2.982  16.769  1.00 21.63 ? 93  GLY A CA  1 
ATOM   767  C  C   . GLY A 1 92  ? -4.181  -3.192  16.542  1.00 22.23 ? 93  GLY A C   1 
ATOM   768  O  O   . GLY A 1 92  ? -3.668  -2.937  15.448  1.00 21.06 ? 93  GLY A O   1 
ATOM   769  N  N   . LEU A 1 93  ? -3.477  -3.686  17.567  1.00 19.33 ? 94  LEU A N   1 
ATOM   770  C  CA  . LEU A 1 93  ? -2.061  -4.001  17.413  1.00 21.76 ? 94  LEU A CA  1 
ATOM   771  C  C   . LEU A 1 93  ? -1.849  -5.067  16.340  1.00 20.62 ? 94  LEU A C   1 
ATOM   772  O  O   . LEU A 1 93  ? -0.975  -4.920  15.478  1.00 21.10 ? 94  LEU A O   1 
ATOM   773  C  CB  . LEU A 1 93  ? -1.464  -4.439  18.760  1.00 18.69 ? 94  LEU A CB  1 
ATOM   774  C  CG  . LEU A 1 93  ? 0.008   -4.877  18.731  1.00 21.53 ? 94  LEU A CG  1 
ATOM   775  C  CD1 . LEU A 1 93  ? 0.945   -3.798  18.171  1.00 21.41 ? 94  LEU A CD1 1 
ATOM   776  C  CD2 . LEU A 1 93  ? 0.467   -5.306  20.100  1.00 19.84 ? 94  LEU A CD2 1 
ATOM   777  N  N   . ASP A 1 94  ? -2.654  -6.147  16.367  1.00 20.94 ? 95  ASP A N   1 
ATOM   778  C  CA  . ASP A 1 94  ? -2.522  -7.193  15.345  1.00 19.71 ? 95  ASP A CA  1 
ATOM   779  C  C   . ASP A 1 94  ? -2.610  -6.603  13.941  1.00 19.95 ? 95  ASP A C   1 
ATOM   780  O  O   . ASP A 1 94  ? -1.819  -6.944  13.056  1.00 18.62 ? 95  ASP A O   1 
ATOM   781  C  CB  . ASP A 1 94  ? -3.605  -8.273  15.503  1.00 19.95 ? 95  ASP A CB  1 
ATOM   782  C  CG  . ASP A 1 94  ? -3.454  -9.110  16.776  1.00 21.74 ? 95  ASP A CG  1 
ATOM   783  O  OD1 . ASP A 1 94  ? -2.336  -9.226  17.305  1.00 23.17 ? 95  ASP A OD1 1 
ATOM   784  O  OD2 . ASP A 1 94  ? -4.470  -9.666  17.238  1.00 22.15 ? 95  ASP A OD2 1 
ATOM   785  N  N   . ALA A 1 95  ? -3.591  -5.721  13.712  1.00 20.40 ? 96  ALA A N   1 
ATOM   786  C  CA  . ALA A 1 95  ? -3.797  -5.192  12.364  1.00 19.65 ? 96  ALA A CA  1 
ATOM   787  C  C   . ALA A 1 95  ? -2.658  -4.271  11.944  1.00 19.33 ? 96  ALA A C   1 
ATOM   788  O  O   . ALA A 1 95  ? -2.224  -4.301  10.787  1.00 20.23 ? 96  ALA A O   1 
ATOM   789  C  CB  . ALA A 1 95  ? -5.134  -4.464  12.279  1.00 18.75 ? 96  ALA A CB  1 
ATOM   790  N  N   . MET A 1 96  ? -2.157  -3.449  12.865  1.00 21.72 ? 97  MET A N   1 
ATOM   791  C  CA  . MET A 1 96  ? -1.002  -2.618  12.547  1.00 20.75 ? 97  MET A CA  1 
ATOM   792  C  C   . MET A 1 96  ? 0.208   -3.477  12.209  1.00 20.63 ? 97  MET A C   1 
ATOM   793  O  O   . MET A 1 96  ? 0.959   -3.160  11.279  1.00 21.69 ? 97  MET A O   1 
ATOM   794  C  CB  . MET A 1 96  ? -0.677  -1.682  13.705  1.00 20.83 ? 97  MET A CB  1 
ATOM   795  C  CG  . MET A 1 96  ? -1.620  -0.501  13.818  1.00 24.11 ? 97  MET A CG  1 
ATOM   796  S  SD  . MET A 1 96  ? -1.529  0.649   12.419  1.00 24.38 ? 97  MET A SD  1 
ATOM   797  C  CE  . MET A 1 96  ? -2.800  1.793   12.961  1.00 16.15 ? 97  MET A CE  1 
ATOM   798  N  N   . GLN A 1 97  ? 0.407   -4.575  12.942  1.00 21.58 ? 98  GLN A N   1 
ATOM   799  C  CA  . GLN A 1 97  ? 1.517   -5.472  12.626  1.00 21.81 ? 98  GLN A CA  1 
ATOM   800  C  C   . GLN A 1 97  ? 1.376   -6.041  11.218  1.00 18.98 ? 98  GLN A C   1 
ATOM   801  O  O   . GLN A 1 97  ? 2.357   -6.108  10.474  1.00 23.44 ? 98  GLN A O   1 
ATOM   802  C  CB  . GLN A 1 97  ? 1.601   -6.602  13.652  1.00 22.45 ? 98  GLN A CB  1 
ATOM   803  C  CG  . GLN A 1 97  ? 1.900   -6.155  15.067  1.00 21.82 ? 98  GLN A CG  1 
ATOM   804  C  CD  . GLN A 1 97  ? 3.383   -6.186  15.399  1.00 29.33 ? 98  GLN A CD  1 
ATOM   805  O  OE1 . GLN A 1 97  ? 4.234   -5.886  14.553  1.00 33.01 ? 98  GLN A OE1 1 
ATOM   806  N  NE2 . GLN A 1 97  ? 3.702   -6.574  16.632  1.00 27.73 ? 98  GLN A NE2 1 
ATOM   807  N  N   . VAL A 1 98  ? 0.166   -6.463  10.841  1.00 19.97 ? 99  VAL A N   1 
ATOM   808  C  CA  . VAL A 1 98  ? -0.069  -6.913  9.471   1.00 20.55 ? 99  VAL A CA  1 
ATOM   809  C  C   . VAL A 1 98  ? 0.213   -5.782  8.493   1.00 19.29 ? 99  VAL A C   1 
ATOM   810  O  O   . VAL A 1 98  ? 0.861   -5.981  7.460   1.00 19.18 ? 99  VAL A O   1 
ATOM   811  C  CB  . VAL A 1 98  ? -1.510  -7.445  9.312   1.00 22.77 ? 99  VAL A CB  1 
ATOM   812  C  CG1 . VAL A 1 98  ? -1.802  -7.748  7.852   1.00 22.79 ? 99  VAL A CG1 1 
ATOM   813  C  CG2 . VAL A 1 98  ? -1.718  -8.716  10.154  1.00 20.68 ? 99  VAL A CG2 1 
ATOM   814  N  N   . ALA A 1 99  ? -0.255  -4.571  8.813   1.00 23.72 ? 100 ALA A N   1 
ATOM   815  C  CA  . ALA A 1 99  ? -0.060  -3.434  7.914   1.00 19.43 ? 100 ALA A CA  1 
ATOM   816  C  C   . ALA A 1 99  ? 1.419   -3.154  7.699   1.00 19.08 ? 100 ALA A C   1 
ATOM   817  O  O   . ALA A 1 99  ? 1.852   -2.864  6.576   1.00 20.87 ? 100 ALA A O   1 
ATOM   818  C  CB  . ALA A 1 99  ? -0.767  -2.194  8.469   1.00 20.42 ? 100 ALA A CB  1 
ATOM   819  N  N   . LEU A 1 100 ? 2.220   -3.247  8.760   1.00 19.66 ? 101 LEU A N   1 
ATOM   820  C  CA  . LEU A 1 100 ? 3.660   -3.058  8.597   1.00 20.41 ? 101 LEU A CA  1 
ATOM   821  C  C   . LEU A 1 100 ? 4.241   -4.064  7.606   1.00 21.78 ? 101 LEU A C   1 
ATOM   822  O  O   . LEU A 1 100 ? 4.994   -3.692  6.696   1.00 22.08 ? 101 LEU A O   1 
ATOM   823  C  CB  . LEU A 1 100 ? 4.367   -3.164  9.944   1.00 20.49 ? 101 LEU A CB  1 
ATOM   824  C  CG  . LEU A 1 100 ? 5.889   -3.093  9.816   1.00 18.52 ? 101 LEU A CG  1 
ATOM   825  C  CD1 . LEU A 1 100 ? 6.315   -1.724  9.283   1.00 19.44 ? 101 LEU A CD1 1 
ATOM   826  C  CD2 . LEU A 1 100 ? 6.548   -3.406  11.147  1.00 21.86 ? 101 LEU A CD2 1 
ATOM   827  N  N   . GLN A 1 101 ? 3.909   -5.351  7.761   1.00 19.76 ? 102 GLN A N   1 
ATOM   828  C  CA  . GLN A 1 101 ? 4.490   -6.334  6.846   1.00 21.01 ? 102 GLN A CA  1 
ATOM   829  C  C   . GLN A 1 101 ? 3.975   -6.145  5.422   1.00 23.26 ? 102 GLN A C   1 
ATOM   830  O  O   . GLN A 1 101 ? 4.737   -6.325  4.465   1.00 25.14 ? 102 GLN A O   1 
ATOM   831  C  CB  . GLN A 1 101 ? 4.227   -7.751  7.352   1.00 24.41 ? 102 GLN A CB  1 
ATOM   832  C  CG  . GLN A 1 101 ? 4.876   -8.018  8.716   1.00 29.75 ? 102 GLN A CG  1 
ATOM   833  C  CD  . GLN A 1 101 ? 6.355   -7.596  8.774   1.00 34.34 ? 102 GLN A CD  1 
ATOM   834  O  OE1 . GLN A 1 101 ? 7.169   -8.020  7.950   1.00 39.37 ? 102 GLN A OE1 1 
ATOM   835  N  NE2 . GLN A 1 101 ? 6.696   -6.745  9.746   1.00 28.84 ? 102 GLN A NE2 1 
ATOM   836  N  N   . LEU A 1 102 ? 2.711   -5.735  5.261   1.00 20.67 ? 103 LEU A N   1 
ATOM   837  C  CA  . LEU A 1 102 ? 2.188   -5.428  3.930   1.00 20.20 ? 103 LEU A CA  1 
ATOM   838  C  C   . LEU A 1 102 ? 2.946   -4.270  3.291   1.00 22.90 ? 103 LEU A C   1 
ATOM   839  O  O   . LEU A 1 102 ? 3.301   -4.324  2.105   1.00 25.07 ? 103 LEU A O   1 
ATOM   840  C  CB  . LEU A 1 102 ? 0.696   -5.097  4.014   1.00 20.03 ? 103 LEU A CB  1 
ATOM   841  C  CG  . LEU A 1 102 ? 0.024   -4.564  2.742   1.00 24.98 ? 103 LEU A CG  1 
ATOM   842  C  CD1 . LEU A 1 102 ? 0.104   -5.581  1.608   1.00 21.19 ? 103 LEU A CD1 1 
ATOM   843  C  CD2 . LEU A 1 102 ? -1.429  -4.175  3.007   1.00 24.66 ? 103 LEU A CD2 1 
ATOM   844  N  N   . GLU A 1 103 ? 3.162   -3.189  4.051   1.00 21.12 ? 104 GLU A N   1 
ATOM   845  C  CA  . GLU A 1 103 ? 3.860   -2.033  3.492   1.00 20.93 ? 104 GLU A CA  1 
ATOM   846  C  C   . GLU A 1 103 ? 5.285   -2.394  3.108   1.00 20.70 ? 104 GLU A C   1 
ATOM   847  O  O   . GLU A 1 103 ? 5.810   -1.893  2.104   1.00 23.30 ? 104 GLU A O   1 
ATOM   848  C  CB  . GLU A 1 103 ? 3.871   -0.865  4.479   1.00 21.68 ? 104 GLU A CB  1 
ATOM   849  C  CG  . GLU A 1 103 ? 2.506   -0.260  4.796   1.00 21.89 ? 104 GLU A CG  1 
ATOM   850  C  CD  . GLU A 1 103 ? 1.903   0.529   3.650   1.00 28.13 ? 104 GLU A CD  1 
ATOM   851  O  OE1 . GLU A 1 103 ? 2.636   0.904   2.714   1.00 28.44 ? 104 GLU A OE1 1 
ATOM   852  O  OE2 . GLU A 1 103 ? 0.680   0.782   3.691   1.00 32.75 ? 104 GLU A OE2 1 
ATOM   853  N  N   . LYS A 1 104 ? 5.938   -3.237  3.915   1.00 21.54 ? 105 LYS A N   1 
ATOM   854  C  CA  . LYS A 1 104 ? 7.286   -3.691  3.589   1.00 23.16 ? 105 LYS A CA  1 
ATOM   855  C  C   . LYS A 1 104 ? 7.287   -4.600  2.368   1.00 21.69 ? 105 LYS A C   1 
ATOM   856  O  O   . LYS A 1 104 ? 8.240   -4.580  1.581   1.00 23.51 ? 105 LYS A O   1 
ATOM   857  C  CB  . LYS A 1 104 ? 7.896   -4.396  4.798   1.00 19.94 ? 105 LYS A CB  1 
ATOM   858  C  CG  . LYS A 1 104 ? 8.213   -3.431  5.936   1.00 23.18 ? 105 LYS A CG  1 
ATOM   859  C  CD  . LYS A 1 104 ? 8.834   -4.135  7.136   1.00 28.34 ? 105 LYS A CD  1 
ATOM   860  C  CE  . LYS A 1 104 ? 10.357  -4.057  7.088   1.00 27.87 ? 105 LYS A CE  1 
ATOM   861  N  NZ  . LYS A 1 104 ? 10.959  -4.568  8.350   1.00 34.89 ? 105 LYS A NZ  1 
ATOM   862  N  N   . THR A 1 105 ? 6.229   -5.388  2.183   1.00 22.66 ? 106 THR A N   1 
ATOM   863  C  CA  . THR A 1 105 ? 6.129   -6.191  0.968   1.00 23.27 ? 106 THR A CA  1 
ATOM   864  C  C   . THR A 1 105 ? 5.950   -5.305  -0.255  1.00 22.92 ? 106 THR A C   1 
ATOM   865  O  O   . THR A 1 105 ? 6.557   -5.557  -1.302  1.00 21.95 ? 106 THR A O   1 
ATOM   866  C  CB  . THR A 1 105 ? 4.975   -7.185  1.079   1.00 24.37 ? 106 THR A CB  1 
ATOM   867  O  OG1 . THR A 1 105 ? 5.155   -7.988  2.251   1.00 23.27 ? 106 THR A OG1 1 
ATOM   868  C  CG2 . THR A 1 105 ? 4.955   -8.102  -0.126  1.00 26.50 ? 106 THR A CG2 1 
ATOM   869  N  N   . VAL A 1 106 ? 5.122   -4.262  -0.142  1.00 22.72 ? 107 VAL A N   1 
ATOM   870  C  CA  . VAL A 1 106 ? 4.971   -3.322  -1.251  1.00 24.06 ? 107 VAL A CA  1 
ATOM   871  C  C   . VAL A 1 106 ? 6.288   -2.615  -1.522  1.00 20.41 ? 107 VAL A C   1 
ATOM   872  O  O   . VAL A 1 106 ? 6.672   -2.417  -2.676  1.00 22.87 ? 107 VAL A O   1 
ATOM   873  C  CB  . VAL A 1 106 ? 3.833   -2.322  -0.961  1.00 23.71 ? 107 VAL A CB  1 
ATOM   874  C  CG1 . VAL A 1 106 ? 3.777   -1.235  -2.036  1.00 21.30 ? 107 VAL A CG1 1 
ATOM   875  C  CG2 . VAL A 1 106 ? 2.494   -3.055  -0.893  1.00 23.05 ? 107 VAL A CG2 1 
ATOM   876  N  N   . ASN A 1 107 ? 7.015   -2.251  -0.461  1.00 21.41 ? 108 ASN A N   1 
ATOM   877  C  CA  . ASN A 1 107 ? 8.285   -1.551  -0.628  1.00 20.49 ? 108 ASN A CA  1 
ATOM   878  C  C   . ASN A 1 107 ? 9.314   -2.439  -1.317  1.00 22.20 ? 108 ASN A C   1 
ATOM   879  O  O   . ASN A 1 107 ? 10.032  -1.988  -2.219  1.00 20.87 ? 108 ASN A O   1 
ATOM   880  C  CB  . ASN A 1 107 ? 8.800   -1.075  0.734   1.00 19.99 ? 108 ASN A CB  1 
ATOM   881  C  CG  . ASN A 1 107 ? 9.856   0.017   0.624   1.00 22.30 ? 108 ASN A CG  1 
ATOM   882  O  OD1 . ASN A 1 107 ? 9.882   0.787   -0.339  1.00 18.89 ? 108 ASN A OD1 1 
ATOM   883  N  ND2 . ASN A 1 107 ? 10.741  0.085   1.621   1.00 23.22 ? 108 ASN A ND2 1 
ATOM   884  N  N   . GLN A 1 108 ? 9.386   -3.714  -0.921  1.00 21.23 ? 109 GLN A N   1 
ATOM   885  C  CA  . GLN A 1 108 ? 10.312  -4.628  -1.583  1.00 20.17 ? 109 GLN A CA  1 
ATOM   886  C  C   . GLN A 1 108 ? 9.973   -4.766  -3.060  1.00 23.11 ? 109 GLN A C   1 
ATOM   887  O  O   . GLN A 1 108 ? 10.866  -4.791  -3.915  1.00 23.07 ? 109 GLN A O   1 
ATOM   888  C  CB  . GLN A 1 108 ? 10.294  -5.997  -0.903  1.00 19.68 ? 109 GLN A CB  1 
ATOM   889  C  CG  . GLN A 1 108 ? 11.427  -6.889  -1.359  1.00 26.46 ? 109 GLN A CG  1 
ATOM   890  C  CD  . GLN A 1 108 ? 12.780  -6.219  -1.171  1.00 32.08 ? 109 GLN A CD  1 
ATOM   891  O  OE1 . GLN A 1 108 ? 13.186  -5.912  -0.044  1.00 31.00 ? 109 GLN A OE1 1 
ATOM   892  N  NE2 . GLN A 1 108 ? 13.474  -5.963  -2.278  1.00 34.06 ? 109 GLN A NE2 1 
ATOM   893  N  N   . SER A 1 109 ? 8.685   -4.843  -3.377  1.00 19.57 ? 110 SER A N   1 
ATOM   894  C  CA  . SER A 1 109 ? 8.270   -4.928  -4.768  1.00 25.17 ? 110 SER A CA  1 
ATOM   895  C  C   . SER A 1 109 ? 8.697   -3.686  -5.550  1.00 24.65 ? 110 SER A C   1 
ATOM   896  O  O   . SER A 1 109 ? 9.194   -3.793  -6.675  1.00 22.24 ? 110 SER A O   1 
ATOM   897  C  CB  . SER A 1 109 ? 6.760   -5.135  -4.825  1.00 21.39 ? 110 SER A CB  1 
ATOM   898  O  OG  . SER A 1 109 ? 6.295   -5.137  -6.154  1.00 25.51 ? 110 SER A OG  1 
ATOM   899  N  N   . LEU A 1 110 ? 8.535   -2.499  -4.953  1.00 23.35 ? 111 LEU A N   1 
ATOM   900  C  CA  . LEU A 1 110 ? 8.947   -1.264  -5.615  1.00 22.12 ? 111 LEU A CA  1 
ATOM   901  C  C   . LEU A 1 110 ? 10.462  -1.195  -5.796  1.00 22.17 ? 111 LEU A C   1 
ATOM   902  O  O   . LEU A 1 110 ? 10.948  -0.717  -6.829  1.00 21.12 ? 111 LEU A O   1 
ATOM   903  C  CB  . LEU A 1 110 ? 8.457   -0.056  -4.813  1.00 20.81 ? 111 LEU A CB  1 
ATOM   904  C  CG  . LEU A 1 110 ? 6.947   0.174   -4.786  1.00 19.94 ? 111 LEU A CG  1 
ATOM   905  C  CD1 . LEU A 1 110 ? 6.553   1.053   -3.613  1.00 18.96 ? 111 LEU A CD1 1 
ATOM   906  C  CD2 . LEU A 1 110 ? 6.475   0.787   -6.113  1.00 21.30 ? 111 LEU A CD2 1 
ATOM   907  N  N   . LEU A 1 111 ? 11.222  -1.622  -4.784  1.00 21.13 ? 112 LEU A N   1 
ATOM   908  C  CA  . LEU A 1 111 ? 12.675  -1.656  -4.909  1.00 20.81 ? 112 LEU A CA  1 
ATOM   909  C  C   . LEU A 1 111 ? 13.107  -2.602  -6.026  1.00 24.38 ? 112 LEU A C   1 
ATOM   910  O  O   . LEU A 1 111 ? 13.989  -2.266  -6.829  1.00 23.27 ? 112 LEU A O   1 
ATOM   911  C  CB  . LEU A 1 111 ? 13.294  -2.055  -3.572  1.00 22.80 ? 112 LEU A CB  1 
ATOM   912  C  CG  . LEU A 1 111 ? 13.144  -0.953  -2.515  1.00 24.45 ? 112 LEU A CG  1 
ATOM   913  C  CD1 . LEU A 1 111 ? 13.595  -1.424  -1.133  1.00 21.46 ? 112 LEU A CD1 1 
ATOM   914  C  CD2 . LEU A 1 111 ? 13.931  0.279   -2.957  1.00 22.59 ? 112 LEU A CD2 1 
ATOM   915  N  N   . ASP A 1 112 ? 12.481  -3.782  -6.106  1.00 22.35 ? 113 ASP A N   1 
ATOM   916  C  CA  . ASP A 1 112 ? 12.742  -4.693  -7.219  1.00 24.00 ? 113 ASP A CA  1 
ATOM   917  C  C   . ASP A 1 112 ? 12.426  -4.031  -8.553  1.00 25.59 ? 113 ASP A C   1 
ATOM   918  O  O   . ASP A 1 112 ? 13.207  -4.119  -9.503  1.00 23.02 ? 113 ASP A O   1 
ATOM   919  C  CB  . ASP A 1 112 ? 11.915  -5.970  -7.072  1.00 25.63 ? 113 ASP A CB  1 
ATOM   920  C  CG  . ASP A 1 112 ? 12.342  -6.819  -5.891  1.00 28.36 ? 113 ASP A CG  1 
ATOM   921  O  OD1 . ASP A 1 112 ? 13.421  -6.565  -5.314  1.00 30.04 ? 113 ASP A OD1 1 
ATOM   922  O  OD2 . ASP A 1 112 ? 11.593  -7.758  -5.558  1.00 33.30 ? 113 ASP A OD2 1 
ATOM   923  N  N   . LEU A 1 113 ? 11.267  -3.368  -8.639  1.00 25.69 ? 114 LEU A N   1 
ATOM   924  C  CA  . LEU A 1 113 ? 10.878  -2.678  -9.866  1.00 22.68 ? 114 LEU A CA  1 
ATOM   925  C  C   . LEU A 1 113 ? 11.873  -1.583  -10.220 1.00 23.07 ? 114 LEU A C   1 
ATOM   926  O  O   . LEU A 1 113 ? 12.205  -1.385  -11.396 1.00 20.83 ? 114 LEU A O   1 
ATOM   927  C  CB  . LEU A 1 113 ? 9.478   -2.089  -9.702  1.00 22.08 ? 114 LEU A CB  1 
ATOM   928  C  CG  . LEU A 1 113 ? 8.869   -1.384  -10.909 1.00 20.60 ? 114 LEU A CG  1 
ATOM   929  C  CD1 . LEU A 1 113 ? 8.805   -2.340  -12.079 1.00 19.32 ? 114 LEU A CD1 1 
ATOM   930  C  CD2 . LEU A 1 113 ? 7.476   -0.886  -10.564 1.00 21.76 ? 114 LEU A CD2 1 
ATOM   931  N  N   . HIS A 1 114 ? 12.354  -0.852  -9.214  1.00 21.94 ? 115 HIS A N   1 
ATOM   932  C  CA  . HIS A 1 114 ? 13.355  0.176   -9.470  1.00 22.19 ? 115 HIS A CA  1 
ATOM   933  C  C   . HIS A 1 114 ? 14.627  -0.445  -10.044 1.00 21.30 ? 115 HIS A C   1 
ATOM   934  O  O   . HIS A 1 114 ? 15.245  0.117   -10.958 1.00 22.09 ? 115 HIS A O   1 
ATOM   935  C  CB  . HIS A 1 114 ? 13.636  0.953   -8.178  1.00 20.25 ? 115 HIS A CB  1 
ATOM   936  C  CG  . HIS A 1 114 ? 14.518  2.154   -8.360  1.00 21.89 ? 115 HIS A CG  1 
ATOM   937  N  ND1 . HIS A 1 114 ? 15.886  2.058   -8.494  1.00 20.45 ? 115 HIS A ND1 1 
ATOM   938  C  CD2 . HIS A 1 114 ? 14.228  3.479   -8.409  1.00 20.46 ? 115 HIS A CD2 1 
ATOM   939  C  CE1 . HIS A 1 114 ? 16.402  3.269   -8.631  1.00 22.72 ? 115 HIS A CE1 1 
ATOM   940  N  NE2 . HIS A 1 114 ? 15.416  4.151   -8.580  1.00 21.77 ? 115 HIS A NE2 1 
ATOM   941  N  N   . LYS A 1 115 ? 15.018  -1.618  -9.539  1.00 21.55 ? 116 LYS A N   1 
ATOM   942  C  CA  . LYS A 1 115 ? 16.210  -2.282  -10.060 1.00 24.54 ? 116 LYS A CA  1 
ATOM   943  C  C   . LYS A 1 115 ? 16.023  -2.662  -11.521 1.00 23.04 ? 116 LYS A C   1 
ATOM   944  O  O   . LYS A 1 115 ? 16.955  -2.565  -12.320 1.00 24.33 ? 116 LYS A O   1 
ATOM   945  C  CB  . LYS A 1 115 ? 16.544  -3.513  -9.210  1.00 24.44 ? 116 LYS A CB  1 
ATOM   946  C  CG  . LYS A 1 115 ? 17.149  -3.172  -7.849  1.00 29.04 ? 116 LYS A CG  1 
ATOM   947  C  CD  . LYS A 1 115 ? 17.348  -4.428  -6.975  1.00 31.12 ? 116 LYS A CD  1 
ATOM   948  C  CE  . LYS A 1 115 ? 18.020  -4.094  -5.626  1.00 31.88 ? 116 LYS A CE  1 
ATOM   949  N  NZ  . LYS A 1 115 ? 17.076  -3.544  -4.608  1.00 33.99 ? 116 LYS A NZ  1 
ATOM   950  N  N   . VAL A 1 116 ? 14.812  -3.076  -11.890 1.00 24.61 ? 117 VAL A N   1 
ATOM   951  C  CA  . VAL A 1 116 ? 14.530  -3.406  -13.283 1.00 21.55 ? 117 VAL A CA  1 
ATOM   952  C  C   . VAL A 1 116 ? 14.700  -2.174  -14.165 1.00 23.73 ? 117 VAL A C   1 
ATOM   953  O  O   . VAL A 1 116 ? 15.430  -2.201  -15.166 1.00 23.14 ? 117 VAL A O   1 
ATOM   954  C  CB  . VAL A 1 116 ? 13.120  -4.009  -13.398 1.00 22.25 ? 117 VAL A CB  1 
ATOM   955  C  CG1 . VAL A 1 116 ? 12.653  -4.038  -14.840 1.00 18.18 ? 117 VAL A CG1 1 
ATOM   956  C  CG2 . VAL A 1 116 ? 13.112  -5.395  -12.798 1.00 22.06 ? 117 VAL A CG2 1 
ATOM   957  N  N   . ALA A 1 117 ? 14.031  -1.070  -13.804 1.00 21.94 ? 118 ALA A N   1 
ATOM   958  C  CA  . ALA A 1 117 ? 14.145  0.156   -14.591 1.00 21.37 ? 118 ALA A CA  1 
ATOM   959  C  C   . ALA A 1 117 ? 15.588  0.633   -14.664 1.00 22.67 ? 118 ALA A C   1 
ATOM   960  O  O   . ALA A 1 117 ? 16.060  1.063   -15.723 1.00 23.66 ? 118 ALA A O   1 
ATOM   961  C  CB  . ALA A 1 117 ? 13.257  1.252   -14.000 1.00 19.22 ? 118 ALA A CB  1 
ATOM   962  N  N   . ASP A 1 118 ? 16.299  0.581   -13.539 1.00 22.77 ? 119 ASP A N   1 
ATOM   963  C  CA  . ASP A 1 118 ? 17.683  1.033   -13.525 1.00 24.46 ? 119 ASP A CA  1 
ATOM   964  C  C   . ASP A 1 118 ? 18.555  0.151   -14.416 1.00 23.91 ? 119 ASP A C   1 
ATOM   965  O  O   . ASP A 1 118 ? 19.457  0.646   -15.097 1.00 23.75 ? 119 ASP A O   1 
ATOM   966  C  CB  . ASP A 1 118 ? 18.193  1.058   -12.082 1.00 24.57 ? 119 ASP A CB  1 
ATOM   967  C  CG  . ASP A 1 118 ? 19.612  1.563   -11.969 1.00 30.46 ? 119 ASP A CG  1 
ATOM   968  O  OD1 . ASP A 1 118 ? 19.843  2.760   -12.215 1.00 35.29 ? 119 ASP A OD1 1 
ATOM   969  O  OD2 . ASP A 1 118 ? 20.495  0.770   -11.610 1.00 39.16 ? 119 ASP A OD2 1 
ATOM   970  N  N   . SER A 1 119 ? 18.284  -1.157  -14.449 1.00 24.28 ? 120 SER A N   1 
ATOM   971  C  CA  . SER A 1 119 ? 19.073  -2.045  -15.303 1.00 23.95 ? 120 SER A CA  1 
ATOM   972  C  C   . SER A 1 119 ? 18.904  -1.719  -16.783 1.00 27.34 ? 120 SER A C   1 
ATOM   973  O  O   . SER A 1 119 ? 19.784  -2.042  -17.585 1.00 26.50 ? 120 SER A O   1 
ATOM   974  C  CB  . SER A 1 119 ? 18.700  -3.508  -15.029 1.00 23.79 ? 120 SER A CB  1 
ATOM   975  O  OG  . SER A 1 119 ? 17.484  -3.865  -15.667 1.00 25.06 ? 120 SER A OG  1 
ATOM   976  N  N   . HIS A 1 120 ? 17.805  -1.066  -17.166 1.00 24.48 ? 121 HIS A N   1 
ATOM   977  C  CA  . HIS A 1 120 ? 17.578  -0.670  -18.546 1.00 21.95 ? 121 HIS A CA  1 
ATOM   978  C  C   . HIS A 1 120 ? 17.826  0.811   -18.762 1.00 23.00 ? 121 HIS A C   1 
ATOM   979  O  O   . HIS A 1 120 ? 17.386  1.370   -19.775 1.00 23.25 ? 121 HIS A O   1 
ATOM   980  C  CB  . HIS A 1 120 ? 16.163  -1.053  -18.972 1.00 22.41 ? 121 HIS A CB  1 
ATOM   981  C  CG  . HIS A 1 120 ? 15.892  -2.520  -18.862 1.00 25.11 ? 121 HIS A CG  1 
ATOM   982  N  ND1 . HIS A 1 120 ? 16.710  -3.468  -19.439 1.00 24.22 ? 121 HIS A ND1 1 
ATOM   983  C  CD2 . HIS A 1 120 ? 14.908  -3.205  -18.231 1.00 24.89 ? 121 HIS A CD2 1 
ATOM   984  C  CE1 . HIS A 1 120 ? 16.240  -4.675  -19.174 1.00 23.26 ? 121 HIS A CE1 1 
ATOM   985  N  NE2 . HIS A 1 120 ? 15.145  -4.545  -18.445 1.00 25.46 ? 121 HIS A NE2 1 
ATOM   986  N  N   . GLN A 1 121 ? 18.516  1.452   -17.818 1.00 22.54 ? 122 GLN A N   1 
ATOM   987  C  CA  . GLN A 1 121 ? 18.861  2.871   -17.891 1.00 24.70 ? 122 GLN A CA  1 
ATOM   988  C  C   . GLN A 1 121 ? 17.618  3.731   -18.107 1.00 21.42 ? 122 GLN A C   1 
ATOM   989  O  O   . GLN A 1 121 ? 17.655  4.748   -18.803 1.00 21.63 ? 122 GLN A O   1 
ATOM   990  C  CB  . GLN A 1 121 ? 19.909  3.130   -18.977 1.00 25.04 ? 122 GLN A CB  1 
ATOM   991  C  CG  . GLN A 1 121 ? 21.195  2.328   -18.791 1.00 27.86 ? 122 GLN A CG  1 
ATOM   992  C  CD  . GLN A 1 121 ? 22.210  2.617   -19.891 1.00 35.77 ? 122 GLN A CD  1 
ATOM   993  O  OE1 . GLN A 1 121 ? 21.948  2.376   -21.070 1.00 42.39 ? 122 GLN A OE1 1 
ATOM   994  N  NE2 . GLN A 1 121 ? 23.356  3.174   -19.513 1.00 37.69 ? 122 GLN A NE2 1 
ATOM   995  N  N   . ASP A 1 122 ? 16.503  3.321   -17.497 1.00 21.02 ? 123 ASP A N   1 
ATOM   996  C  CA  . ASP A 1 122 ? 15.257  4.086   -17.573 1.00 20.59 ? 123 ASP A CA  1 
ATOM   997  C  C   . ASP A 1 122 ? 15.277  5.148   -16.472 1.00 22.22 ? 123 ASP A C   1 
ATOM   998  O  O   . ASP A 1 122 ? 14.618  5.030   -15.438 1.00 20.66 ? 123 ASP A O   1 
ATOM   999  C  CB  . ASP A 1 122 ? 14.047  3.168   -17.449 1.00 19.52 ? 123 ASP A CB  1 
ATOM   1000 C  CG  . ASP A 1 122 ? 12.777  3.823   -17.950 1.00 19.37 ? 123 ASP A CG  1 
ATOM   1001 O  OD1 . ASP A 1 122 ? 12.706  5.066   -17.881 1.00 22.25 ? 123 ASP A OD1 1 
ATOM   1002 O  OD2 . ASP A 1 122 ? 11.870  3.108   -18.423 1.00 19.54 ? 123 ASP A OD2 1 
ATOM   1003 N  N   . ALA A 1 123 ? 16.052  6.209   -16.714 1.00 18.79 ? 124 ALA A N   1 
ATOM   1004 C  CA  . ALA A 1 123 ? 16.267  7.227   -15.690 1.00 22.75 ? 124 ALA A CA  1 
ATOM   1005 C  C   . ALA A 1 123 ? 14.959  7.890   -15.264 1.00 21.33 ? 124 ALA A C   1 
ATOM   1006 O  O   . ALA A 1 123 ? 14.768  8.205   -14.085 1.00 19.50 ? 124 ALA A O   1 
ATOM   1007 C  CB  . ALA A 1 123 ? 17.248  8.280   -16.201 1.00 20.48 ? 124 ALA A CB  1 
ATOM   1008 N  N   . GLN A 1 124 ? 14.051  8.116   -16.210 1.00 20.35 ? 125 GLN A N   1 
ATOM   1009 C  CA  . GLN A 1 124 ? 12.800  8.779   -15.866 1.00 20.64 ? 125 GLN A CA  1 
ATOM   1010 C  C   . GLN A 1 124 ? 11.926  7.893   -14.979 1.00 23.21 ? 125 GLN A C   1 
ATOM   1011 O  O   . GLN A 1 124 ? 11.358  8.373   -13.987 1.00 19.48 ? 125 GLN A O   1 
ATOM   1012 C  CB  . GLN A 1 124 ? 12.058  9.190   -17.135 1.00 21.32 ? 125 GLN A CB  1 
ATOM   1013 C  CG  . GLN A 1 124 ? 11.108  10.375  -16.935 1.00 19.71 ? 125 GLN A CG  1 
ATOM   1014 C  CD  . GLN A 1 124 ? 9.833   9.993   -16.216 1.00 23.01 ? 125 GLN A CD  1 
ATOM   1015 O  OE1 . GLN A 1 124 ? 9.202   8.983   -16.541 1.00 23.95 ? 125 GLN A OE1 1 
ATOM   1016 N  NE2 . GLN A 1 124 ? 9.443   10.799  -15.231 1.00 22.80 ? 125 GLN A NE2 1 
ATOM   1017 N  N   . MET A 1 125 ? 11.817  6.598   -15.303 1.00 18.59 ? 126 MET A N   1 
ATOM   1018 C  CA  . MET A 1 125 ? 11.008  5.709   -14.474 1.00 17.09 ? 126 MET A CA  1 
ATOM   1019 C  C   . MET A 1 125 ? 11.591  5.575   -13.078 1.00 19.83 ? 126 MET A C   1 
ATOM   1020 O  O   . MET A 1 125 ? 10.847  5.486   -12.089 1.00 18.62 ? 126 MET A O   1 
ATOM   1021 C  CB  . MET A 1 125 ? 10.880  4.337   -15.130 1.00 17.97 ? 126 MET A CB  1 
ATOM   1022 C  CG  . MET A 1 125 ? 10.173  3.305   -14.274 1.00 16.91 ? 126 MET A CG  1 
ATOM   1023 S  SD  . MET A 1 125 ? 9.762   1.850   -15.250 1.00 23.79 ? 126 MET A SD  1 
ATOM   1024 C  CE  . MET A 1 125 ? 9.416   0.650   -13.962 1.00 19.62 ? 126 MET A CE  1 
ATOM   1025 N  N   . CYS A 1 126 ? 12.921  5.545   -12.975 1.00 21.72 ? 127 CYS A N   1 
ATOM   1026 C  CA  . CYS A 1 126 ? 13.557  5.501   -11.665 1.00 19.00 ? 127 CYS A CA  1 
ATOM   1027 C  C   . CYS A 1 126 ? 13.174  6.719   -10.831 1.00 21.43 ? 127 CYS A C   1 
ATOM   1028 O  O   . CYS A 1 126 ? 12.843  6.597   -9.646  1.00 19.77 ? 127 CYS A O   1 
ATOM   1029 C  CB  . CYS A 1 126 ? 15.070  5.405   -11.829 1.00 18.15 ? 127 CYS A CB  1 
ATOM   1030 S  SG  . CYS A 1 126 ? 15.629  3.745   -12.296 1.00 24.48 ? 127 CYS A SG  1 
ATOM   1031 N  N   . ASP A 1 127 ? 13.213  7.907   -11.439 1.00 22.19 ? 128 ASP A N   1 
ATOM   1032 C  CA  . ASP A 1 127 ? 12.846  9.115   -10.705 1.00 22.90 ? 128 ASP A CA  1 
ATOM   1033 C  C   . ASP A 1 127 ? 11.372  9.104   -10.327 1.00 22.22 ? 128 ASP A C   1 
ATOM   1034 O  O   . ASP A 1 127 ? 11.001  9.537   -9.229  1.00 21.84 ? 128 ASP A O   1 
ATOM   1035 C  CB  . ASP A 1 127 ? 13.178  10.351  -11.535 1.00 21.11 ? 128 ASP A CB  1 
ATOM   1036 C  CG  . ASP A 1 127 ? 12.676  11.628  -10.893 1.00 23.52 ? 128 ASP A CG  1 
ATOM   1037 O  OD1 . ASP A 1 127 ? 13.202  12.004  -9.827  1.00 27.56 ? 128 ASP A OD1 1 
ATOM   1038 O  OD2 . ASP A 1 127 ? 11.754  12.243  -11.463 1.00 24.10 ? 128 ASP A OD2 1 
ATOM   1039 N  N   . PHE A 1 128 ? 10.519  8.620   -11.233 1.00 20.95 ? 129 PHE A N   1 
ATOM   1040 C  CA  . PHE A 1 128 ? 9.095   8.503   -10.940 1.00 22.44 ? 129 PHE A CA  1 
ATOM   1041 C  C   . PHE A 1 128 ? 8.850   7.612   -9.730  1.00 23.00 ? 129 PHE A C   1 
ATOM   1042 O  O   . PHE A 1 128 ? 8.061   7.957   -8.845  1.00 21.03 ? 129 PHE A O   1 
ATOM   1043 C  CB  . PHE A 1 128 ? 8.362   7.962   -12.165 1.00 21.67 ? 129 PHE A CB  1 
ATOM   1044 C  CG  . PHE A 1 128 ? 6.960   7.506   -11.883 1.00 20.77 ? 129 PHE A CG  1 
ATOM   1045 C  CD1 . PHE A 1 128 ? 5.944   8.426   -11.674 1.00 19.51 ? 129 PHE A CD1 1 
ATOM   1046 C  CD2 . PHE A 1 128 ? 6.654   6.155   -11.839 1.00 20.16 ? 129 PHE A CD2 1 
ATOM   1047 C  CE1 . PHE A 1 128 ? 4.652   8.001   -11.416 1.00 22.98 ? 129 PHE A CE1 1 
ATOM   1048 C  CE2 . PHE A 1 128 ? 5.364   5.726   -11.585 1.00 19.96 ? 129 PHE A CE2 1 
ATOM   1049 C  CZ  . PHE A 1 128 ? 4.364   6.645   -11.370 1.00 19.61 ? 129 PHE A CZ  1 
ATOM   1050 N  N   . LEU A 1 129 ? 9.519   6.462   -9.671  1.00 17.80 ? 130 LEU A N   1 
ATOM   1051 C  CA  . LEU A 1 129 ? 9.338   5.563   -8.532  1.00 20.17 ? 130 LEU A CA  1 
ATOM   1052 C  C   . LEU A 1 129 ? 9.886   6.171   -7.248  1.00 20.17 ? 130 LEU A C   1 
ATOM   1053 O  O   . LEU A 1 129 ? 9.243   6.091   -6.196  1.00 22.29 ? 130 LEU A O   1 
ATOM   1054 C  CB  . LEU A 1 129 ? 10.016  4.221   -8.809  1.00 18.09 ? 130 LEU A CB  1 
ATOM   1055 C  CG  . LEU A 1 129 ? 9.462   3.413   -9.988  1.00 19.61 ? 130 LEU A CG  1 
ATOM   1056 C  CD1 . LEU A 1 129 ? 10.327  2.173   -10.210 1.00 19.60 ? 130 LEU A CD1 1 
ATOM   1057 C  CD2 . LEU A 1 129 ? 8.019   3.021   -9.737  1.00 22.28 ? 130 LEU A CD2 1 
ATOM   1058 N  N   . GLU A 1 130 ? 11.085  6.752   -7.309  1.00 21.34 ? 131 GLU A N   1 
ATOM   1059 C  CA  . GLU A 1 130 ? 11.664  7.417   -6.145  1.00 19.55 ? 131 GLU A CA  1 
ATOM   1060 C  C   . GLU A 1 130 ? 10.735  8.511   -5.622  1.00 23.19 ? 131 GLU A C   1 
ATOM   1061 O  O   . GLU A 1 130 ? 10.435  8.576   -4.421  1.00 22.63 ? 131 GLU A O   1 
ATOM   1062 C  CB  . GLU A 1 130 ? 13.028  8.003   -6.516  1.00 20.96 ? 131 GLU A CB  1 
ATOM   1063 C  CG  . GLU A 1 130 ? 14.119  6.951   -6.782  1.00 24.81 ? 131 GLU A CG  1 
ATOM   1064 C  CD  . GLU A 1 130 ? 15.282  7.495   -7.603  1.00 23.02 ? 131 GLU A CD  1 
ATOM   1065 O  OE1 . GLU A 1 130 ? 15.443  8.726   -7.664  1.00 25.25 ? 131 GLU A OE1 1 
ATOM   1066 O  OE2 . GLU A 1 130 ? 16.031  6.687   -8.196  1.00 23.78 ? 131 GLU A OE2 1 
ATOM   1067 N  N   . THR A 1 131 ? 10.253  9.368   -6.521  1.00 21.36 ? 132 THR A N   1 
ATOM   1068 C  CA  . THR A 1 131 ? 9.491   10.541  -6.099  1.00 23.68 ? 132 THR A CA  1 
ATOM   1069 C  C   . THR A 1 131 ? 8.124   10.150  -5.554  1.00 23.01 ? 132 THR A C   1 
ATOM   1070 O  O   . THR A 1 131 ? 7.697   10.647  -4.505  1.00 22.63 ? 132 THR A O   1 
ATOM   1071 C  CB  . THR A 1 131 ? 9.346   11.508  -7.272  1.00 23.62 ? 132 THR A CB  1 
ATOM   1072 O  OG1 . THR A 1 131 ? 10.649  11.849  -7.763  1.00 22.45 ? 132 THR A OG1 1 
ATOM   1073 C  CG2 . THR A 1 131 ? 8.610   12.791  -6.844  1.00 25.29 ? 132 THR A CG2 1 
ATOM   1074 N  N   . HIS A 1 132 ? 7.424   9.252   -6.236  1.00 20.19 ? 133 HIS A N   1 
ATOM   1075 C  CA  . HIS A 1 132 ? 6.029   9.030   -5.919  1.00 21.44 ? 133 HIS A CA  1 
ATOM   1076 C  C   . HIS A 1 132 ? 5.758   7.743   -5.158  1.00 24.37 ? 133 HIS A C   1 
ATOM   1077 O  O   . HIS A 1 132 ? 4.624   7.545   -4.720  1.00 20.35 ? 133 HIS A O   1 
ATOM   1078 C  CB  . HIS A 1 132 ? 5.205   9.078   -7.214  1.00 21.84 ? 133 HIS A CB  1 
ATOM   1079 C  CG  . HIS A 1 132 ? 5.309   10.397  -7.907  1.00 24.53 ? 133 HIS A CG  1 
ATOM   1080 N  ND1 . HIS A 1 132 ? 4.549   11.487  -7.541  1.00 26.53 ? 133 HIS A ND1 1 
ATOM   1081 C  CD2 . HIS A 1 132 ? 6.136   10.829  -8.891  1.00 25.26 ? 133 HIS A CD2 1 
ATOM   1082 C  CE1 . HIS A 1 132 ? 4.878   12.523  -8.292  1.00 26.23 ? 133 HIS A CE1 1 
ATOM   1083 N  NE2 . HIS A 1 132 ? 5.841   12.152  -9.116  1.00 25.88 ? 133 HIS A NE2 1 
ATOM   1084 N  N   . TYR A 1 133 ? 6.756   6.873   -4.975  1.00 22.27 ? 134 TYR A N   1 
ATOM   1085 C  CA  . TYR A 1 133 ? 6.497   5.608   -4.292  1.00 21.41 ? 134 TYR A CA  1 
ATOM   1086 C  C   . TYR A 1 133 ? 7.514   5.294   -3.194  1.00 22.11 ? 134 TYR A C   1 
ATOM   1087 O  O   . TYR A 1 133 ? 7.120   4.926   -2.082  1.00 21.22 ? 134 TYR A O   1 
ATOM   1088 C  CB  . TYR A 1 133 ? 6.415   4.463   -5.319  1.00 20.21 ? 134 TYR A CB  1 
ATOM   1089 C  CG  . TYR A 1 133 ? 5.158   4.606   -6.149  1.00 22.33 ? 134 TYR A CG  1 
ATOM   1090 C  CD1 . TYR A 1 133 ? 5.131   5.441   -7.268  1.00 19.45 ? 134 TYR A CD1 1 
ATOM   1091 C  CD2 . TYR A 1 133 ? 3.974   3.973   -5.770  1.00 21.68 ? 134 TYR A CD2 1 
ATOM   1092 C  CE1 . TYR A 1 133 ? 3.964   5.625   -8.000  1.00 19.65 ? 134 TYR A CE1 1 
ATOM   1093 C  CE2 . TYR A 1 133 ? 2.803   4.142   -6.510  1.00 21.44 ? 134 TYR A CE2 1 
ATOM   1094 C  CZ  . TYR A 1 133 ? 2.807   4.974   -7.613  1.00 17.84 ? 134 TYR A CZ  1 
ATOM   1095 O  OH  . TYR A 1 133 ? 1.656   5.156   -8.345  1.00 20.02 ? 134 TYR A OH  1 
ATOM   1096 N  N   . LEU A 1 134 ? 8.814   5.442   -3.469  1.00 20.87 ? 135 LEU A N   1 
ATOM   1097 C  CA  . LEU A 1 134 ? 9.803   5.018   -2.476  1.00 21.32 ? 135 LEU A CA  1 
ATOM   1098 C  C   . LEU A 1 134 ? 9.783   5.915   -1.236  1.00 19.70 ? 135 LEU A C   1 
ATOM   1099 O  O   . LEU A 1 134 ? 9.868   5.419   -0.109  1.00 18.00 ? 135 LEU A O   1 
ATOM   1100 C  CB  . LEU A 1 134 ? 11.202  4.976   -3.094  1.00 16.94 ? 135 LEU A CB  1 
ATOM   1101 C  CG  . LEU A 1 134 ? 11.404  3.939   -4.211  1.00 19.22 ? 135 LEU A CG  1 
ATOM   1102 C  CD1 . LEU A 1 134 ? 12.852  3.866   -4.648  1.00 17.71 ? 135 LEU A CD1 1 
ATOM   1103 C  CD2 . LEU A 1 134 ? 10.899  2.561   -3.766  1.00 21.35 ? 135 LEU A CD2 1 
ATOM   1104 N  N   . GLU A 1 135 ? 9.680   7.239   -1.416  1.00 21.38 ? 136 GLU A N   1 
ATOM   1105 C  CA  . GLU A 1 135 ? 9.601   8.112   -0.244  1.00 22.91 ? 136 GLU A CA  1 
ATOM   1106 C  C   . GLU A 1 135 ? 8.358   7.814   0.583   1.00 19.59 ? 136 GLU A C   1 
ATOM   1107 O  O   . GLU A 1 135 ? 8.425   7.744   1.815   1.00 18.58 ? 136 GLU A O   1 
ATOM   1108 C  CB  . GLU A 1 135 ? 9.606   9.588   -0.645  1.00 24.89 ? 136 GLU A CB  1 
ATOM   1109 C  CG  . GLU A 1 135 ? 9.547   10.495  0.581   1.00 22.71 ? 136 GLU A CG  1 
ATOM   1110 C  CD  . GLU A 1 135 ? 9.555   11.962  0.231   1.00 33.82 ? 136 GLU A CD  1 
ATOM   1111 O  OE1 . GLU A 1 135 ? 10.434  12.684  0.732   1.00 38.67 ? 136 GLU A OE1 1 
ATOM   1112 O  OE2 . GLU A 1 135 ? 8.664   12.391  -0.530  1.00 32.98 ? 136 GLU A OE2 1 
ATOM   1113 N  N   . GLU A 1 136 ? 7.214   7.633   -0.080  1.00 22.40 ? 137 GLU A N   1 
ATOM   1114 C  CA  . GLU A 1 136 ? 5.976   7.325   0.630   1.00 22.54 ? 137 GLU A CA  1 
ATOM   1115 C  C   . GLU A 1 136 ? 6.109   6.067   1.482   1.00 22.14 ? 137 GLU A C   1 
ATOM   1116 O  O   . GLU A 1 136 ? 5.650   6.036   2.629   1.00 22.39 ? 137 GLU A O   1 
ATOM   1117 C  CB  . GLU A 1 136 ? 4.825   7.166   -0.370  1.00 20.48 ? 137 GLU A CB  1 
ATOM   1118 C  CG  . GLU A 1 136 ? 3.579   6.514   0.220   1.00 22.44 ? 137 GLU A CG  1 
ATOM   1119 C  CD  . GLU A 1 136 ? 2.976   7.310   1.382   1.00 28.27 ? 137 GLU A CD  1 
ATOM   1120 O  OE1 . GLU A 1 136 ? 3.157   8.545   1.419   1.00 28.22 ? 137 GLU A OE1 1 
ATOM   1121 O  OE2 . GLU A 1 136 ? 2.332   6.695   2.267   1.00 31.44 ? 137 GLU A OE2 1 
ATOM   1122 N  N   . GLN A 1 137 ? 6.715   5.007   0.935   1.00 23.45 ? 138 GLN A N   1 
ATOM   1123 C  CA  . GLN A 1 137 ? 6.826   3.764   1.694   1.00 21.22 ? 138 GLN A CA  1 
ATOM   1124 C  C   . GLN A 1 137 ? 7.679   3.944   2.946   1.00 18.88 ? 138 GLN A C   1 
ATOM   1125 O  O   . GLN A 1 137 ? 7.342   3.417   4.014   1.00 19.39 ? 138 GLN A O   1 
ATOM   1126 C  CB  . GLN A 1 137 ? 7.384   2.646   0.809   1.00 25.35 ? 138 GLN A CB  1 
ATOM   1127 C  CG  . GLN A 1 137 ? 6.387   2.137   -0.239  1.00 24.12 ? 138 GLN A CG  1 
ATOM   1128 C  CD  . GLN A 1 137 ? 5.008   1.888   0.337   1.00 22.93 ? 138 GLN A CD  1 
ATOM   1129 O  OE1 . GLN A 1 137 ? 4.088   2.671   0.119   1.00 24.77 ? 138 GLN A OE1 1 
ATOM   1130 N  NE2 . GLN A 1 137 ? 4.861   0.795   1.083   1.00 22.95 ? 138 GLN A NE2 1 
ATOM   1131 N  N   . VAL A 1 138 ? 8.790   4.677   2.842   1.00 20.04 ? 139 VAL A N   1 
ATOM   1132 C  CA  . VAL A 1 138 ? 9.607   4.926   4.032   1.00 21.73 ? 139 VAL A CA  1 
ATOM   1133 C  C   . VAL A 1 138 ? 8.800   5.681   5.089   1.00 20.28 ? 139 VAL A C   1 
ATOM   1134 O  O   . VAL A 1 138 ? 8.813   5.326   6.275   1.00 19.21 ? 139 VAL A O   1 
ATOM   1135 C  CB  . VAL A 1 138 ? 10.900  5.676   3.655   1.00 20.08 ? 139 VAL A CB  1 
ATOM   1136 C  CG1 . VAL A 1 138 ? 11.536  6.290   4.894   1.00 18.86 ? 139 VAL A CG1 1 
ATOM   1137 C  CG2 . VAL A 1 138 ? 11.892  4.730   2.971   1.00 18.88 ? 139 VAL A CG2 1 
ATOM   1138 N  N   . ASN A 1 139 ? 8.065   6.715   4.677   1.00 19.51 ? 140 ASN A N   1 
ATOM   1139 C  CA  . ASN A 1 139 ? 7.227   7.437   5.629   1.00 19.89 ? 140 ASN A CA  1 
ATOM   1140 C  C   . ASN A 1 139 ? 6.132   6.534   6.204   1.00 19.83 ? 140 ASN A C   1 
ATOM   1141 O  O   . ASN A 1 139 ? 5.907   6.518   7.421   1.00 19.09 ? 140 ASN A O   1 
ATOM   1142 C  CB  . ASN A 1 139 ? 6.625   8.674   4.956   1.00 21.54 ? 140 ASN A CB  1 
ATOM   1143 C  CG  . ASN A 1 139 ? 7.653   9.777   4.722   1.00 24.03 ? 140 ASN A CG  1 
ATOM   1144 O  OD1 . ASN A 1 139 ? 8.641   9.889   5.448   1.00 22.62 ? 140 ASN A OD1 1 
ATOM   1145 N  ND2 . ASN A 1 139 ? 7.410   10.606  3.715   1.00 21.76 ? 140 ASN A ND2 1 
ATOM   1146 N  N   . ALA A 1 140 ? 5.472   5.741   5.351   1.00 16.57 ? 141 ALA A N   1 
ATOM   1147 C  CA  . ALA A 1 140 ? 4.390   4.872   5.824   1.00 20.41 ? 141 ALA A CA  1 
ATOM   1148 C  C   . ALA A 1 140 ? 4.904   3.793   6.774   1.00 21.37 ? 141 ALA A C   1 
ATOM   1149 O  O   . ALA A 1 140 ? 4.248   3.475   7.774   1.00 20.02 ? 141 ALA A O   1 
ATOM   1150 C  CB  . ALA A 1 140 ? 3.663   4.229   4.638   1.00 16.92 ? 141 ALA A CB  1 
ATOM   1151 N  N   . ILE A 1 141 ? 6.072   3.216   6.476   1.00 20.22 ? 142 ILE A N   1 
ATOM   1152 C  CA  . ILE A 1 141 ? 6.641   2.193   7.351   1.00 21.69 ? 142 ILE A CA  1 
ATOM   1153 C  C   . ILE A 1 141 ? 7.010   2.786   8.707   1.00 19.37 ? 142 ILE A C   1 
ATOM   1154 O  O   . ILE A 1 141 ? 6.755   2.176   9.754   1.00 21.24 ? 142 ILE A O   1 
ATOM   1155 C  CB  . ILE A 1 141 ? 7.838   1.512   6.653   1.00 22.38 ? 142 ILE A CB  1 
ATOM   1156 C  CG1 . ILE A 1 141 ? 7.329   0.586   5.543   1.00 24.37 ? 142 ILE A CG1 1 
ATOM   1157 C  CG2 . ILE A 1 141 ? 8.712   0.716   7.649   1.00 19.56 ? 142 ILE A CG2 1 
ATOM   1158 C  CD1 . ILE A 1 141 ? 8.376   0.293   4.447   1.00 24.44 ? 142 ILE A CD1 1 
ATOM   1159 N  N   . LYS A 1 142 ? 7.590   3.995   8.722   1.00 17.74 ? 143 LYS A N   1 
ATOM   1160 C  CA  . LYS A 1 142 ? 7.916   4.637   9.995   1.00 20.24 ? 143 LYS A CA  1 
ATOM   1161 C  C   . LYS A 1 142 ? 6.658   4.964   10.796  1.00 19.60 ? 143 LYS A C   1 
ATOM   1162 O  O   . LYS A 1 142 ? 6.614   4.746   12.011  1.00 20.38 ? 143 LYS A O   1 
ATOM   1163 C  CB  . LYS A 1 142 ? 8.735   5.907   9.751   1.00 23.09 ? 143 LYS A CB  1 
ATOM   1164 C  CG  . LYS A 1 142 ? 9.038   6.718   11.012  1.00 17.96 ? 143 LYS A CG  1 
ATOM   1165 C  CD  . LYS A 1 142 ? 9.871   5.909   12.007  1.00 18.19 ? 143 LYS A CD  1 
ATOM   1166 C  CE  . LYS A 1 142 ? 10.594  6.815   12.971  1.00 21.57 ? 143 LYS A CE  1 
ATOM   1167 N  NZ  . LYS A 1 142 ? 9.684   7.455   13.955  1.00 19.40 ? 143 LYS A NZ  1 
ATOM   1168 N  N   . GLU A 1 143 ? 5.625   5.486   10.128  1.00 19.09 ? 144 GLU A N   1 
ATOM   1169 C  CA  . GLU A 1 143 ? 4.377   5.832   10.805  1.00 21.58 ? 144 GLU A CA  1 
ATOM   1170 C  C   . GLU A 1 143 ? 3.724   4.609   11.453  1.00 19.49 ? 144 GLU A C   1 
ATOM   1171 O  O   . GLU A 1 143 ? 3.298   4.656   12.612  1.00 19.80 ? 144 GLU A O   1 
ATOM   1172 C  CB  . GLU A 1 143 ? 3.421   6.481   9.802   1.00 23.44 ? 144 GLU A CB  1 
ATOM   1173 C  CG  . GLU A 1 143 ? 2.033   6.727   10.343  1.00 30.92 ? 144 GLU A CG  1 
ATOM   1174 C  CD  . GLU A 1 143 ? 1.090   7.294   9.286   1.00 40.88 ? 144 GLU A CD  1 
ATOM   1175 O  OE1 . GLU A 1 143 ? 1.579   7.809   8.255   1.00 47.14 ? 144 GLU A OE1 1 
ATOM   1176 O  OE2 . GLU A 1 143 ? -0.139  7.213   9.488   1.00 45.81 ? 144 GLU A OE2 1 
ATOM   1177 N  N   . ILE A 1 144 ? 3.623   3.506   10.713  1.00 17.83 ? 145 ILE A N   1 
ATOM   1178 C  CA  . ILE A 1 144 ? 2.988   2.316   11.270  1.00 18.09 ? 145 ILE A CA  1 
ATOM   1179 C  C   . ILE A 1 144 ? 3.846   1.729   12.376  1.00 18.08 ? 145 ILE A C   1 
ATOM   1180 O  O   . ILE A 1 144 ? 3.329   1.261   13.397  1.00 21.66 ? 145 ILE A O   1 
ATOM   1181 C  CB  . ILE A 1 144 ? 2.702   1.290   10.164  1.00 22.16 ? 145 ILE A CB  1 
ATOM   1182 C  CG1 . ILE A 1 144 ? 1.691   1.880   9.180   1.00 21.57 ? 145 ILE A CG1 1 
ATOM   1183 C  CG2 . ILE A 1 144 ? 2.181   -0.008  10.779  1.00 19.17 ? 145 ILE A CG2 1 
ATOM   1184 C  CD1 . ILE A 1 144 ? 1.551   1.104   7.897   1.00 21.74 ? 145 ILE A CD1 1 
ATOM   1185 N  N   . SER A 1 145 ? 5.167   1.765   12.208  1.00 19.11 ? 146 SER A N   1 
ATOM   1186 C  CA  . SER A 1 145 ? 6.044   1.282   13.262  1.00 21.09 ? 146 SER A CA  1 
ATOM   1187 C  C   . SER A 1 145 ? 5.829   2.067   14.547  1.00 19.14 ? 146 SER A C   1 
ATOM   1188 O  O   . SER A 1 145 ? 5.798   1.484   15.636  1.00 17.55 ? 146 SER A O   1 
ATOM   1189 C  CB  . SER A 1 145 ? 7.502   1.355   12.816  1.00 19.70 ? 146 SER A CB  1 
ATOM   1190 O  OG  . SER A 1 145 ? 7.752   0.437   11.767  1.00 19.32 ? 146 SER A OG  1 
ATOM   1191 N  N   . ASP A 1 146 ? 5.665   3.394   14.436  1.00 21.49 ? 147 ASP A N   1 
ATOM   1192 C  CA  . ASP A 1 146 ? 5.353   4.207   15.611  1.00 19.80 ? 147 ASP A CA  1 
ATOM   1193 C  C   . ASP A 1 146 ? 4.020   3.788   16.232  1.00 19.27 ? 147 ASP A C   1 
ATOM   1194 O  O   . ASP A 1 146 ? 3.895   3.734   17.459  1.00 18.74 ? 147 ASP A O   1 
ATOM   1195 C  CB  . ASP A 1 146 ? 5.317   5.701   15.251  1.00 18.88 ? 147 ASP A CB  1 
ATOM   1196 C  CG  . ASP A 1 146 ? 6.696   6.284   14.941  1.00 23.95 ? 147 ASP A CG  1 
ATOM   1197 O  OD1 . ASP A 1 146 ? 7.712   5.574   15.045  1.00 22.87 ? 147 ASP A OD1 1 
ATOM   1198 O  OD2 . ASP A 1 146 ? 6.766   7.479   14.591  1.00 25.68 ? 147 ASP A OD2 1 
ATOM   1199 N  N   . HIS A 1 147 ? 3.006   3.511   15.398  1.00 18.79 ? 148 HIS A N   1 
ATOM   1200 C  CA  . HIS A 1 147 ? 1.718   3.028   15.906  1.00 18.99 ? 148 HIS A CA  1 
ATOM   1201 C  C   . HIS A 1 147 ? 1.882   1.730   16.689  1.00 19.18 ? 148 HIS A C   1 
ATOM   1202 O  O   . HIS A 1 147 ? 1.308   1.566   17.772  1.00 18.88 ? 148 HIS A O   1 
ATOM   1203 C  CB  . HIS A 1 147 ? 0.729   2.802   14.755  1.00 19.30 ? 148 HIS A CB  1 
ATOM   1204 C  CG  . HIS A 1 147 ? 0.227   4.058   14.108  1.00 20.48 ? 148 HIS A CG  1 
ATOM   1205 N  ND1 . HIS A 1 147 ? -0.116  5.187   14.821  1.00 19.36 ? 148 HIS A ND1 1 
ATOM   1206 C  CD2 . HIS A 1 147 ? -0.009  4.349   12.808  1.00 22.86 ? 148 HIS A CD2 1 
ATOM   1207 C  CE1 . HIS A 1 147 ? -0.538  6.120   13.986  1.00 22.20 ? 148 HIS A CE1 1 
ATOM   1208 N  NE2 . HIS A 1 147 ? -0.486  5.635   12.759  1.00 19.49 ? 148 HIS A NE2 1 
ATOM   1209 N  N   . ILE A 1 148 ? 2.647   0.785   16.139  1.00 19.19 ? 149 ILE A N   1 
ATOM   1210 C  CA  . ILE A 1 148 ? 2.869   -0.496  16.814  1.00 20.48 ? 149 ILE A CA  1 
ATOM   1211 C  C   . ILE A 1 148 ? 3.531   -0.278  18.170  1.00 20.80 ? 149 ILE A C   1 
ATOM   1212 O  O   . ILE A 1 148 ? 3.111   -0.836  19.187  1.00 21.20 ? 149 ILE A O   1 
ATOM   1213 C  CB  . ILE A 1 148 ? 3.708   -1.430  15.921  1.00 22.53 ? 149 ILE A CB  1 
ATOM   1214 C  CG1 . ILE A 1 148 ? 2.922   -1.816  14.664  1.00 20.58 ? 149 ILE A CG1 1 
ATOM   1215 C  CG2 . ILE A 1 148 ? 4.158   -2.666  16.698  1.00 20.51 ? 149 ILE A CG2 1 
ATOM   1216 C  CD1 . ILE A 1 148 ? 3.770   -2.528  13.598  1.00 19.12 ? 149 ILE A CD1 1 
ATOM   1217 N  N   . THR A 1 149 ? 4.578   0.543   18.203  1.00 21.42 ? 150 THR A N   1 
ATOM   1218 C  CA  . THR A 1 149 ? 5.261   0.783   19.467  1.00 18.35 ? 150 THR A CA  1 
ATOM   1219 C  C   . THR A 1 149 ? 4.320   1.417   20.489  1.00 22.19 ? 150 THR A C   1 
ATOM   1220 O  O   . THR A 1 149 ? 4.310   1.024   21.662  1.00 20.14 ? 150 THR A O   1 
ATOM   1221 C  CB  . THR A 1 149 ? 6.492   1.660   19.232  1.00 17.63 ? 150 THR A CB  1 
ATOM   1222 O  OG1 . THR A 1 149 ? 7.421   0.955   18.407  1.00 21.05 ? 150 THR A OG1 1 
ATOM   1223 C  CG2 . THR A 1 149 ? 7.171   2.025   20.549  1.00 18.29 ? 150 THR A CG2 1 
ATOM   1224 N  N   . GLN A 1 150 ? 3.506   2.386   20.057  1.00 20.63 ? 151 GLN A N   1 
ATOM   1225 C  CA  . GLN A 1 150 ? 2.560   3.026   20.968  1.00 19.48 ? 151 GLN A CA  1 
ATOM   1226 C  C   . GLN A 1 150 ? 1.491   2.042   21.435  1.00 19.42 ? 151 GLN A C   1 
ATOM   1227 O  O   . GLN A 1 150 ? 1.063   2.080   22.595  1.00 19.20 ? 151 GLN A O   1 
ATOM   1228 C  CB  . GLN A 1 150 ? 1.923   4.234   20.282  1.00 20.65 ? 151 GLN A CB  1 
ATOM   1229 C  CG  . GLN A 1 150 ? 2.831   5.478   20.205  1.00 19.13 ? 151 GLN A CG  1 
ATOM   1230 C  CD  . GLN A 1 150 ? 2.669   6.377   21.416  1.00 20.45 ? 151 GLN A CD  1 
ATOM   1231 O  OE1 . GLN A 1 150 ? 2.971   5.984   22.541  1.00 19.42 ? 151 GLN A OE1 1 
ATOM   1232 N  NE2 . GLN A 1 150 ? 2.156   7.589   21.192  1.00 18.02 ? 151 GLN A NE2 1 
ATOM   1233 N  N   . LEU A 1 151 ? 1.065   1.148   20.543  1.00 17.59 ? 152 LEU A N   1 
ATOM   1234 C  CA  . LEU A 1 151 ? 0.009   0.194   20.860  1.00 22.38 ? 152 LEU A CA  1 
ATOM   1235 C  C   . LEU A 1 151 ? 0.493   -0.842  21.864  1.00 20.92 ? 152 LEU A C   1 
ATOM   1236 O  O   . LEU A 1 151 ? -0.274  -1.294  22.722  1.00 21.58 ? 152 LEU A O   1 
ATOM   1237 C  CB  . LEU A 1 151 ? -0.463  -0.486  19.578  1.00 18.70 ? 152 LEU A CB  1 
ATOM   1238 C  CG  . LEU A 1 151 ? -1.839  -0.207  18.964  1.00 25.83 ? 152 LEU A CG  1 
ATOM   1239 C  CD1 . LEU A 1 151 ? -2.703  0.751   19.760  1.00 19.26 ? 152 LEU A CD1 1 
ATOM   1240 C  CD2 . LEU A 1 151 ? -1.735  0.201   17.500  1.00 17.73 ? 152 LEU A CD2 1 
ATOM   1241 N  N   . LYS A 1 152 ? 1.764   -1.240  21.758  1.00 20.03 ? 153 LYS A N   1 
ATOM   1242 C  CA  . LYS A 1 152 ? 2.369   -2.076  22.791  1.00 20.92 ? 153 LYS A CA  1 
ATOM   1243 C  C   . LYS A 1 152 ? 2.503   -1.307  24.095  1.00 23.00 ? 153 LYS A C   1 
ATOM   1244 O  O   . LYS A 1 152 ? 2.309   -1.867  25.177  1.00 23.87 ? 153 LYS A O   1 
ATOM   1245 C  CB  . LYS A 1 152 ? 3.738   -2.575  22.325  1.00 20.18 ? 153 LYS A CB  1 
ATOM   1246 C  CG  . LYS A 1 152 ? 3.687   -3.510  21.121  1.00 19.34 ? 153 LYS A CG  1 
ATOM   1247 C  CD  . LYS A 1 152 ? 5.094   -3.963  20.723  1.00 23.11 ? 153 LYS A CD  1 
ATOM   1248 C  CE  . LYS A 1 152 ? 5.035   -4.952  19.565  1.00 24.50 ? 153 LYS A CE  1 
ATOM   1249 N  NZ  . LYS A 1 152 ? 6.377   -5.528  19.257  1.00 29.41 ? 153 LYS A NZ  1 
ATOM   1250 N  N   . ARG A 1 153 ? 2.818   -0.014  24.011  1.00 21.22 ? 154 ARG A N   1 
ATOM   1251 C  CA  . ARG A 1 153 ? 2.944   0.790   25.219  1.00 22.68 ? 154 ARG A CA  1 
ATOM   1252 C  C   . ARG A 1 153 ? 1.622   0.862   25.980  1.00 20.58 ? 154 ARG A C   1 
ATOM   1253 O  O   . ARG A 1 153 ? 1.586   0.672   27.199  1.00 20.34 ? 154 ARG A O   1 
ATOM   1254 C  CB  . ARG A 1 153 ? 3.443   2.193   24.862  1.00 22.12 ? 154 ARG A CB  1 
ATOM   1255 C  CG  . ARG A 1 153 ? 3.328   3.194   26.005  1.00 21.86 ? 154 ARG A CG  1 
ATOM   1256 C  CD  . ARG A 1 153 ? 3.914   4.549   25.631  1.00 19.09 ? 154 ARG A CD  1 
ATOM   1257 N  NE  . ARG A 1 153 ? 5.363   4.496   25.510  1.00 18.79 ? 154 ARG A NE  1 
ATOM   1258 C  CZ  . ARG A 1 153 ? 6.029   4.591   24.363  1.00 21.89 ? 154 ARG A CZ  1 
ATOM   1259 N  NH1 . ARG A 1 153 ? 5.376   4.759   23.223  1.00 20.43 ? 154 ARG A NH1 1 
ATOM   1260 N  NH2 . ARG A 1 153 ? 7.354   4.527   24.360  1.00 20.25 ? 154 ARG A NH2 1 
ATOM   1261 N  N   . VAL A 1 154 ? 0.522   1.144   25.279  1.00 23.14 ? 155 VAL A N   1 
ATOM   1262 C  CA  . VAL A 1 154 ? -0.738  1.384   25.978  1.00 20.58 ? 155 VAL A CA  1 
ATOM   1263 C  C   . VAL A 1 154 ? -1.426  0.092   26.419  1.00 23.37 ? 155 VAL A C   1 
ATOM   1264 O  O   . VAL A 1 154 ? -2.249  0.132   27.341  1.00 20.91 ? 155 VAL A O   1 
ATOM   1265 C  CB  . VAL A 1 154 ? -1.709  2.221   25.126  1.00 18.59 ? 155 VAL A CB  1 
ATOM   1266 C  CG1 . VAL A 1 154 ? -1.078  3.559   24.756  1.00 20.19 ? 155 VAL A CG1 1 
ATOM   1267 C  CG2 . VAL A 1 154 ? -2.121  1.458   23.888  1.00 16.85 ? 155 VAL A CG2 1 
ATOM   1268 N  N   . GLY A 1 155 ? -1.111  -1.049  25.798  1.00 22.82 ? 156 GLY A N   1 
ATOM   1269 C  CA  . GLY A 1 155 ? -1.663  -2.320  26.225  1.00 21.75 ? 156 GLY A CA  1 
ATOM   1270 C  C   . GLY A 1 155 ? -3.101  -2.498  25.778  1.00 24.88 ? 156 GLY A C   1 
ATOM   1271 O  O   . GLY A 1 155 ? -3.671  -1.685  25.047  1.00 22.62 ? 156 GLY A O   1 
ATOM   1272 N  N   . SER A 1 156 ? -3.702  -3.591  26.241  1.00 35.00 ? 157 SER A N   1 
ATOM   1273 C  CA  . SER A 1 156 ? -5.040  -3.947  25.798  1.00 29.89 ? 157 SER A CA  1 
ATOM   1274 C  C   . SER A 1 156 ? -6.097  -3.224  26.630  1.00 24.48 ? 157 SER A C   1 
ATOM   1275 O  O   . SER A 1 156 ? -5.807  -2.597  27.649  1.00 22.26 ? 157 SER A O   1 
ATOM   1276 C  CB  . SER A 1 156 ? -5.250  -5.457  25.883  1.00 31.78 ? 157 SER A CB  1 
ATOM   1277 O  OG  . SER A 1 156 ? -5.143  -5.890  27.223  1.00 32.03 ? 157 SER A OG  1 
ATOM   1278 N  N   . GLY A 1 157 ? -7.344  -3.324  26.184  1.00 24.31 ? 158 GLY A N   1 
ATOM   1279 C  CA  . GLY A 1 157 ? -8.435  -2.747  26.940  1.00 21.05 ? 158 GLY A CA  1 
ATOM   1280 C  C   . GLY A 1 157 ? -8.528  -1.240  26.779  1.00 21.93 ? 158 GLY A C   1 
ATOM   1281 O  O   . GLY A 1 157 ? -8.648  -0.738  25.655  1.00 20.50 ? 158 GLY A O   1 
ATOM   1282 N  N   . LEU A 1 158 ? -8.471  -0.515  27.902  1.00 20.00 ? 159 LEU A N   1 
ATOM   1283 C  CA  . LEU A 1 158 ? -8.542  0.946   27.863  1.00 18.07 ? 159 LEU A CA  1 
ATOM   1284 C  C   . LEU A 1 158 ? -7.464  1.542   26.959  1.00 17.97 ? 159 LEU A C   1 
ATOM   1285 O  O   . LEU A 1 158 ? -7.717  2.513   26.242  1.00 22.20 ? 159 LEU A O   1 
ATOM   1286 C  CB  . LEU A 1 158 ? -8.418  1.506   29.278  1.00 16.58 ? 159 LEU A CB  1 
ATOM   1287 C  CG  . LEU A 1 158 ? -8.435  3.032   29.426  1.00 22.52 ? 159 LEU A CG  1 
ATOM   1288 C  CD1 . LEU A 1 158 ? -9.676  3.622   28.750  1.00 19.68 ? 159 LEU A CD1 1 
ATOM   1289 C  CD2 . LEU A 1 158 ? -8.361  3.441   30.902  1.00 20.21 ? 159 LEU A CD2 1 
ATOM   1290 N  N   . GLY A 1 159 ? -6.261  0.972   26.975  1.00 19.31 ? 160 GLY A N   1 
ATOM   1291 C  CA  . GLY A 1 159 ? -5.196  1.493   26.133  1.00 16.47 ? 160 GLY A CA  1 
ATOM   1292 C  C   . GLY A 1 159 ? -5.550  1.446   24.660  1.00 21.52 ? 160 GLY A C   1 
ATOM   1293 O  O   . GLY A 1 159 ? -5.379  2.432   23.933  1.00 23.57 ? 160 GLY A O   1 
ATOM   1294 N  N   . GLU A 1 160 ? -6.065  0.300   24.204  1.00 18.91 ? 161 GLU A N   1 
ATOM   1295 C  CA  . GLU A 1 160 ? -6.516  0.180   22.823  1.00 19.23 ? 161 GLU A CA  1 
ATOM   1296 C  C   . GLU A 1 160 ? -7.632  1.170   22.522  1.00 20.74 ? 161 GLU A C   1 
ATOM   1297 O  O   . GLU A 1 160 ? -7.663  1.773   21.444  1.00 20.16 ? 161 GLU A O   1 
ATOM   1298 C  CB  . GLU A 1 160 ? -6.980  -1.249  22.558  1.00 23.01 ? 161 GLU A CB  1 
ATOM   1299 C  CG  . GLU A 1 160 ? -7.476  -1.497  21.143  1.00 20.78 ? 161 GLU A CG  1 
ATOM   1300 C  CD  . GLU A 1 160 ? -7.973  -2.925  20.951  1.00 25.24 ? 161 GLU A CD  1 
ATOM   1301 O  OE1 . GLU A 1 160 ? -8.940  -3.317  21.635  1.00 23.64 ? 161 GLU A OE1 1 
ATOM   1302 O  OE2 . GLU A 1 160 ? -7.387  -3.658  20.129  1.00 24.47 ? 161 GLU A OE2 1 
ATOM   1303 N  N   . TYR A 1 161 ? -8.555  1.352   23.473  1.00 20.61 ? 162 TYR A N   1 
ATOM   1304 C  CA  . TYR A 1 161 ? -9.603  2.351   23.318  1.00 20.68 ? 162 TYR A CA  1 
ATOM   1305 C  C   . TYR A 1 161 ? -9.005  3.738   23.129  1.00 20.04 ? 162 TYR A C   1 
ATOM   1306 O  O   . TYR A 1 161 ? -9.425  4.492   22.244  1.00 19.55 ? 162 TYR A O   1 
ATOM   1307 C  CB  . TYR A 1 161 ? -10.540 2.332   24.532  1.00 17.73 ? 162 TYR A CB  1 
ATOM   1308 C  CG  . TYR A 1 161 ? -11.425 3.553   24.621  1.00 19.52 ? 162 TYR A CG  1 
ATOM   1309 C  CD1 . TYR A 1 161 ? -11.003 4.701   25.282  1.00 20.73 ? 162 TYR A CD1 1 
ATOM   1310 C  CD2 . TYR A 1 161 ? -12.678 3.570   24.018  1.00 25.20 ? 162 TYR A CD2 1 
ATOM   1311 C  CE1 . TYR A 1 161 ? -11.800 5.825   25.342  1.00 30.12 ? 162 TYR A CE1 1 
ATOM   1312 C  CE2 . TYR A 1 161 ? -13.486 4.688   24.082  1.00 29.12 ? 162 TYR A CE2 1 
ATOM   1313 C  CZ  . TYR A 1 161 ? -13.043 5.813   24.739  1.00 38.22 ? 162 TYR A CZ  1 
ATOM   1314 O  OH  . TYR A 1 161 ? -13.844 6.923   24.801  1.00 46.13 ? 162 TYR A OH  1 
ATOM   1315 N  N   . GLU A 1 162 ? -8.040  4.103   23.976  1.00 22.15 ? 163 GLU A N   1 
ATOM   1316 C  CA  . GLU A 1 162 ? -7.497  5.454   23.911  1.00 20.33 ? 163 GLU A CA  1 
ATOM   1317 C  C   . GLU A 1 162 ? -6.764  5.680   22.600  1.00 23.25 ? 163 GLU A C   1 
ATOM   1318 O  O   . GLU A 1 162 ? -6.859  6.762   22.010  1.00 23.66 ? 163 GLU A O   1 
ATOM   1319 C  CB  . GLU A 1 162 ? -6.575  5.727   25.100  1.00 20.65 ? 163 GLU A CB  1 
ATOM   1320 C  CG  . GLU A 1 162 ? -7.299  5.906   26.428  1.00 25.17 ? 163 GLU A CG  1 
ATOM   1321 C  CD  . GLU A 1 162 ? -8.171  7.149   26.441  1.00 31.24 ? 163 GLU A CD  1 
ATOM   1322 O  OE1 . GLU A 1 162 ? -7.952  8.055   25.609  1.00 34.53 ? 163 GLU A OE1 1 
ATOM   1323 O  OE2 . GLU A 1 162 ? -9.077  7.225   27.287  1.00 39.53 ? 163 GLU A OE2 1 
ATOM   1324 N  N   . TYR A 1 163 ? -6.033  4.668   22.120  1.00 20.87 ? 164 TYR A N   1 
ATOM   1325 C  CA  . TYR A 1 163 ? -5.325  4.854   20.856  1.00 22.13 ? 164 TYR A CA  1 
ATOM   1326 C  C   . TYR A 1 163 ? -6.294  4.941   19.688  1.00 21.53 ? 164 TYR A C   1 
ATOM   1327 O  O   . TYR A 1 163 ? -6.045  5.670   18.718  1.00 20.46 ? 164 TYR A O   1 
ATOM   1328 C  CB  . TYR A 1 163 ? -4.316  3.733   20.620  1.00 20.77 ? 164 TYR A CB  1 
ATOM   1329 C  CG  . TYR A 1 163 ? -3.186  4.215   19.748  1.00 24.06 ? 164 TYR A CG  1 
ATOM   1330 C  CD1 . TYR A 1 163 ? -2.153  4.977   20.285  1.00 22.83 ? 164 TYR A CD1 1 
ATOM   1331 C  CD2 . TYR A 1 163 ? -3.183  3.972   18.385  1.00 21.11 ? 164 TYR A CD2 1 
ATOM   1332 C  CE1 . TYR A 1 163 ? -1.132  5.454   19.492  1.00 24.56 ? 164 TYR A CE1 1 
ATOM   1333 C  CE2 . TYR A 1 163 ? -2.160  4.442   17.582  1.00 19.29 ? 164 TYR A CE2 1 
ATOM   1334 C  CZ  . TYR A 1 163 ? -1.137  5.180   18.143  1.00 22.68 ? 164 TYR A CZ  1 
ATOM   1335 O  OH  . TYR A 1 163 ? -0.123  5.656   17.350  1.00 20.15 ? 164 TYR A OH  1 
ATOM   1336 N  N   . ASP A 1 164 ? -7.402  4.211   19.764  1.00 21.38 ? 165 ASP A N   1 
ATOM   1337 C  CA  . ASP A 1 164 ? -8.445  4.365   18.761  1.00 20.00 ? 165 ASP A CA  1 
ATOM   1338 C  C   . ASP A 1 164 ? -8.954  5.804   18.713  1.00 20.71 ? 165 ASP A C   1 
ATOM   1339 O  O   . ASP A 1 164 ? -9.209  6.345   17.629  1.00 19.47 ? 165 ASP A O   1 
ATOM   1340 C  CB  . ASP A 1 164 ? -9.589  3.399   19.046  1.00 18.12 ? 165 ASP A CB  1 
ATOM   1341 C  CG  . ASP A 1 164 ? -10.702 3.540   18.055  1.00 19.28 ? 165 ASP A CG  1 
ATOM   1342 O  OD1 . ASP A 1 164 ? -10.589 2.941   16.972  1.00 19.62 ? 165 ASP A OD1 1 
ATOM   1343 O  OD2 . ASP A 1 164 ? -11.661 4.287   18.343  1.00 20.64 ? 165 ASP A OD2 1 
ATOM   1344 N  N   . ARG A 1 165 ? -9.111  6.438   19.880  1.00 19.46 ? 166 ARG A N   1 
ATOM   1345 C  CA  . ARG A 1 165 ? -9.493  7.849   19.917  1.00 22.30 ? 166 ARG A CA  1 
ATOM   1346 C  C   . ARG A 1 165 ? -8.490  8.701   19.157  1.00 23.76 ? 166 ARG A C   1 
ATOM   1347 O  O   . ARG A 1 165 ? -8.869  9.563   18.355  1.00 25.70 ? 166 ARG A O   1 
ATOM   1348 C  CB  . ARG A 1 165 ? -9.598  8.338   21.364  1.00 26.38 ? 166 ARG A CB  1 
ATOM   1349 C  CG  . ARG A 1 165 ? -10.917 8.051   22.039  1.00 31.96 ? 166 ARG A CG  1 
ATOM   1350 C  CD  . ARG A 1 165 ? -10.944 8.642   23.445  1.00 39.29 ? 166 ARG A CD  1 
ATOM   1351 N  NE  . ARG A 1 165 ? -10.862 10.102  23.446  1.00 41.56 ? 166 ARG A NE  1 
ATOM   1352 C  CZ  . ARG A 1 165 ? -9.925  10.809  24.076  1.00 44.75 ? 166 ARG A CZ  1 
ATOM   1353 N  NH1 . ARG A 1 165 ? -8.975  10.206  24.778  1.00 39.59 ? 166 ARG A NH1 1 
ATOM   1354 N  NH2 . ARG A 1 165 ? -9.950  12.131  24.018  1.00 48.58 ? 166 ARG A NH2 1 
ATOM   1355 N  N   . ARG A 1 166 ? -7.199  8.471   19.409  1.00 21.47 ? 167 ARG A N   1 
ATOM   1356 C  CA  . ARG A 1 166 ? -6.149  9.198   18.703  1.00 23.55 ? 167 ARG A CA  1 
ATOM   1357 C  C   . ARG A 1 166 ? -6.293  9.052   17.193  1.00 22.71 ? 167 ARG A C   1 
ATOM   1358 O  O   . ARG A 1 166 ? -6.195  10.033  16.452  1.00 20.57 ? 167 ARG A O   1 
ATOM   1359 C  CB  . ARG A 1 166 ? -4.780  8.698   19.159  1.00 23.35 ? 167 ARG A CB  1 
ATOM   1360 C  CG  . ARG A 1 166 ? -3.612  9.457   18.557  1.00 30.27 ? 167 ARG A CG  1 
ATOM   1361 C  CD  . ARG A 1 166 ? -2.322  8.680   18.725  1.00 30.00 ? 167 ARG A CD  1 
ATOM   1362 N  NE  . ARG A 1 166 ? -1.134  9.511   18.567  1.00 30.34 ? 167 ARG A NE  1 
ATOM   1363 C  CZ  . ARG A 1 166 ? -0.464  10.043  19.581  1.00 38.26 ? 167 ARG A CZ  1 
ATOM   1364 N  NH1 . ARG A 1 166 ? -0.872  9.842   20.825  1.00 33.79 ? 167 ARG A NH1 1 
ATOM   1365 N  NH2 . ARG A 1 166 ? 0.616   10.772  19.356  1.00 40.54 ? 167 ARG A NH2 1 
ATOM   1366 N  N   . LEU A 1 167 ? -6.520  7.827   16.716  1.00 20.52 ? 168 LEU A N   1 
ATOM   1367 C  CA  . LEU A 1 167 ? -6.672  7.612   15.282  1.00 20.13 ? 168 LEU A CA  1 
ATOM   1368 C  C   . LEU A 1 167 ? -7.946  8.239   14.723  1.00 23.34 ? 168 LEU A C   1 
ATOM   1369 O  O   . LEU A 1 167 ? -8.014  8.492   13.517  1.00 21.95 ? 168 LEU A O   1 
ATOM   1370 C  CB  . LEU A 1 167 ? -6.654  6.116   14.968  1.00 19.80 ? 168 LEU A CB  1 
ATOM   1371 C  CG  . LEU A 1 167 ? -5.338  5.377   15.224  1.00 20.68 ? 168 LEU A CG  1 
ATOM   1372 C  CD1 . LEU A 1 167 ? -5.508  3.874   14.970  1.00 19.63 ? 168 LEU A CD1 1 
ATOM   1373 C  CD2 . LEU A 1 167 ? -4.222  5.954   14.345  1.00 21.19 ? 168 LEU A CD2 1 
ATOM   1374 N  N   . ASP A 1 168 ? -8.957  8.470   15.563  1.00 23.66 ? 169 ASP A N   1 
ATOM   1375 C  CA  . ASP A 1 168 ? -10.220 9.062   15.141  1.00 24.31 ? 169 ASP A CA  1 
ATOM   1376 C  C   . ASP A 1 168 ? -10.184 10.584  15.125  1.00 27.17 ? 169 ASP A C   1 
ATOM   1377 O  O   . ASP A 1 168 ? -11.095 11.202  14.574  1.00 29.30 ? 169 ASP A O   1 
ATOM   1378 C  CB  . ASP A 1 168 ? -11.347 8.611   16.072  1.00 22.47 ? 169 ASP A CB  1 
ATOM   1379 C  CG  . ASP A 1 168 ? -12.645 8.321   15.333  1.00 24.92 ? 169 ASP A CG  1 
ATOM   1380 O  OD1 . ASP A 1 168 ? -12.726 8.582   14.122  1.00 24.22 ? 169 ASP A OD1 1 
ATOM   1381 O  OD2 . ASP A 1 168 ? -13.587 7.825   15.975  1.00 25.09 ? 169 ASP A OD2 1 
ATOM   1382 N  N   . SER A 1 169 ? -9.160  11.192  15.705  1.00 29.95 ? 170 SER A N   1 
ATOM   1383 C  CA  . SER A 1 169 ? -9.176  12.619  16.021  1.00 35.46 ? 170 SER A CA  1 
ATOM   1384 C  C   . SER A 1 169 ? -8.430  13.445  14.975  1.00 40.13 ? 170 SER A C   1 
ATOM   1385 O  O   . SER A 1 169 ? -8.823  13.477  13.810  1.00 46.33 ? 170 SER A O   1 
ATOM   1386 C  CB  . SER A 1 169 ? -8.560  12.844  17.401  1.00 32.58 ? 170 SER A CB  1 
ATOM   1387 O  OG  . SER A 1 169 ? -7.161  12.596  17.344  1.00 37.13 ? 170 SER A OG  1 
HETATM 1388 MG MG  . MG  B 2 .   ? 0.803   1.692   -2.162  1.00 17.53 ? 201 MG  A MG  1 
HETATM 1389 O  O   . HOH C 3 .   ? 5.002   8.680   13.572  1.00 25.93 ? 301 HOH A O   1 
HETATM 1390 O  O   . HOH C 3 .   ? -4.047  -12.931 0.159   1.00 26.57 ? 302 HOH A O   1 
HETATM 1391 O  O   . HOH C 3 .   ? 12.433  0.778   -19.036 1.00 21.21 ? 303 HOH A O   1 
HETATM 1392 O  O   . HOH C 3 .   ? 2.279   9.514   -34.551 1.00 27.90 ? 304 HOH A O   1 
HETATM 1393 O  O   . HOH C 3 .   ? -13.093 8.970   26.024  1.00 20.14 ? 305 HOH A O   1 
HETATM 1394 O  O   . HOH C 3 .   ? -4.042  -3.345  -22.292 1.00 23.23 ? 306 HOH A O   1 
HETATM 1395 O  O   . HOH C 3 .   ? -9.439  8.866   2.200   1.00 29.85 ? 307 HOH A O   1 
HETATM 1396 O  O   . HOH C 3 .   ? 3.246   -8.042  -15.243 1.00 24.92 ? 308 HOH A O   1 
HETATM 1397 O  O   . HOH C 3 .   ? -14.537 5.870   11.655  1.00 30.17 ? 309 HOH A O   1 
HETATM 1398 O  O   . HOH C 3 .   ? 1.298   -4.445  -21.430 1.00 25.41 ? 310 HOH A O   1 
HETATM 1399 O  O   . HOH C 3 .   ? -0.483  5.400   -24.014 1.00 19.39 ? 311 HOH A O   1 
HETATM 1400 O  O   . HOH C 3 .   ? 5.747   -6.154  -21.112 1.00 25.88 ? 312 HOH A O   1 
HETATM 1401 O  O   . HOH C 3 .   ? -14.508 -9.950  9.840   1.00 22.67 ? 313 HOH A O   1 
HETATM 1402 O  O   . HOH C 3 .   ? -10.854 -10.067 4.197   1.00 21.37 ? 314 HOH A O   1 
HETATM 1403 O  O   . HOH C 3 .   ? -0.340  -8.431  -6.378  1.00 25.29 ? 315 HOH A O   1 
HETATM 1404 O  O   . HOH C 3 .   ? 11.636  12.420  -14.118 1.00 22.82 ? 316 HOH A O   1 
HETATM 1405 O  O   . HOH C 3 .   ? -3.061  0.874   -21.283 1.00 19.33 ? 317 HOH A O   1 
HETATM 1406 O  O   . HOH C 3 .   ? 11.423  2.974   -0.164  1.00 20.97 ? 318 HOH A O   1 
HETATM 1407 O  O   . HOH C 3 .   ? -13.321 -11.100 4.230   1.00 24.02 ? 319 HOH A O   1 
HETATM 1408 O  O   . HOH C 3 .   ? -21.918 -0.628  10.214  1.00 22.27 ? 320 HOH A O   1 
HETATM 1409 O  O   . HOH C 3 .   ? 19.490  -2.618  -11.428 1.00 26.92 ? 321 HOH A O   1 
HETATM 1410 O  O   . HOH C 3 .   ? -21.971 -9.005  18.906  1.00 22.65 ? 322 HOH A O   1 
HETATM 1411 O  O   . HOH C 3 .   ? -12.268 4.670   20.944  1.00 19.69 ? 323 HOH A O   1 
HETATM 1412 O  O   . HOH C 3 .   ? -2.099  -4.960  -13.221 1.00 20.27 ? 324 HOH A O   1 
HETATM 1413 O  O   . HOH C 3 .   ? -12.934 -14.747 2.486   1.00 24.10 ? 325 HOH A O   1 
HETATM 1414 O  O   . HOH C 3 .   ? 5.678   9.898   -23.110 1.00 19.53 ? 326 HOH A O   1 
HETATM 1415 O  O   . HOH C 3 .   ? -12.829 6.779   18.377  1.00 23.94 ? 327 HOH A O   1 
HETATM 1416 O  O   . HOH C 3 .   ? 7.463   5.054   -30.651 1.00 29.78 ? 328 HOH A O   1 
HETATM 1417 O  O   . HOH C 3 .   ? 13.788  7.112   -19.332 1.00 18.67 ? 329 HOH A O   1 
HETATM 1418 O  O   . HOH C 3 .   ? 8.090   5.922   -23.172 1.00 21.74 ? 330 HOH A O   1 
HETATM 1419 O  O   . HOH C 3 .   ? -8.100  -4.682  23.854  1.00 26.18 ? 331 HOH A O   1 
HETATM 1420 O  O   . HOH C 3 .   ? -14.040 -6.876  6.648   1.00 21.21 ? 332 HOH A O   1 
HETATM 1421 O  O   . HOH C 3 .   ? 4.750   -6.576  11.728  1.00 28.41 ? 333 HOH A O   1 
HETATM 1422 O  O   . HOH C 3 .   ? -3.816  -9.723  3.033   1.00 23.02 ? 334 HOH A O   1 
HETATM 1423 O  O   . HOH C 3 .   ? -6.545  -2.946  -19.645 1.00 21.97 ? 335 HOH A O   1 
HETATM 1424 O  O   . HOH C 3 .   ? 17.207  -0.881  -5.273  1.00 31.12 ? 336 HOH A O   1 
HETATM 1425 O  O   . HOH C 3 .   ? 14.721  1.503   -20.596 1.00 20.41 ? 337 HOH A O   1 
HETATM 1426 O  O   . HOH C 3 .   ? -2.975  -1.924  22.388  1.00 21.89 ? 338 HOH A O   1 
HETATM 1427 O  O   . HOH C 3 .   ? -15.949 -9.585  -2.248  1.00 19.12 ? 339 HOH A O   1 
HETATM 1428 O  O   . HOH C 3 .   ? 6.711   9.019   -2.497  1.00 23.63 ? 340 HOH A O   1 
HETATM 1429 O  O   . HOH C 3 .   ? -6.210  -8.062  -0.612  1.00 21.74 ? 341 HOH A O   1 
HETATM 1430 O  O   . HOH C 3 .   ? -9.821  -14.203 3.783   1.00 26.44 ? 342 HOH A O   1 
HETATM 1431 O  O   . HOH C 3 .   ? 7.863   8.596   -23.847 1.00 21.87 ? 343 HOH A O   1 
HETATM 1432 O  O   . HOH C 3 .   ? -5.817  -12.896 -13.091 1.00 21.19 ? 344 HOH A O   1 
HETATM 1433 O  O   . HOH C 3 .   ? 5.035   10.540  2.117   1.00 26.88 ? 345 HOH A O   1 
HETATM 1434 O  O   . HOH C 3 .   ? -6.229  7.812   11.427  1.00 25.08 ? 346 HOH A O   1 
HETATM 1435 O  O   . HOH C 3 .   ? -10.124 -5.544  20.350  1.00 24.87 ? 347 HOH A O   1 
HETATM 1436 O  O   . HOH C 3 .   ? 10.556  8.434   -22.761 1.00 19.77 ? 348 HOH A O   1 
HETATM 1437 O  O   . HOH C 3 .   ? 17.849  0.206   -7.589  1.00 21.76 ? 349 HOH A O   1 
HETATM 1438 O  O   . HOH C 3 .   ? -8.658  13.796  25.954  0.25 30.63 ? 350 HOH A O   1 
HETATM 1439 O  O   . HOH C 3 .   ? 11.847  -4.020  -24.660 1.00 25.81 ? 351 HOH A O   1 
HETATM 1440 O  O   . HOH C 3 .   ? -4.254  -3.174  20.344  1.00 23.83 ? 352 HOH A O   1 
HETATM 1441 O  O   . HOH C 3 .   ? 3.593   10.640  -13.787 1.00 25.66 ? 353 HOH A O   1 
HETATM 1442 O  O   . HOH C 3 .   ? 1.430   9.009   -13.455 1.00 23.80 ? 354 HOH A O   1 
HETATM 1443 O  O   . HOH C 3 .   ? -16.163 1.228   14.355  1.00 20.45 ? 355 HOH A O   1 
HETATM 1444 O  O   . HOH C 3 .   ? 9.350   12.835  3.507   1.00 31.08 ? 356 HOH A O   1 
HETATM 1445 O  O   . HOH C 3 .   ? -8.065  -1.799  30.541  1.00 27.91 ? 357 HOH A O   1 
HETATM 1446 O  O   . HOH C 3 .   ? -14.262 -13.377 13.166  1.00 31.44 ? 358 HOH A O   1 
HETATM 1447 O  O   . HOH C 3 .   ? -9.492  -15.084 9.315   1.00 19.69 ? 359 HOH A O   1 
HETATM 1448 O  O   . HOH C 3 .   ? 11.201  1.763   -25.966 1.00 22.41 ? 360 HOH A O   1 
HETATM 1449 O  O   . HOH C 3 .   ? 7.523   -7.977  -13.121 1.00 31.46 ? 361 HOH A O   1 
HETATM 1450 O  O   . HOH C 3 .   ? -4.077  -16.957 -8.390  1.00 25.73 ? 362 HOH A O   1 
HETATM 1451 O  O   . HOH C 3 .   ? -15.594 -7.509  8.841   1.00 21.71 ? 363 HOH A O   1 
HETATM 1452 O  O   . HOH C 3 .   ? 12.062  8.754   -20.443 1.00 18.88 ? 364 HOH A O   1 
HETATM 1453 O  O   . HOH C 3 .   ? -0.879  5.344   -32.492 1.00 24.42 ? 365 HOH A O   1 
HETATM 1454 O  O   . HOH C 3 .   ? -2.027  -9.806  4.911   1.00 29.12 ? 366 HOH A O   1 
HETATM 1455 O  O   . HOH C 3 .   ? -0.196  11.167  -12.178 1.00 30.31 ? 367 HOH A O   1 
# 
loop_
_pdbx_poly_seq_scheme.asym_id 
_pdbx_poly_seq_scheme.entity_id 
_pdbx_poly_seq_scheme.seq_id 
_pdbx_poly_seq_scheme.mon_id 
_pdbx_poly_seq_scheme.ndb_seq_num 
_pdbx_poly_seq_scheme.pdb_seq_num 
_pdbx_poly_seq_scheme.auth_seq_num 
_pdbx_poly_seq_scheme.pdb_mon_id 
_pdbx_poly_seq_scheme.auth_mon_id 
_pdbx_poly_seq_scheme.pdb_strand_id 
_pdbx_poly_seq_scheme.pdb_ins_code 
_pdbx_poly_seq_scheme.hetero 
A 1 1   GLU 1   2   2   GLU GLU A . n 
A 1 2   SER 2   3   3   SER SER A . n 
A 1 3   GLN 3   4   4   GLN GLN A . n 
A 1 4   CYS 4   5   5   CYS CYS A . n 
A 1 5   ARG 5   6   6   ARG ARG A . n 
A 1 6   GLN 6   7   7   GLN GLN A . n 
A 1 7   ASN 7   8   8   ASN ASN A . n 
A 1 8   TYR 8   9   9   TYR TYR A . n 
A 1 9   HIS 9   10  10  HIS HIS A . n 
A 1 10  GLN 10  11  11  GLN GLN A . n 
A 1 11  GLU 11  12  12  GLU GLU A . n 
A 1 12  SER 12  13  13  SER SER A . n 
A 1 13  GLU 13  14  14  GLU GLU A . n 
A 1 14  ALA 14  15  15  ALA ALA A . n 
A 1 15  GLY 15  16  16  GLY GLY A . n 
A 1 16  ILE 16  17  17  ILE ILE A . n 
A 1 17  ASN 17  18  18  ASN ASN A . n 
A 1 18  ARG 18  19  19  ARG ARG A . n 
A 1 19  GLN 19  20  20  GLN GLN A . n 
A 1 20  ILE 20  21  21  ILE ILE A . n 
A 1 21  ASN 21  22  22  ASN ASN A . n 
A 1 22  MET 22  23  23  MET MET A . n 
A 1 23  GLU 23  24  24  GLU GLU A . n 
A 1 24  LEU 24  25  25  LEU LEU A . n 
A 1 25  TYR 25  26  26  TYR TYR A . n 
A 1 26  ALA 26  27  27  ALA ALA A . n 
A 1 27  CYS 27  28  28  CYS CYS A . n 
A 1 28  TYR 28  29  29  TYR TYR A . n 
A 1 29  THR 29  30  30  THR THR A . n 
A 1 30  TYR 30  31  31  TYR TYR A . n 
A 1 31  GLN 31  32  32  GLN GLN A . n 
A 1 32  SER 32  33  33  SER SER A . n 
A 1 33  MET 33  34  34  MET MET A . n 
A 1 34  ALA 34  35  35  ALA ALA A . n 
A 1 35  TYR 35  36  36  TYR TYR A . n 
A 1 36  TYR 36  37  37  TYR TYR A . n 
A 1 37  PHE 37  38  38  PHE PHE A . n 
A 1 38  ASP 38  39  39  ASP ASP A . n 
A 1 39  ARG 39  40  40  ARG ARG A . n 
A 1 40  ASP 40  41  41  ASP ASP A . n 
A 1 41  ASP 41  42  42  ASP ASP A . n 
A 1 42  VAL 42  43  43  VAL VAL A . n 
A 1 43  ALA 43  44  44  ALA ALA A . n 
A 1 44  LEU 44  45  45  LEU LEU A . n 
A 1 45  PRO 45  46  46  PRO PRO A . n 
A 1 46  GLY 46  47  47  GLY GLY A . n 
A 1 47  PHE 47  48  48  PHE PHE A . n 
A 1 48  SER 48  49  49  SER SER A . n 
A 1 49  LYS 49  50  50  LYS LYS A . n 
A 1 50  PHE 50  51  51  PHE PHE A . n 
A 1 51  PHE 51  52  52  PHE PHE A . n 
A 1 52  LYS 52  53  53  LYS LYS A . n 
A 1 53  ASN 53  54  54  ASN ASN A . n 
A 1 54  SER 54  55  55  SER SER A . n 
A 1 55  SER 55  56  56  SER SER A . n 
A 1 56  ASP 56  57  57  ASP ASP A . n 
A 1 57  GLU 57  58  58  GLU GLU A . n 
A 1 58  GLU 58  59  59  GLU GLU A . n 
A 1 59  ARG 59  60  60  ARG ARG A . n 
A 1 60  GLU 60  61  61  GLU GLU A . n 
A 1 61  HIS 61  62  62  HIS HIS A . n 
A 1 62  ALA 62  63  63  ALA ALA A . n 
A 1 63  GLU 63  64  64  GLU GLU A . n 
A 1 64  LYS 64  65  65  LYS LYS A . n 
A 1 65  LEU 65  66  66  LEU LEU A . n 
A 1 66  MET 66  67  67  MET MET A . n 
A 1 67  LYS 67  68  68  LYS LYS A . n 
A 1 68  TYR 68  69  69  TYR TYR A . n 
A 1 69  GLN 69  70  70  GLN GLN A . n 
A 1 70  ASN 70  71  71  ASN ASN A . n 
A 1 71  LYS 71  72  72  LYS LYS A . n 
A 1 72  ARG 72  73  73  ARG ARG A . n 
A 1 73  GLY 73  74  74  GLY GLY A . n 
A 1 74  GLY 74  75  75  GLY GLY A . n 
A 1 75  ARG 75  76  76  ARG ARG A . n 
A 1 76  VAL 76  77  77  VAL VAL A . n 
A 1 77  VAL 77  78  78  VAL VAL A . n 
A 1 78  LEU 78  79  79  LEU LEU A . n 
A 1 79  GLN 79  80  80  GLN GLN A . n 
A 1 80  ASP 80  81  81  ASP ASP A . n 
A 1 81  ILE 81  82  82  ILE ILE A . n 
A 1 82  LYS 82  83  83  LYS LYS A . n 
A 1 83  LYS 83  84  84  LYS LYS A . n 
A 1 84  PRO 84  85  85  PRO PRO A . n 
A 1 85  ASP 85  86  86  ASP ASP A . n 
A 1 86  ARG 86  87  87  ARG ARG A . n 
A 1 87  ASP 87  88  88  ASP ASP A . n 
A 1 88  GLU 88  89  89  GLU GLU A . n 
A 1 89  TRP 89  90  90  TRP TRP A . n 
A 1 90  GLY 90  91  91  GLY GLY A . n 
A 1 91  THR 91  92  92  THR THR A . n 
A 1 92  GLY 92  93  93  GLY GLY A . n 
A 1 93  LEU 93  94  94  LEU LEU A . n 
A 1 94  ASP 94  95  95  ASP ASP A . n 
A 1 95  ALA 95  96  96  ALA ALA A . n 
A 1 96  MET 96  97  97  MET MET A . n 
A 1 97  GLN 97  98  98  GLN GLN A . n 
A 1 98  VAL 98  99  99  VAL VAL A . n 
A 1 99  ALA 99  100 100 ALA ALA A . n 
A 1 100 LEU 100 101 101 LEU LEU A . n 
A 1 101 GLN 101 102 102 GLN GLN A . n 
A 1 102 LEU 102 103 103 LEU LEU A . n 
A 1 103 GLU 103 104 104 GLU GLU A . n 
A 1 104 LYS 104 105 105 LYS LYS A . n 
A 1 105 THR 105 106 106 THR THR A . n 
A 1 106 VAL 106 107 107 VAL VAL A . n 
A 1 107 ASN 107 108 108 ASN ASN A . n 
A 1 108 GLN 108 109 109 GLN GLN A . n 
A 1 109 SER 109 110 110 SER SER A . n 
A 1 110 LEU 110 111 111 LEU LEU A . n 
A 1 111 LEU 111 112 112 LEU LEU A . n 
A 1 112 ASP 112 113 113 ASP ASP A . n 
A 1 113 LEU 113 114 114 LEU LEU A . n 
A 1 114 HIS 114 115 115 HIS HIS A . n 
A 1 115 LYS 115 116 116 LYS LYS A . n 
A 1 116 VAL 116 117 117 VAL VAL A . n 
A 1 117 ALA 117 118 118 ALA ALA A . n 
A 1 118 ASP 118 119 119 ASP ASP A . n 
A 1 119 SER 119 120 120 SER SER A . n 
A 1 120 HIS 120 121 121 HIS HIS A . n 
A 1 121 GLN 121 122 122 GLN GLN A . n 
A 1 122 ASP 122 123 123 ASP ASP A . n 
A 1 123 ALA 123 124 124 ALA ALA A . n 
A 1 124 GLN 124 125 125 GLN GLN A . n 
A 1 125 MET 125 126 126 MET MET A . n 
A 1 126 CYS 126 127 127 CYS CYS A . n 
A 1 127 ASP 127 128 128 ASP ASP A . n 
A 1 128 PHE 128 129 129 PHE PHE A . n 
A 1 129 LEU 129 130 130 LEU LEU A . n 
A 1 130 GLU 130 131 131 GLU GLU A . n 
A 1 131 THR 131 132 132 THR THR A . n 
A 1 132 HIS 132 133 133 HIS HIS A . n 
A 1 133 TYR 133 134 134 TYR TYR A . n 
A 1 134 LEU 134 135 135 LEU LEU A . n 
A 1 135 GLU 135 136 136 GLU GLU A . n 
A 1 136 GLU 136 137 137 GLU GLU A . n 
A 1 137 GLN 137 138 138 GLN GLN A . n 
A 1 138 VAL 138 139 139 VAL VAL A . n 
A 1 139 ASN 139 140 140 ASN ASN A . n 
A 1 140 ALA 140 141 141 ALA ALA A . n 
A 1 141 ILE 141 142 142 ILE ILE A . n 
A 1 142 LYS 142 143 143 LYS LYS A . n 
A 1 143 GLU 143 144 144 GLU GLU A . n 
A 1 144 ILE 144 145 145 ILE ILE A . n 
A 1 145 SER 145 146 146 SER SER A . n 
A 1 146 ASP 146 147 147 ASP ASP A . n 
A 1 147 HIS 147 148 148 HIS HIS A . n 
A 1 148 ILE 148 149 149 ILE ILE A . n 
A 1 149 THR 149 150 150 THR THR A . n 
A 1 150 GLN 150 151 151 GLN GLN A . n 
A 1 151 LEU 151 152 152 LEU LEU A . n 
A 1 152 LYS 152 153 153 LYS LYS A . n 
A 1 153 ARG 153 154 154 ARG ARG A . n 
A 1 154 VAL 154 155 155 VAL VAL A . n 
A 1 155 GLY 155 156 156 GLY GLY A . n 
A 1 156 SER 156 157 157 SER SER A . n 
A 1 157 GLY 157 158 158 GLY GLY A . n 
A 1 158 LEU 158 159 159 LEU LEU A . n 
A 1 159 GLY 159 160 160 GLY GLY A . n 
A 1 160 GLU 160 161 161 GLU GLU A . n 
A 1 161 TYR 161 162 162 TYR TYR A . n 
A 1 162 GLU 162 163 163 GLU GLU A . n 
A 1 163 TYR 163 164 164 TYR TYR A . n 
A 1 164 ASP 164 165 165 ASP ASP A . n 
A 1 165 ARG 165 166 166 ARG ARG A . n 
A 1 166 ARG 166 167 167 ARG ARG A . n 
A 1 167 LEU 167 168 168 LEU LEU A . n 
A 1 168 ASP 168 169 169 ASP ASP A . n 
A 1 169 SER 169 170 170 SER SER A . n 
# 
loop_
_pdbx_nonpoly_scheme.asym_id 
_pdbx_nonpoly_scheme.entity_id 
_pdbx_nonpoly_scheme.mon_id 
_pdbx_nonpoly_scheme.ndb_seq_num 
_pdbx_nonpoly_scheme.pdb_seq_num 
_pdbx_nonpoly_scheme.auth_seq_num 
_pdbx_nonpoly_scheme.pdb_mon_id 
_pdbx_nonpoly_scheme.auth_mon_id 
_pdbx_nonpoly_scheme.pdb_strand_id 
_pdbx_nonpoly_scheme.pdb_ins_code 
B 2 MG  1  201 1  MG  MG  A . 
C 3 HOH 1  301 42 HOH HOH A . 
C 3 HOH 2  302 34 HOH HOH A . 
C 3 HOH 3  303 62 HOH HOH A . 
C 3 HOH 4  304 30 HOH HOH A . 
C 3 HOH 5  305 8  HOH HOH A . 
C 3 HOH 6  306 26 HOH HOH A . 
C 3 HOH 7  307 37 HOH HOH A . 
C 3 HOH 8  308 48 HOH HOH A . 
C 3 HOH 9  309 44 HOH HOH A . 
C 3 HOH 10 310 51 HOH HOH A . 
C 3 HOH 11 311 3  HOH HOH A . 
C 3 HOH 12 312 63 HOH HOH A . 
C 3 HOH 13 313 24 HOH HOH A . 
C 3 HOH 14 314 17 HOH HOH A . 
C 3 HOH 15 315 61 HOH HOH A . 
C 3 HOH 16 316 40 HOH HOH A . 
C 3 HOH 17 317 6  HOH HOH A . 
C 3 HOH 18 318 2  HOH HOH A . 
C 3 HOH 19 319 41 HOH HOH A . 
C 3 HOH 20 320 25 HOH HOH A . 
C 3 HOH 21 321 56 HOH HOH A . 
C 3 HOH 22 322 39 HOH HOH A . 
C 3 HOH 23 323 4  HOH HOH A . 
C 3 HOH 24 324 31 HOH HOH A . 
C 3 HOH 25 325 29 HOH HOH A . 
C 3 HOH 26 326 10 HOH HOH A . 
C 3 HOH 27 327 50 HOH HOH A . 
C 3 HOH 28 328 59 HOH HOH A . 
C 3 HOH 29 329 15 HOH HOH A . 
C 3 HOH 30 330 5  HOH HOH A . 
C 3 HOH 31 331 46 HOH HOH A . 
C 3 HOH 32 332 16 HOH HOH A . 
C 3 HOH 33 333 32 HOH HOH A . 
C 3 HOH 34 334 19 HOH HOH A . 
C 3 HOH 35 335 23 HOH HOH A . 
C 3 HOH 36 336 55 HOH HOH A . 
C 3 HOH 37 337 27 HOH HOH A . 
C 3 HOH 38 338 52 HOH HOH A . 
C 3 HOH 39 339 9  HOH HOH A . 
C 3 HOH 40 340 22 HOH HOH A . 
C 3 HOH 41 341 28 HOH HOH A . 
C 3 HOH 42 342 45 HOH HOH A . 
C 3 HOH 43 343 21 HOH HOH A . 
C 3 HOH 44 344 18 HOH HOH A . 
C 3 HOH 45 345 43 HOH HOH A . 
C 3 HOH 46 346 57 HOH HOH A . 
C 3 HOH 47 347 14 HOH HOH A . 
C 3 HOH 48 348 12 HOH HOH A . 
C 3 HOH 49 349 49 HOH HOH A . 
C 3 HOH 50 350 35 HOH HOH A . 
C 3 HOH 51 351 36 HOH HOH A . 
C 3 HOH 52 352 11 HOH HOH A . 
C 3 HOH 53 353 33 HOH HOH A . 
C 3 HOH 54 354 54 HOH HOH A . 
C 3 HOH 55 355 53 HOH HOH A . 
C 3 HOH 56 356 60 HOH HOH A . 
C 3 HOH 57 357 7  HOH HOH A . 
C 3 HOH 58 358 47 HOH HOH A . 
C 3 HOH 59 359 1  HOH HOH A . 
C 3 HOH 60 360 13 HOH HOH A . 
C 3 HOH 61 361 58 HOH HOH A . 
C 3 HOH 62 362 65 HOH HOH A . 
C 3 HOH 63 363 20 HOH HOH A . 
C 3 HOH 64 364 64 HOH HOH A . 
C 3 HOH 65 365 66 HOH HOH A . 
C 3 HOH 66 366 38 HOH HOH A . 
C 3 HOH 67 367 67 HOH HOH A . 
# 
_pdbx_struct_assembly.id                   1 
_pdbx_struct_assembly.details              author_and_software_defined_assembly 
_pdbx_struct_assembly.method_details       PISA 
_pdbx_struct_assembly.oligomeric_details   24-meric 
_pdbx_struct_assembly.oligomeric_count     24 
# 
_pdbx_struct_assembly_gen.assembly_id       1 
_pdbx_struct_assembly_gen.oper_expression   1,2,3,4,5,6,7,8,9,10,11,12,13,14,15,16,17,18,19,20,21,22,23,24 
_pdbx_struct_assembly_gen.asym_id_list      A,B,C 
# 
loop_
_pdbx_struct_assembly_prop.biol_id 
_pdbx_struct_assembly_prop.type 
_pdbx_struct_assembly_prop.value 
_pdbx_struct_assembly_prop.details 
1 'ABSA (A^2)' 98460  ? 
1 MORE         -344   ? 
1 'SSA (A^2)'  131740 ? 
# 
loop_
_pdbx_struct_oper_list.id 
_pdbx_struct_oper_list.type 
_pdbx_struct_oper_list.name 
_pdbx_struct_oper_list.symmetry_operation 
_pdbx_struct_oper_list.matrix[1][1] 
_pdbx_struct_oper_list.matrix[1][2] 
_pdbx_struct_oper_list.matrix[1][3] 
_pdbx_struct_oper_list.vector[1] 
_pdbx_struct_oper_list.matrix[2][1] 
_pdbx_struct_oper_list.matrix[2][2] 
_pdbx_struct_oper_list.matrix[2][3] 
_pdbx_struct_oper_list.vector[2] 
_pdbx_struct_oper_list.matrix[3][1] 
_pdbx_struct_oper_list.matrix[3][2] 
_pdbx_struct_oper_list.matrix[3][3] 
_pdbx_struct_oper_list.vector[3] 
1  'identity operation'         1_555  x,y,z            1.0000000000  0.0000000000  0.0000000000  0.0000000000   0.0000000000  1.0000000000  0.0000000000  0.0000000000  0.0000000000  0.0000000000  1.0000000000  0.0000000000   
2  'crystal symmetry operation' 2_555  -x,-y,z          -0.8962374919 -0.3718533931 0.2418334389  -17.5635130598 -0.3718533931 0.3326099038  -0.8666577790 28.4809664865 0.2418334389  -0.8666577790 -0.4363724119 51.3294532305  
3  'crystal symmetry operation' 3_554  -x,y,-z-1        0.8938824916  0.3339985692  -0.2990301774 -15.8214739767 0.3339985692  -0.9410971669 -0.0527359284 95.7464783510 -0.2990301774 -0.0527359284 -0.9527853247 6.7390329669   
4  'crystal symmetry operation' 4_554  x,-y,-z-1        -0.9976449997 0.0378548238  0.0571967384  -37.3576442377 0.0378548238  -0.3915127369 0.9193937074  60.3700268781 0.0571967384  0.9193937074  0.3891577366  -38.4168665770 
5  'crystal symmetry operation' 13_554 y,x,-z-1         -0.1186651880 -0.3567124571 -0.9266470720 1.2302536432   -0.3567124571 -0.8556237932 0.3750521929  77.4845749578 -0.9266470720 0.3750521929  -0.0257110187 -28.6575639826 
6  'crystal symmetry operation' 14_554 -y,-x,-z-1       0.0149026799  0.7285658502  0.6848136331  -54.4093718576 0.7285658502  -0.4769861106 0.4916055861  78.6319302713 0.6848136331  0.4916055861  -0.5379165694 -3.0202696275  
7  'crystal symmetry operation' 15_555 y,-x,z           0.0518812541  0.3449346734  0.9371917662  -37.2909548893 -0.7167880664 0.6663049519  -0.2055543210 3.7328159114  -0.6953583273 -0.6611034580 0.2818137940  21.7400178194  
8  'crystal symmetry operation' 16_555 -y,x,z           0.0518812541  -0.7167880664 -0.6953583273 19.7274418295  0.3449346734  0.6663049519  -0.6611034580 24.7481505751 0.9371917662  -0.2055543210 0.2818137940  29.5894354111  
9  'crystal symmetry operation' 33_554 y,z+1/2,x-1/2    -0.2472254426 0.9140722967  -0.3214831519 -62.6624449798 -0.6038498521 -0.4048183823 -0.6866494254 57.5254418715 -0.7577895068 0.0243703456  0.6520438249  -12.8172063642 
10 'crystal symmetry operation' 34_554 -y,z+1/2,-x-1/2  -0.1960735506 0.6745769928  -0.7116888671 -48.7881896523 0.5256711741  0.6849870792  0.5044427797  21.3562082875 0.8277831718  -0.2752064355 -0.4889135286 34.6553835483  
11 'crystal symmetry operation' 35_544 y,-z-1/2,-x-1/2  0.1804415086  -0.9258500804 0.3320278461  26.6017437337  -0.4696506714 0.2154995410  0.8561472973  23.6919489977 -0.8642158925 -0.3104216107 -0.3959410496 5.8996602009   
12 'crystal symmetry operation' 36_544 -y,-z-1/2,x-1/2  0.2628574846  -0.6627992090 0.7011441730  14.1062596242  0.5478293494  -0.4956682379 -0.6739406516 82.0238725588 0.7942222275  0.5612577006  0.2328107533  -8.0862177647  
13 'crystal symmetry operation' 41_554 x,z+1/2,-y-1/2   0.0011775002  0.8523413957  -0.5229844728 -54.4304766414 -0.8144865718 0.3042436316  0.4940115758  15.2769539352 0.5801812112  0.4253821316  0.6945788683  -7.8697251526  
14 'crystal symmetry operation' 42_554 -x,z+1/2,y-1/2   -0.4444764934 0.7363078938  -0.5101875463 -57.0201579907 0.7363078938  -0.0240749347 -0.6762182215 63.6046962239 -0.5101875463 -0.6762182215 -0.5314485719 29.7079023368  
15 'crystal symmetry operation' 43_544 -x,-z-1/2,-y-1/2 0.4421214931  -0.7741627177 0.4529908078  23.6351709543  -0.7741627177 -0.5844123284 -0.2431754859 60.6227486136 0.4529908078  -0.2431754859 -0.8577091646 28.3605838606  
16 'crystal symmetry operation' 44_544 x,-z-1/2,y-1/2   0.0011775002  -0.8144865718 0.5801812112  17.0728324037  0.8523413957  0.3042436316  0.4253821316  45.0930729429 -0.5229844728 0.4940115758  0.6945788683  -30.5471414244 
17 'crystal symmetry operation' 53_554 z+1/2,x,y-1/2    -0.2472254426 -0.6038498521 -0.7577895068 9.5322343841   0.9140722967  -0.4048183823 0.0243703456  80.8777210697 -0.3214831519 -0.6866494254 0.6520438249  27.7122715517  
18 'crystal symmetry operation' 54_554 z+1/2,-x,-y-1/2  0.2628574846  0.5478293494  0.7942222275  -42.2207667758 -0.6627992090 -0.4956682379 0.5612577006  54.5446980856 0.7011441730  -0.6739406516 0.2328107533  47.2712588312  
19 'crystal symmetry operation' 55_454 -z-1/2,-x,y-1/2  -0.1960735506 0.5256711741  0.8277831718  -49.4795599712 0.6745769928  0.6849870792  -0.2752064355 27.8200480971 -0.7116888671 0.5044427797  -0.4889135286 -28.5515106393 
20 'crystal symmetry operation' 56_454 -z-1/2,x,-y-1/2  0.1804415086  -0.4696506714 -0.8642158925 11.4254610887  -0.9258500804 0.2154995410  -0.3104216107 21.3550044631 0.3320278461  0.8561472973  -0.3959410496 -26.7804001232 
21 'crystal symmetry operation' 69_554 z+1/2,y,-x-1/2   0.9469412458  0.0133524894  -0.3211292388 0.0230894936   0.3206460798  0.0294514165  0.9467410974  45.8097915380 0.0220990615  -0.9994770258 0.0236073377  51.3129937393  
22 'crystal symmetry operation' 70_554 z+1/2,-y,x-1/2   -0.9313092038 -0.0693729922 0.3575619596  -32.7116218853 -0.0693729922 -0.9299380367 -0.3611130512 89.6126276173 0.3575619596  -0.3611130512 0.8612472405  23.6705366436  
23 'crystal symmetry operation' 71_454 -z-1/2,y,x-1/2   0.9469412458  0.3206460798  0.0220990615  -15.8445634703 0.0133524894  0.0294514165  -0.9994770258 49.9366868130 -0.3211292388 0.9467410974  0.0236073377  -44.5739607725 
24 'crystal symmetry operation' 72_454 -z-1/2,-y,-x-1/2 -0.9625732878 -0.2646255771 -0.0585317822 -22.2095354122 -0.2646255771 0.8710352037  0.4138489796  -0.7616342528 -0.0585317822 0.4138489796  -0.9084619159 -10.7579499901  
# 
_pdbx_struct_special_symmetry.id              1 
_pdbx_struct_special_symmetry.PDB_model_num   1 
_pdbx_struct_special_symmetry.auth_asym_id    A 
_pdbx_struct_special_symmetry.auth_comp_id    HOH 
_pdbx_struct_special_symmetry.auth_seq_id     350 
_pdbx_struct_special_symmetry.PDB_ins_code    ? 
_pdbx_struct_special_symmetry.label_asym_id   C 
_pdbx_struct_special_symmetry.label_comp_id   HOH 
_pdbx_struct_special_symmetry.label_seq_id    . 
# 
_pdbx_struct_conn_angle.id                    1 
_pdbx_struct_conn_angle.ptnr1_label_atom_id   OE1 
_pdbx_struct_conn_angle.ptnr1_label_alt_id    ? 
_pdbx_struct_conn_angle.ptnr1_label_asym_id   A 
_pdbx_struct_conn_angle.ptnr1_label_comp_id   GLU 
_pdbx_struct_conn_angle.ptnr1_label_seq_id    23 
_pdbx_struct_conn_angle.ptnr1_auth_atom_id    ? 
_pdbx_struct_conn_angle.ptnr1_auth_asym_id    A 
_pdbx_struct_conn_angle.ptnr1_auth_comp_id    GLU 
_pdbx_struct_conn_angle.ptnr1_auth_seq_id     24 
_pdbx_struct_conn_angle.ptnr1_PDB_ins_code    ? 
_pdbx_struct_conn_angle.ptnr1_symmetry        1_555 
_pdbx_struct_conn_angle.ptnr2_label_atom_id   MG 
_pdbx_struct_conn_angle.ptnr2_label_alt_id    ? 
_pdbx_struct_conn_angle.ptnr2_label_asym_id   B 
_pdbx_struct_conn_angle.ptnr2_label_comp_id   MG 
_pdbx_struct_conn_angle.ptnr2_label_seq_id    . 
_pdbx_struct_conn_angle.ptnr2_auth_atom_id    ? 
_pdbx_struct_conn_angle.ptnr2_auth_asym_id    A 
_pdbx_struct_conn_angle.ptnr2_auth_comp_id    MG 
_pdbx_struct_conn_angle.ptnr2_auth_seq_id     201 
_pdbx_struct_conn_angle.ptnr2_PDB_ins_code    ? 
_pdbx_struct_conn_angle.ptnr2_symmetry        1_555 
_pdbx_struct_conn_angle.ptnr3_label_atom_id   OE1 
_pdbx_struct_conn_angle.ptnr3_label_alt_id    ? 
_pdbx_struct_conn_angle.ptnr3_label_asym_id   A 
_pdbx_struct_conn_angle.ptnr3_label_comp_id   GLU 
_pdbx_struct_conn_angle.ptnr3_label_seq_id    58 
_pdbx_struct_conn_angle.ptnr3_auth_atom_id    ? 
_pdbx_struct_conn_angle.ptnr3_auth_asym_id    A 
_pdbx_struct_conn_angle.ptnr3_auth_comp_id    GLU 
_pdbx_struct_conn_angle.ptnr3_auth_seq_id     59 
_pdbx_struct_conn_angle.ptnr3_PDB_ins_code    ? 
_pdbx_struct_conn_angle.ptnr3_symmetry        1_555 
_pdbx_struct_conn_angle.value                 89.4 
_pdbx_struct_conn_angle.value_esd             ? 
# 
loop_
_pdbx_audit_revision_history.ordinal 
_pdbx_audit_revision_history.data_content_type 
_pdbx_audit_revision_history.major_revision 
_pdbx_audit_revision_history.minor_revision 
_pdbx_audit_revision_history.revision_date 
1 'Structure model' 1 0 2020-12-16 
2 'Structure model' 1 1 2023-11-22 
# 
_pdbx_audit_revision_details.ordinal             1 
_pdbx_audit_revision_details.revision_ordinal    1 
_pdbx_audit_revision_details.data_content_type   'Structure model' 
_pdbx_audit_revision_details.provider            repository 
_pdbx_audit_revision_details.type                'Initial release' 
_pdbx_audit_revision_details.description         ? 
_pdbx_audit_revision_details.details             ? 
# 
loop_
_pdbx_audit_revision_group.ordinal 
_pdbx_audit_revision_group.revision_ordinal 
_pdbx_audit_revision_group.data_content_type 
_pdbx_audit_revision_group.group 
1 2 'Structure model' 'Data collection'        
2 2 'Structure model' 'Database references'    
3 2 'Structure model' 'Refinement description' 
# 
loop_
_pdbx_audit_revision_category.ordinal 
_pdbx_audit_revision_category.revision_ordinal 
_pdbx_audit_revision_category.data_content_type 
_pdbx_audit_revision_category.category 
1 2 'Structure model' chem_comp_atom                
2 2 'Structure model' chem_comp_bond                
3 2 'Structure model' database_2                    
4 2 'Structure model' pdbx_initial_refinement_model 
# 
loop_
_pdbx_audit_revision_item.ordinal 
_pdbx_audit_revision_item.revision_ordinal 
_pdbx_audit_revision_item.data_content_type 
_pdbx_audit_revision_item.item 
1 2 'Structure model' '_database_2.pdbx_DOI'                
2 2 'Structure model' '_database_2.pdbx_database_accession' 
# 
loop_
_software.citation_id 
_software.classification 
_software.compiler_name 
_software.compiler_version 
_software.contact_author 
_software.contact_author_email 
_software.date 
_software.description 
_software.dependencies 
_software.hardware 
_software.language 
_software.location 
_software.mods 
_software.name 
_software.os 
_software.os_version 
_software.type 
_software.version 
_software.pdbx_ordinal 
? refinement        ? ? ? ? ? ? ? ? ? ? ? PHENIX      ? ? ? 1.10.1_2155 1 
? 'data extraction' ? ? ? ? ? ? ? ? ? ? ? PDB_EXTRACT ? ? ? 3.25        2 
? 'data reduction'  ? ? ? ? ? ? ? ? ? ? ? HKL-3000    ? ? ? .           3 
? 'data scaling'    ? ? ? ? ? ? ? ? ? ? ? HKL-3000    ? ? ? .           4 
? phasing           ? ? ? ? ? ? ? ? ? ? ? HKL-3000    ? ? ? .           5 
# 
_pdbx_entry_details.entry_id                 6LIJ 
_pdbx_entry_details.has_ligand_of_interest   Y 
_pdbx_entry_details.compound_details         ? 
_pdbx_entry_details.source_details           ? 
_pdbx_entry_details.nonpolymer_details       ? 
_pdbx_entry_details.sequence_details         ? 
# 
_pdbx_validate_rmsd_bond.id                        1 
_pdbx_validate_rmsd_bond.PDB_model_num             1 
_pdbx_validate_rmsd_bond.auth_atom_id_1            CB 
_pdbx_validate_rmsd_bond.auth_asym_id_1            A 
_pdbx_validate_rmsd_bond.auth_comp_id_1            CYS 
_pdbx_validate_rmsd_bond.auth_seq_id_1             5 
_pdbx_validate_rmsd_bond.PDB_ins_code_1            ? 
_pdbx_validate_rmsd_bond.label_alt_id_1            ? 
_pdbx_validate_rmsd_bond.auth_atom_id_2            SG 
_pdbx_validate_rmsd_bond.auth_asym_id_2            A 
_pdbx_validate_rmsd_bond.auth_comp_id_2            CYS 
_pdbx_validate_rmsd_bond.auth_seq_id_2             5 
_pdbx_validate_rmsd_bond.PDB_ins_code_2            ? 
_pdbx_validate_rmsd_bond.label_alt_id_2            ? 
_pdbx_validate_rmsd_bond.bond_value                1.715 
_pdbx_validate_rmsd_bond.bond_target_value         1.812 
_pdbx_validate_rmsd_bond.bond_deviation            -0.097 
_pdbx_validate_rmsd_bond.bond_standard_deviation   0.016 
_pdbx_validate_rmsd_bond.linker_flag               N 
# 
_pdbx_validate_torsion.id              1 
_pdbx_validate_torsion.PDB_model_num   1 
_pdbx_validate_torsion.auth_comp_id    TYR 
_pdbx_validate_torsion.auth_asym_id    A 
_pdbx_validate_torsion.auth_seq_id     134 
_pdbx_validate_torsion.PDB_ins_code    ? 
_pdbx_validate_torsion.label_alt_id    ? 
_pdbx_validate_torsion.phi             -131.88 
_pdbx_validate_torsion.psi             -46.81 
# 
loop_
_chem_comp_atom.comp_id 
_chem_comp_atom.atom_id 
_chem_comp_atom.type_symbol 
_chem_comp_atom.pdbx_aromatic_flag 
_chem_comp_atom.pdbx_stereo_config 
_chem_comp_atom.pdbx_ordinal 
ALA N    N  N N 1   
ALA CA   C  N S 2   
ALA C    C  N N 3   
ALA O    O  N N 4   
ALA CB   C  N N 5   
ALA OXT  O  N N 6   
ALA H    H  N N 7   
ALA H2   H  N N 8   
ALA HA   H  N N 9   
ALA HB1  H  N N 10  
ALA HB2  H  N N 11  
ALA HB3  H  N N 12  
ALA HXT  H  N N 13  
ARG N    N  N N 14  
ARG CA   C  N S 15  
ARG C    C  N N 16  
ARG O    O  N N 17  
ARG CB   C  N N 18  
ARG CG   C  N N 19  
ARG CD   C  N N 20  
ARG NE   N  N N 21  
ARG CZ   C  N N 22  
ARG NH1  N  N N 23  
ARG NH2  N  N N 24  
ARG OXT  O  N N 25  
ARG H    H  N N 26  
ARG H2   H  N N 27  
ARG HA   H  N N 28  
ARG HB2  H  N N 29  
ARG HB3  H  N N 30  
ARG HG2  H  N N 31  
ARG HG3  H  N N 32  
ARG HD2  H  N N 33  
ARG HD3  H  N N 34  
ARG HE   H  N N 35  
ARG HH11 H  N N 36  
ARG HH12 H  N N 37  
ARG HH21 H  N N 38  
ARG HH22 H  N N 39  
ARG HXT  H  N N 40  
ASN N    N  N N 41  
ASN CA   C  N S 42  
ASN C    C  N N 43  
ASN O    O  N N 44  
ASN CB   C  N N 45  
ASN CG   C  N N 46  
ASN OD1  O  N N 47  
ASN ND2  N  N N 48  
ASN OXT  O  N N 49  
ASN H    H  N N 50  
ASN H2   H  N N 51  
ASN HA   H  N N 52  
ASN HB2  H  N N 53  
ASN HB3  H  N N 54  
ASN HD21 H  N N 55  
ASN HD22 H  N N 56  
ASN HXT  H  N N 57  
ASP N    N  N N 58  
ASP CA   C  N S 59  
ASP C    C  N N 60  
ASP O    O  N N 61  
ASP CB   C  N N 62  
ASP CG   C  N N 63  
ASP OD1  O  N N 64  
ASP OD2  O  N N 65  
ASP OXT  O  N N 66  
ASP H    H  N N 67  
ASP H2   H  N N 68  
ASP HA   H  N N 69  
ASP HB2  H  N N 70  
ASP HB3  H  N N 71  
ASP HD2  H  N N 72  
ASP HXT  H  N N 73  
CYS N    N  N N 74  
CYS CA   C  N R 75  
CYS C    C  N N 76  
CYS O    O  N N 77  
CYS CB   C  N N 78  
CYS SG   S  N N 79  
CYS OXT  O  N N 80  
CYS H    H  N N 81  
CYS H2   H  N N 82  
CYS HA   H  N N 83  
CYS HB2  H  N N 84  
CYS HB3  H  N N 85  
CYS HG   H  N N 86  
CYS HXT  H  N N 87  
GLN N    N  N N 88  
GLN CA   C  N S 89  
GLN C    C  N N 90  
GLN O    O  N N 91  
GLN CB   C  N N 92  
GLN CG   C  N N 93  
GLN CD   C  N N 94  
GLN OE1  O  N N 95  
GLN NE2  N  N N 96  
GLN OXT  O  N N 97  
GLN H    H  N N 98  
GLN H2   H  N N 99  
GLN HA   H  N N 100 
GLN HB2  H  N N 101 
GLN HB3  H  N N 102 
GLN HG2  H  N N 103 
GLN HG3  H  N N 104 
GLN HE21 H  N N 105 
GLN HE22 H  N N 106 
GLN HXT  H  N N 107 
GLU N    N  N N 108 
GLU CA   C  N S 109 
GLU C    C  N N 110 
GLU O    O  N N 111 
GLU CB   C  N N 112 
GLU CG   C  N N 113 
GLU CD   C  N N 114 
GLU OE1  O  N N 115 
GLU OE2  O  N N 116 
GLU OXT  O  N N 117 
GLU H    H  N N 118 
GLU H2   H  N N 119 
GLU HA   H  N N 120 
GLU HB2  H  N N 121 
GLU HB3  H  N N 122 
GLU HG2  H  N N 123 
GLU HG3  H  N N 124 
GLU HE2  H  N N 125 
GLU HXT  H  N N 126 
GLY N    N  N N 127 
GLY CA   C  N N 128 
GLY C    C  N N 129 
GLY O    O  N N 130 
GLY OXT  O  N N 131 
GLY H    H  N N 132 
GLY H2   H  N N 133 
GLY HA2  H  N N 134 
GLY HA3  H  N N 135 
GLY HXT  H  N N 136 
HIS N    N  N N 137 
HIS CA   C  N S 138 
HIS C    C  N N 139 
HIS O    O  N N 140 
HIS CB   C  N N 141 
HIS CG   C  Y N 142 
HIS ND1  N  Y N 143 
HIS CD2  C  Y N 144 
HIS CE1  C  Y N 145 
HIS NE2  N  Y N 146 
HIS OXT  O  N N 147 
HIS H    H  N N 148 
HIS H2   H  N N 149 
HIS HA   H  N N 150 
HIS HB2  H  N N 151 
HIS HB3  H  N N 152 
HIS HD1  H  N N 153 
HIS HD2  H  N N 154 
HIS HE1  H  N N 155 
HIS HE2  H  N N 156 
HIS HXT  H  N N 157 
HOH O    O  N N 158 
HOH H1   H  N N 159 
HOH H2   H  N N 160 
ILE N    N  N N 161 
ILE CA   C  N S 162 
ILE C    C  N N 163 
ILE O    O  N N 164 
ILE CB   C  N S 165 
ILE CG1  C  N N 166 
ILE CG2  C  N N 167 
ILE CD1  C  N N 168 
ILE OXT  O  N N 169 
ILE H    H  N N 170 
ILE H2   H  N N 171 
ILE HA   H  N N 172 
ILE HB   H  N N 173 
ILE HG12 H  N N 174 
ILE HG13 H  N N 175 
ILE HG21 H  N N 176 
ILE HG22 H  N N 177 
ILE HG23 H  N N 178 
ILE HD11 H  N N 179 
ILE HD12 H  N N 180 
ILE HD13 H  N N 181 
ILE HXT  H  N N 182 
LEU N    N  N N 183 
LEU CA   C  N S 184 
LEU C    C  N N 185 
LEU O    O  N N 186 
LEU CB   C  N N 187 
LEU CG   C  N N 188 
LEU CD1  C  N N 189 
LEU CD2  C  N N 190 
LEU OXT  O  N N 191 
LEU H    H  N N 192 
LEU H2   H  N N 193 
LEU HA   H  N N 194 
LEU HB2  H  N N 195 
LEU HB3  H  N N 196 
LEU HG   H  N N 197 
LEU HD11 H  N N 198 
LEU HD12 H  N N 199 
LEU HD13 H  N N 200 
LEU HD21 H  N N 201 
LEU HD22 H  N N 202 
LEU HD23 H  N N 203 
LEU HXT  H  N N 204 
LYS N    N  N N 205 
LYS CA   C  N S 206 
LYS C    C  N N 207 
LYS O    O  N N 208 
LYS CB   C  N N 209 
LYS CG   C  N N 210 
LYS CD   C  N N 211 
LYS CE   C  N N 212 
LYS NZ   N  N N 213 
LYS OXT  O  N N 214 
LYS H    H  N N 215 
LYS H2   H  N N 216 
LYS HA   H  N N 217 
LYS HB2  H  N N 218 
LYS HB3  H  N N 219 
LYS HG2  H  N N 220 
LYS HG3  H  N N 221 
LYS HD2  H  N N 222 
LYS HD3  H  N N 223 
LYS HE2  H  N N 224 
LYS HE3  H  N N 225 
LYS HZ1  H  N N 226 
LYS HZ2  H  N N 227 
LYS HZ3  H  N N 228 
LYS HXT  H  N N 229 
MET N    N  N N 230 
MET CA   C  N S 231 
MET C    C  N N 232 
MET O    O  N N 233 
MET CB   C  N N 234 
MET CG   C  N N 235 
MET SD   S  N N 236 
MET CE   C  N N 237 
MET OXT  O  N N 238 
MET H    H  N N 239 
MET H2   H  N N 240 
MET HA   H  N N 241 
MET HB2  H  N N 242 
MET HB3  H  N N 243 
MET HG2  H  N N 244 
MET HG3  H  N N 245 
MET HE1  H  N N 246 
MET HE2  H  N N 247 
MET HE3  H  N N 248 
MET HXT  H  N N 249 
MG  MG   MG N N 250 
PHE N    N  N N 251 
PHE CA   C  N S 252 
PHE C    C  N N 253 
PHE O    O  N N 254 
PHE CB   C  N N 255 
PHE CG   C  Y N 256 
PHE CD1  C  Y N 257 
PHE CD2  C  Y N 258 
PHE CE1  C  Y N 259 
PHE CE2  C  Y N 260 
PHE CZ   C  Y N 261 
PHE OXT  O  N N 262 
PHE H    H  N N 263 
PHE H2   H  N N 264 
PHE HA   H  N N 265 
PHE HB2  H  N N 266 
PHE HB3  H  N N 267 
PHE HD1  H  N N 268 
PHE HD2  H  N N 269 
PHE HE1  H  N N 270 
PHE HE2  H  N N 271 
PHE HZ   H  N N 272 
PHE HXT  H  N N 273 
PRO N    N  N N 274 
PRO CA   C  N S 275 
PRO C    C  N N 276 
PRO O    O  N N 277 
PRO CB   C  N N 278 
PRO CG   C  N N 279 
PRO CD   C  N N 280 
PRO OXT  O  N N 281 
PRO H    H  N N 282 
PRO HA   H  N N 283 
PRO HB2  H  N N 284 
PRO HB3  H  N N 285 
PRO HG2  H  N N 286 
PRO HG3  H  N N 287 
PRO HD2  H  N N 288 
PRO HD3  H  N N 289 
PRO HXT  H  N N 290 
SER N    N  N N 291 
SER CA   C  N S 292 
SER C    C  N N 293 
SER O    O  N N 294 
SER CB   C  N N 295 
SER OG   O  N N 296 
SER OXT  O  N N 297 
SER H    H  N N 298 
SER H2   H  N N 299 
SER HA   H  N N 300 
SER HB2  H  N N 301 
SER HB3  H  N N 302 
SER HG   H  N N 303 
SER HXT  H  N N 304 
THR N    N  N N 305 
THR CA   C  N S 306 
THR C    C  N N 307 
THR O    O  N N 308 
THR CB   C  N R 309 
THR OG1  O  N N 310 
THR CG2  C  N N 311 
THR OXT  O  N N 312 
THR H    H  N N 313 
THR H2   H  N N 314 
THR HA   H  N N 315 
THR HB   H  N N 316 
THR HG1  H  N N 317 
THR HG21 H  N N 318 
THR HG22 H  N N 319 
THR HG23 H  N N 320 
THR HXT  H  N N 321 
TRP N    N  N N 322 
TRP CA   C  N S 323 
TRP C    C  N N 324 
TRP O    O  N N 325 
TRP CB   C  N N 326 
TRP CG   C  Y N 327 
TRP CD1  C  Y N 328 
TRP CD2  C  Y N 329 
TRP NE1  N  Y N 330 
TRP CE2  C  Y N 331 
TRP CE3  C  Y N 332 
TRP CZ2  C  Y N 333 
TRP CZ3  C  Y N 334 
TRP CH2  C  Y N 335 
TRP OXT  O  N N 336 
TRP H    H  N N 337 
TRP H2   H  N N 338 
TRP HA   H  N N 339 
TRP HB2  H  N N 340 
TRP HB3  H  N N 341 
TRP HD1  H  N N 342 
TRP HE1  H  N N 343 
TRP HE3  H  N N 344 
TRP HZ2  H  N N 345 
TRP HZ3  H  N N 346 
TRP HH2  H  N N 347 
TRP HXT  H  N N 348 
TYR N    N  N N 349 
TYR CA   C  N S 350 
TYR C    C  N N 351 
TYR O    O  N N 352 
TYR CB   C  N N 353 
TYR CG   C  Y N 354 
TYR CD1  C  Y N 355 
TYR CD2  C  Y N 356 
TYR CE1  C  Y N 357 
TYR CE2  C  Y N 358 
TYR CZ   C  Y N 359 
TYR OH   O  N N 360 
TYR OXT  O  N N 361 
TYR H    H  N N 362 
TYR H2   H  N N 363 
TYR HA   H  N N 364 
TYR HB2  H  N N 365 
TYR HB3  H  N N 366 
TYR HD1  H  N N 367 
TYR HD2  H  N N 368 
TYR HE1  H  N N 369 
TYR HE2  H  N N 370 
TYR HH   H  N N 371 
TYR HXT  H  N N 372 
VAL N    N  N N 373 
VAL CA   C  N S 374 
VAL C    C  N N 375 
VAL O    O  N N 376 
VAL CB   C  N N 377 
VAL CG1  C  N N 378 
VAL CG2  C  N N 379 
VAL OXT  O  N N 380 
VAL H    H  N N 381 
VAL H2   H  N N 382 
VAL HA   H  N N 383 
VAL HB   H  N N 384 
VAL HG11 H  N N 385 
VAL HG12 H  N N 386 
VAL HG13 H  N N 387 
VAL HG21 H  N N 388 
VAL HG22 H  N N 389 
VAL HG23 H  N N 390 
VAL HXT  H  N N 391 
# 
loop_
_chem_comp_bond.comp_id 
_chem_comp_bond.atom_id_1 
_chem_comp_bond.atom_id_2 
_chem_comp_bond.value_order 
_chem_comp_bond.pdbx_aromatic_flag 
_chem_comp_bond.pdbx_stereo_config 
_chem_comp_bond.pdbx_ordinal 
ALA N   CA   sing N N 1   
ALA N   H    sing N N 2   
ALA N   H2   sing N N 3   
ALA CA  C    sing N N 4   
ALA CA  CB   sing N N 5   
ALA CA  HA   sing N N 6   
ALA C   O    doub N N 7   
ALA C   OXT  sing N N 8   
ALA CB  HB1  sing N N 9   
ALA CB  HB2  sing N N 10  
ALA CB  HB3  sing N N 11  
ALA OXT HXT  sing N N 12  
ARG N   CA   sing N N 13  
ARG N   H    sing N N 14  
ARG N   H2   sing N N 15  
ARG CA  C    sing N N 16  
ARG CA  CB   sing N N 17  
ARG CA  HA   sing N N 18  
ARG C   O    doub N N 19  
ARG C   OXT  sing N N 20  
ARG CB  CG   sing N N 21  
ARG CB  HB2  sing N N 22  
ARG CB  HB3  sing N N 23  
ARG CG  CD   sing N N 24  
ARG CG  HG2  sing N N 25  
ARG CG  HG3  sing N N 26  
ARG CD  NE   sing N N 27  
ARG CD  HD2  sing N N 28  
ARG CD  HD3  sing N N 29  
ARG NE  CZ   sing N N 30  
ARG NE  HE   sing N N 31  
ARG CZ  NH1  sing N N 32  
ARG CZ  NH2  doub N N 33  
ARG NH1 HH11 sing N N 34  
ARG NH1 HH12 sing N N 35  
ARG NH2 HH21 sing N N 36  
ARG NH2 HH22 sing N N 37  
ARG OXT HXT  sing N N 38  
ASN N   CA   sing N N 39  
ASN N   H    sing N N 40  
ASN N   H2   sing N N 41  
ASN CA  C    sing N N 42  
ASN CA  CB   sing N N 43  
ASN CA  HA   sing N N 44  
ASN C   O    doub N N 45  
ASN C   OXT  sing N N 46  
ASN CB  CG   sing N N 47  
ASN CB  HB2  sing N N 48  
ASN CB  HB3  sing N N 49  
ASN CG  OD1  doub N N 50  
ASN CG  ND2  sing N N 51  
ASN ND2 HD21 sing N N 52  
ASN ND2 HD22 sing N N 53  
ASN OXT HXT  sing N N 54  
ASP N   CA   sing N N 55  
ASP N   H    sing N N 56  
ASP N   H2   sing N N 57  
ASP CA  C    sing N N 58  
ASP CA  CB   sing N N 59  
ASP CA  HA   sing N N 60  
ASP C   O    doub N N 61  
ASP C   OXT  sing N N 62  
ASP CB  CG   sing N N 63  
ASP CB  HB2  sing N N 64  
ASP CB  HB3  sing N N 65  
ASP CG  OD1  doub N N 66  
ASP CG  OD2  sing N N 67  
ASP OD2 HD2  sing N N 68  
ASP OXT HXT  sing N N 69  
CYS N   CA   sing N N 70  
CYS N   H    sing N N 71  
CYS N   H2   sing N N 72  
CYS CA  C    sing N N 73  
CYS CA  CB   sing N N 74  
CYS CA  HA   sing N N 75  
CYS C   O    doub N N 76  
CYS C   OXT  sing N N 77  
CYS CB  SG   sing N N 78  
CYS CB  HB2  sing N N 79  
CYS CB  HB3  sing N N 80  
CYS SG  HG   sing N N 81  
CYS OXT HXT  sing N N 82  
GLN N   CA   sing N N 83  
GLN N   H    sing N N 84  
GLN N   H2   sing N N 85  
GLN CA  C    sing N N 86  
GLN CA  CB   sing N N 87  
GLN CA  HA   sing N N 88  
GLN C   O    doub N N 89  
GLN C   OXT  sing N N 90  
GLN CB  CG   sing N N 91  
GLN CB  HB2  sing N N 92  
GLN CB  HB3  sing N N 93  
GLN CG  CD   sing N N 94  
GLN CG  HG2  sing N N 95  
GLN CG  HG3  sing N N 96  
GLN CD  OE1  doub N N 97  
GLN CD  NE2  sing N N 98  
GLN NE2 HE21 sing N N 99  
GLN NE2 HE22 sing N N 100 
GLN OXT HXT  sing N N 101 
GLU N   CA   sing N N 102 
GLU N   H    sing N N 103 
GLU N   H2   sing N N 104 
GLU CA  C    sing N N 105 
GLU CA  CB   sing N N 106 
GLU CA  HA   sing N N 107 
GLU C   O    doub N N 108 
GLU C   OXT  sing N N 109 
GLU CB  CG   sing N N 110 
GLU CB  HB2  sing N N 111 
GLU CB  HB3  sing N N 112 
GLU CG  CD   sing N N 113 
GLU CG  HG2  sing N N 114 
GLU CG  HG3  sing N N 115 
GLU CD  OE1  doub N N 116 
GLU CD  OE2  sing N N 117 
GLU OE2 HE2  sing N N 118 
GLU OXT HXT  sing N N 119 
GLY N   CA   sing N N 120 
GLY N   H    sing N N 121 
GLY N   H2   sing N N 122 
GLY CA  C    sing N N 123 
GLY CA  HA2  sing N N 124 
GLY CA  HA3  sing N N 125 
GLY C   O    doub N N 126 
GLY C   OXT  sing N N 127 
GLY OXT HXT  sing N N 128 
HIS N   CA   sing N N 129 
HIS N   H    sing N N 130 
HIS N   H2   sing N N 131 
HIS CA  C    sing N N 132 
HIS CA  CB   sing N N 133 
HIS CA  HA   sing N N 134 
HIS C   O    doub N N 135 
HIS C   OXT  sing N N 136 
HIS CB  CG   sing N N 137 
HIS CB  HB2  sing N N 138 
HIS CB  HB3  sing N N 139 
HIS CG  ND1  sing Y N 140 
HIS CG  CD2  doub Y N 141 
HIS ND1 CE1  doub Y N 142 
HIS ND1 HD1  sing N N 143 
HIS CD2 NE2  sing Y N 144 
HIS CD2 HD2  sing N N 145 
HIS CE1 NE2  sing Y N 146 
HIS CE1 HE1  sing N N 147 
HIS NE2 HE2  sing N N 148 
HIS OXT HXT  sing N N 149 
HOH O   H1   sing N N 150 
HOH O   H2   sing N N 151 
ILE N   CA   sing N N 152 
ILE N   H    sing N N 153 
ILE N   H2   sing N N 154 
ILE CA  C    sing N N 155 
ILE CA  CB   sing N N 156 
ILE CA  HA   sing N N 157 
ILE C   O    doub N N 158 
ILE C   OXT  sing N N 159 
ILE CB  CG1  sing N N 160 
ILE CB  CG2  sing N N 161 
ILE CB  HB   sing N N 162 
ILE CG1 CD1  sing N N 163 
ILE CG1 HG12 sing N N 164 
ILE CG1 HG13 sing N N 165 
ILE CG2 HG21 sing N N 166 
ILE CG2 HG22 sing N N 167 
ILE CG2 HG23 sing N N 168 
ILE CD1 HD11 sing N N 169 
ILE CD1 HD12 sing N N 170 
ILE CD1 HD13 sing N N 171 
ILE OXT HXT  sing N N 172 
LEU N   CA   sing N N 173 
LEU N   H    sing N N 174 
LEU N   H2   sing N N 175 
LEU CA  C    sing N N 176 
LEU CA  CB   sing N N 177 
LEU CA  HA   sing N N 178 
LEU C   O    doub N N 179 
LEU C   OXT  sing N N 180 
LEU CB  CG   sing N N 181 
LEU CB  HB2  sing N N 182 
LEU CB  HB3  sing N N 183 
LEU CG  CD1  sing N N 184 
LEU CG  CD2  sing N N 185 
LEU CG  HG   sing N N 186 
LEU CD1 HD11 sing N N 187 
LEU CD1 HD12 sing N N 188 
LEU CD1 HD13 sing N N 189 
LEU CD2 HD21 sing N N 190 
LEU CD2 HD22 sing N N 191 
LEU CD2 HD23 sing N N 192 
LEU OXT HXT  sing N N 193 
LYS N   CA   sing N N 194 
LYS N   H    sing N N 195 
LYS N   H2   sing N N 196 
LYS CA  C    sing N N 197 
LYS CA  CB   sing N N 198 
LYS CA  HA   sing N N 199 
LYS C   O    doub N N 200 
LYS C   OXT  sing N N 201 
LYS CB  CG   sing N N 202 
LYS CB  HB2  sing N N 203 
LYS CB  HB3  sing N N 204 
LYS CG  CD   sing N N 205 
LYS CG  HG2  sing N N 206 
LYS CG  HG3  sing N N 207 
LYS CD  CE   sing N N 208 
LYS CD  HD2  sing N N 209 
LYS CD  HD3  sing N N 210 
LYS CE  NZ   sing N N 211 
LYS CE  HE2  sing N N 212 
LYS CE  HE3  sing N N 213 
LYS NZ  HZ1  sing N N 214 
LYS NZ  HZ2  sing N N 215 
LYS NZ  HZ3  sing N N 216 
LYS OXT HXT  sing N N 217 
MET N   CA   sing N N 218 
MET N   H    sing N N 219 
MET N   H2   sing N N 220 
MET CA  C    sing N N 221 
MET CA  CB   sing N N 222 
MET CA  HA   sing N N 223 
MET C   O    doub N N 224 
MET C   OXT  sing N N 225 
MET CB  CG   sing N N 226 
MET CB  HB2  sing N N 227 
MET CB  HB3  sing N N 228 
MET CG  SD   sing N N 229 
MET CG  HG2  sing N N 230 
MET CG  HG3  sing N N 231 
MET SD  CE   sing N N 232 
MET CE  HE1  sing N N 233 
MET CE  HE2  sing N N 234 
MET CE  HE3  sing N N 235 
MET OXT HXT  sing N N 236 
PHE N   CA   sing N N 237 
PHE N   H    sing N N 238 
PHE N   H2   sing N N 239 
PHE CA  C    sing N N 240 
PHE CA  CB   sing N N 241 
PHE CA  HA   sing N N 242 
PHE C   O    doub N N 243 
PHE C   OXT  sing N N 244 
PHE CB  CG   sing N N 245 
PHE CB  HB2  sing N N 246 
PHE CB  HB3  sing N N 247 
PHE CG  CD1  doub Y N 248 
PHE CG  CD2  sing Y N 249 
PHE CD1 CE1  sing Y N 250 
PHE CD1 HD1  sing N N 251 
PHE CD2 CE2  doub Y N 252 
PHE CD2 HD2  sing N N 253 
PHE CE1 CZ   doub Y N 254 
PHE CE1 HE1  sing N N 255 
PHE CE2 CZ   sing Y N 256 
PHE CE2 HE2  sing N N 257 
PHE CZ  HZ   sing N N 258 
PHE OXT HXT  sing N N 259 
PRO N   CA   sing N N 260 
PRO N   CD   sing N N 261 
PRO N   H    sing N N 262 
PRO CA  C    sing N N 263 
PRO CA  CB   sing N N 264 
PRO CA  HA   sing N N 265 
PRO C   O    doub N N 266 
PRO C   OXT  sing N N 267 
PRO CB  CG   sing N N 268 
PRO CB  HB2  sing N N 269 
PRO CB  HB3  sing N N 270 
PRO CG  CD   sing N N 271 
PRO CG  HG2  sing N N 272 
PRO CG  HG3  sing N N 273 
PRO CD  HD2  sing N N 274 
PRO CD  HD3  sing N N 275 
PRO OXT HXT  sing N N 276 
SER N   CA   sing N N 277 
SER N   H    sing N N 278 
SER N   H2   sing N N 279 
SER CA  C    sing N N 280 
SER CA  CB   sing N N 281 
SER CA  HA   sing N N 282 
SER C   O    doub N N 283 
SER C   OXT  sing N N 284 
SER CB  OG   sing N N 285 
SER CB  HB2  sing N N 286 
SER CB  HB3  sing N N 287 
SER OG  HG   sing N N 288 
SER OXT HXT  sing N N 289 
THR N   CA   sing N N 290 
THR N   H    sing N N 291 
THR N   H2   sing N N 292 
THR CA  C    sing N N 293 
THR CA  CB   sing N N 294 
THR CA  HA   sing N N 295 
THR C   O    doub N N 296 
THR C   OXT  sing N N 297 
THR CB  OG1  sing N N 298 
THR CB  CG2  sing N N 299 
THR CB  HB   sing N N 300 
THR OG1 HG1  sing N N 301 
THR CG2 HG21 sing N N 302 
THR CG2 HG22 sing N N 303 
THR CG2 HG23 sing N N 304 
THR OXT HXT  sing N N 305 
TRP N   CA   sing N N 306 
TRP N   H    sing N N 307 
TRP N   H2   sing N N 308 
TRP CA  C    sing N N 309 
TRP CA  CB   sing N N 310 
TRP CA  HA   sing N N 311 
TRP C   O    doub N N 312 
TRP C   OXT  sing N N 313 
TRP CB  CG   sing N N 314 
TRP CB  HB2  sing N N 315 
TRP CB  HB3  sing N N 316 
TRP CG  CD1  doub Y N 317 
TRP CG  CD2  sing Y N 318 
TRP CD1 NE1  sing Y N 319 
TRP CD1 HD1  sing N N 320 
TRP CD2 CE2  doub Y N 321 
TRP CD2 CE3  sing Y N 322 
TRP NE1 CE2  sing Y N 323 
TRP NE1 HE1  sing N N 324 
TRP CE2 CZ2  sing Y N 325 
TRP CE3 CZ3  doub Y N 326 
TRP CE3 HE3  sing N N 327 
TRP CZ2 CH2  doub Y N 328 
TRP CZ2 HZ2  sing N N 329 
TRP CZ3 CH2  sing Y N 330 
TRP CZ3 HZ3  sing N N 331 
TRP CH2 HH2  sing N N 332 
TRP OXT HXT  sing N N 333 
TYR N   CA   sing N N 334 
TYR N   H    sing N N 335 
TYR N   H2   sing N N 336 
TYR CA  C    sing N N 337 
TYR CA  CB   sing N N 338 
TYR CA  HA   sing N N 339 
TYR C   O    doub N N 340 
TYR C   OXT  sing N N 341 
TYR CB  CG   sing N N 342 
TYR CB  HB2  sing N N 343 
TYR CB  HB3  sing N N 344 
TYR CG  CD1  doub Y N 345 
TYR CG  CD2  sing Y N 346 
TYR CD1 CE1  sing Y N 347 
TYR CD1 HD1  sing N N 348 
TYR CD2 CE2  doub Y N 349 
TYR CD2 HD2  sing N N 350 
TYR CE1 CZ   doub Y N 351 
TYR CE1 HE1  sing N N 352 
TYR CE2 CZ   sing Y N 353 
TYR CE2 HE2  sing N N 354 
TYR CZ  OH   sing N N 355 
TYR OH  HH   sing N N 356 
TYR OXT HXT  sing N N 357 
VAL N   CA   sing N N 358 
VAL N   H    sing N N 359 
VAL N   H2   sing N N 360 
VAL CA  C    sing N N 361 
VAL CA  CB   sing N N 362 
VAL CA  HA   sing N N 363 
VAL C   O    doub N N 364 
VAL C   OXT  sing N N 365 
VAL CB  CG1  sing N N 366 
VAL CB  CG2  sing N N 367 
VAL CB  HB   sing N N 368 
VAL CG1 HG11 sing N N 369 
VAL CG1 HG12 sing N N 370 
VAL CG1 HG13 sing N N 371 
VAL CG2 HG21 sing N N 372 
VAL CG2 HG22 sing N N 373 
VAL CG2 HG23 sing N N 374 
VAL OXT HXT  sing N N 375 
# 
_pdbx_audit_support.funding_organization   'National Natural Science Foundation of China (NSFC)' 
_pdbx_audit_support.country                China 
_pdbx_audit_support.grant_number           31730069 
_pdbx_audit_support.ordinal                1 
# 
_pdbx_entity_instance_feature.ordinal        1 
_pdbx_entity_instance_feature.comp_id        MG 
_pdbx_entity_instance_feature.asym_id        ? 
_pdbx_entity_instance_feature.seq_num        ? 
_pdbx_entity_instance_feature.auth_comp_id   MG 
_pdbx_entity_instance_feature.auth_asym_id   ? 
_pdbx_entity_instance_feature.auth_seq_num   ? 
_pdbx_entity_instance_feature.feature_type   'SUBJECT OF INVESTIGATION' 
_pdbx_entity_instance_feature.details        ? 
# 
loop_
_pdbx_entity_nonpoly.entity_id 
_pdbx_entity_nonpoly.name 
_pdbx_entity_nonpoly.comp_id 
2 'MAGNESIUM ION' MG  
3 water           HOH 
# 
_pdbx_initial_refinement_model.id               1 
_pdbx_initial_refinement_model.entity_id_list   ? 
_pdbx_initial_refinement_model.type             'experimental model' 
_pdbx_initial_refinement_model.source_name      PDB 
_pdbx_initial_refinement_model.accession_code   1FHA 
_pdbx_initial_refinement_model.details          ? 
# 
_pdbx_struct_assembly_auth_evidence.id                     1 
_pdbx_struct_assembly_auth_evidence.assembly_id            1 
_pdbx_struct_assembly_auth_evidence.experimental_support   'native gel electrophoresis' 
_pdbx_struct_assembly_auth_evidence.details                ? 
# 
